data_2A1S
#
_entry.id   2A1S
#
_cell.length_a   205.540
_cell.length_b   123.016
_cell.length_c   82.844
_cell.angle_alpha   90.00
_cell.angle_beta   112.59
_cell.angle_gamma   90.00
#
_symmetry.space_group_name_H-M   'C 1 2 1'
#
loop_
_entity.id
_entity.type
_entity.pdbx_description
1 polymer 'Poly(A)-specific ribonuclease PARN'
2 water water
#
_entity_poly.entity_id   1
_entity_poly.type   'polypeptide(L)'
_entity_poly.pdbx_seq_one_letter_code
;MEIIRSNFKSNLHKVYQAIEEADFFAIDGEFSGISDGPSVSALTNGFDTPEERYQKLKKHSMDFLLFQFGLCTFKYDYTD
SKYITKSFNFYVFPKPFNRSSPDVKFVCQSSSIDFLASQGFDFNKVFRNGIPYLNQEEERQLREQYDEKRSQANGAGALS
YVSPNTSKCPVTIPEDQKKFIDQVVEKIEDLLQSEENKNLDLEPCTGFQRKLIYQTLSWKYPKGIHVETLETEKKERYIV
ISKVDEEERKRREQQKHAKEQEELNDAVGFSRVIHAIANSGKLVIGHNMLLDVMHTVHQFYCPLPADLSEFKEMTTCVFP
RLLDTKLMASTQPFKDIINNTSLAELEKRLKETPFNPPKVESAEGFPSYDTASEQLHEAGYDAYITGLCFISMANYLGSF
LSPPKIHVSARSKLIEPFFNKLFLMRVMDI
;
_entity_poly.pdbx_strand_id   A,B,C,D
#
# COMPACT_ATOMS: atom_id res chain seq x y z
N MET A 1 0.65 15.88 -6.17
CA MET A 1 0.91 17.33 -6.00
C MET A 1 1.58 17.86 -7.26
N GLU A 2 2.05 19.10 -7.22
CA GLU A 2 2.74 19.71 -8.34
C GLU A 2 4.21 19.59 -8.05
N ILE A 3 4.91 18.89 -8.91
CA ILE A 3 6.29 18.55 -8.65
C ILE A 3 7.19 19.07 -9.75
N ILE A 4 8.12 19.91 -9.32
CA ILE A 4 9.10 20.53 -10.19
C ILE A 4 10.50 20.38 -9.59
N ARG A 5 11.50 20.73 -10.37
CA ARG A 5 12.91 20.55 -10.03
C ARG A 5 13.27 20.90 -8.58
N SER A 6 12.76 22.01 -8.10
CA SER A 6 13.10 22.52 -6.79
C SER A 6 12.07 22.05 -5.77
N ASN A 7 11.89 20.74 -5.67
CA ASN A 7 10.67 20.16 -5.09
C ASN A 7 10.64 18.64 -5.27
N PHE A 8 11.44 18.17 -6.24
CA PHE A 8 11.50 16.79 -6.65
C PHE A 8 12.11 15.89 -5.59
N LYS A 9 13.37 16.19 -5.20
CA LYS A 9 14.11 15.34 -4.26
C LYS A 9 13.35 15.13 -2.99
N SER A 10 12.81 16.22 -2.46
CA SER A 10 12.11 16.17 -1.19
C SER A 10 10.86 15.30 -1.25
N ASN A 11 10.25 15.21 -2.42
CA ASN A 11 9.00 14.44 -2.59
C ASN A 11 9.20 13.06 -3.17
N LEU A 12 10.43 12.77 -3.59
CA LEU A 12 10.77 11.48 -4.18
C LEU A 12 10.37 10.29 -3.28
N HIS A 13 10.50 10.47 -1.96
CA HIS A 13 10.09 9.43 -1.00
C HIS A 13 8.59 9.14 -1.12
N LYS A 14 7.76 10.17 -1.22
CA LYS A 14 6.30 10.00 -1.43
C LYS A 14 5.97 9.29 -2.74
N VAL A 15 6.72 9.62 -3.80
CA VAL A 15 6.47 9.04 -5.11
C VAL A 15 6.85 7.57 -5.12
N TYR A 16 8.09 7.26 -4.72
CA TYR A 16 8.53 5.87 -4.60
C TYR A 16 7.58 5.09 -3.71
N GLN A 17 7.04 5.73 -2.68
CA GLN A 17 6.16 5.06 -1.70
C GLN A 17 4.79 4.77 -2.25
N ALA A 18 4.26 5.69 -3.06
CA ALA A 18 2.93 5.51 -3.66
C ALA A 18 3.02 4.39 -4.66
N ILE A 19 4.19 4.29 -5.30
CA ILE A 19 4.49 3.30 -6.33
C ILE A 19 4.54 1.91 -5.74
N GLU A 20 5.11 1.77 -4.54
CA GLU A 20 5.28 0.47 -3.89
C GLU A 20 3.96 -0.07 -3.31
N GLU A 21 3.13 0.82 -2.74
CA GLU A 21 1.85 0.44 -2.12
C GLU A 21 0.72 0.21 -3.14
N ALA A 22 0.88 0.73 -4.35
CA ALA A 22 -0.17 0.70 -5.36
C ALA A 22 -0.55 -0.71 -5.83
N ASP A 23 -1.81 -0.87 -6.24
CA ASP A 23 -2.25 -2.05 -6.98
C ASP A 23 -1.99 -1.83 -8.47
N PHE A 24 -2.07 -0.57 -8.93
CA PHE A 24 -1.74 -0.21 -10.31
C PHE A 24 -1.56 1.32 -10.50
N PHE A 25 -0.94 1.73 -11.61
CA PHE A 25 -0.79 3.14 -11.94
C PHE A 25 -1.53 3.52 -13.20
N ALA A 26 -1.80 4.82 -13.29
CA ALA A 26 -2.34 5.43 -14.47
C ALA A 26 -1.43 6.59 -14.82
N ILE A 27 -1.02 6.65 -16.07
CA ILE A 27 -0.09 7.66 -16.53
C ILE A 27 -0.73 8.39 -17.69
N ASP A 28 -0.31 9.65 -17.86
CA ASP A 28 -0.64 10.46 -19.00
C ASP A 28 0.46 11.50 -19.30
N GLY A 29 0.79 11.67 -20.57
CA GLY A 29 1.77 12.68 -20.96
C GLY A 29 1.10 13.95 -21.46
N GLU A 30 1.86 15.02 -21.58
CA GLU A 30 1.44 16.20 -22.32
C GLU A 30 2.63 16.70 -23.12
N PHE A 31 2.45 16.79 -24.43
CA PHE A 31 3.54 17.06 -25.35
C PHE A 31 3.56 18.51 -25.81
N SER A 32 4.70 18.95 -26.33
CA SER A 32 4.83 20.27 -26.94
C SER A 32 4.26 20.24 -28.35
N GLY A 33 3.71 19.10 -28.72
CA GLY A 33 3.13 18.94 -30.05
C GLY A 33 2.81 17.50 -30.33
N ILE A 34 2.02 17.24 -31.37
CA ILE A 34 1.76 15.87 -31.75
C ILE A 34 2.46 15.39 -33.04
N SER A 35 2.85 16.31 -33.92
CA SER A 35 3.33 15.93 -35.26
C SER A 35 3.67 17.14 -36.12
N ASP A 36 4.76 17.04 -36.90
CA ASP A 36 5.12 18.10 -37.83
C ASP A 36 4.61 17.75 -39.21
N GLY A 46 -1.89 5.79 -44.50
CA GLY A 46 -3.27 5.29 -44.51
C GLY A 46 -3.38 3.75 -44.59
N PHE A 47 -2.68 3.17 -45.56
CA PHE A 47 -2.50 1.72 -45.63
C PHE A 47 -1.12 1.35 -45.06
N ASP A 48 -0.56 2.18 -44.19
CA ASP A 48 0.78 1.89 -43.66
C ASP A 48 0.75 0.60 -42.83
N THR A 49 1.85 -0.14 -42.85
CA THR A 49 2.04 -1.26 -41.93
C THR A 49 2.47 -0.71 -40.58
N PRO A 50 2.27 -1.47 -39.52
CA PRO A 50 2.79 -1.08 -38.22
C PRO A 50 4.24 -0.57 -38.25
N GLU A 51 5.09 -1.18 -39.07
CA GLU A 51 6.52 -0.81 -39.14
C GLU A 51 6.66 0.49 -39.90
N GLU A 52 6.05 0.54 -41.08
CA GLU A 52 5.99 1.77 -41.85
C GLU A 52 5.51 2.93 -40.99
N ARG A 53 4.49 2.71 -40.15
CA ARG A 53 3.96 3.78 -39.31
C ARG A 53 4.91 4.11 -38.20
N TYR A 54 5.39 3.07 -37.53
CA TYR A 54 6.35 3.23 -36.45
C TYR A 54 7.46 4.16 -36.91
N GLN A 55 8.04 3.85 -38.07
CA GLN A 55 9.07 4.66 -38.72
C GLN A 55 8.65 6.11 -38.88
N LYS A 56 7.44 6.31 -39.40
CA LYS A 56 6.90 7.65 -39.61
C LYS A 56 6.64 8.41 -38.32
N LEU A 57 6.09 7.72 -37.32
CA LEU A 57 5.93 8.26 -35.98
C LEU A 57 7.25 8.69 -35.35
N LYS A 58 8.27 7.87 -35.56
CA LYS A 58 9.58 8.07 -34.95
C LYS A 58 10.23 9.32 -35.47
N LYS A 59 10.02 9.62 -36.75
CA LYS A 59 10.69 10.74 -37.37
C LYS A 59 9.92 12.03 -37.10
N HIS A 60 8.60 11.96 -37.11
CA HIS A 60 7.76 13.12 -37.17
C HIS A 60 7.13 13.50 -35.82
N SER A 61 7.35 12.68 -34.79
CA SER A 61 6.72 12.93 -33.48
C SER A 61 7.68 12.96 -32.31
N MET A 62 8.77 12.19 -32.34
CA MET A 62 9.65 12.12 -31.17
C MET A 62 10.57 13.33 -31.01
N ASP A 63 10.54 14.23 -31.97
CA ASP A 63 11.25 15.50 -31.82
C ASP A 63 10.43 16.54 -31.04
N PHE A 64 9.20 16.17 -30.68
CA PHE A 64 8.43 16.91 -29.70
C PHE A 64 8.78 16.42 -28.29
N LEU A 65 8.61 17.30 -27.32
CA LEU A 65 8.88 17.00 -25.93
C LEU A 65 7.64 16.50 -25.21
N LEU A 66 7.80 15.48 -24.37
CA LEU A 66 6.82 15.21 -23.32
C LEU A 66 7.27 16.03 -22.13
N PHE A 67 6.55 17.10 -21.81
CA PHE A 67 6.98 17.98 -20.73
C PHE A 67 6.13 17.98 -19.47
N GLN A 68 5.06 17.19 -19.44
CA GLN A 68 4.34 16.95 -18.20
C GLN A 68 3.94 15.47 -18.12
N PHE A 69 4.37 14.81 -17.05
CA PHE A 69 4.02 13.42 -16.82
C PHE A 69 3.06 13.30 -15.64
N GLY A 70 1.93 12.68 -15.89
CA GLY A 70 0.87 12.55 -14.91
C GLY A 70 0.84 11.15 -14.38
N LEU A 71 1.00 11.00 -13.07
CA LEU A 71 0.93 9.69 -12.44
C LEU A 71 -0.13 9.68 -11.37
N CYS A 72 -0.97 8.67 -11.41
CA CYS A 72 -1.99 8.45 -10.39
C CYS A 72 -1.98 6.98 -9.90
N THR A 73 -1.66 6.80 -8.63
CA THR A 73 -1.64 5.48 -8.01
C THR A 73 -2.98 5.16 -7.38
N PHE A 74 -3.41 3.92 -7.51
CA PHE A 74 -4.65 3.43 -6.95
C PHE A 74 -4.34 2.26 -6.03
N LYS A 75 -4.83 2.33 -4.82
CA LYS A 75 -4.62 1.30 -3.82
C LYS A 75 -5.95 1.03 -3.16
N TYR A 76 -6.44 -0.22 -3.32
CA TYR A 76 -7.75 -0.63 -2.84
C TYR A 76 -7.74 -0.91 -1.35
N ASP A 77 -8.80 -0.47 -0.70
CA ASP A 77 -8.99 -0.68 0.72
C ASP A 77 -10.10 -1.71 0.84
N TYR A 78 -9.72 -2.96 1.11
CA TYR A 78 -10.71 -4.05 1.27
C TYR A 78 -11.65 -3.79 2.47
N THR A 79 -11.12 -3.13 3.49
CA THR A 79 -11.86 -2.80 4.71
C THR A 79 -12.96 -1.78 4.42
N ASP A 80 -12.55 -0.56 4.09
CA ASP A 80 -13.48 0.52 3.80
C ASP A 80 -14.16 0.34 2.42
N SER A 81 -13.74 -0.68 1.66
CA SER A 81 -14.37 -1.00 0.36
C SER A 81 -14.20 0.15 -0.66
N LYS A 82 -13.05 0.83 -0.66
CA LYS A 82 -12.81 2.03 -1.49
C LYS A 82 -11.39 2.13 -2.06
N TYR A 83 -11.26 2.74 -3.23
CA TYR A 83 -9.95 3.03 -3.80
C TYR A 83 -9.40 4.32 -3.22
N ILE A 84 -8.09 4.34 -2.97
CA ILE A 84 -7.40 5.49 -2.38
C ILE A 84 -6.29 5.90 -3.35
N THR A 85 -6.15 7.20 -3.61
CA THR A 85 -5.32 7.62 -4.73
C THR A 85 -4.39 8.72 -4.34
N LYS A 86 -3.22 8.70 -4.96
CA LYS A 86 -2.28 9.79 -4.91
C LYS A 86 -2.00 10.16 -6.36
N SER A 87 -1.96 11.46 -6.68
CA SER A 87 -1.71 11.89 -8.06
C SER A 87 -0.70 13.03 -8.15
N PHE A 88 0.00 13.06 -9.28
CA PHE A 88 1.21 13.88 -9.42
C PHE A 88 1.27 14.47 -10.81
N ASN A 89 1.76 15.69 -10.92
CA ASN A 89 2.22 16.20 -12.20
C ASN A 89 3.71 16.42 -12.10
N PHE A 90 4.49 15.81 -12.95
CA PHE A 90 5.91 16.12 -12.98
C PHE A 90 6.13 16.97 -14.23
N TYR A 91 6.79 18.11 -14.07
CA TYR A 91 7.14 18.97 -15.20
C TYR A 91 8.58 18.71 -15.52
N VAL A 92 8.88 18.48 -16.79
CA VAL A 92 10.21 17.99 -17.19
C VAL A 92 10.83 18.66 -18.42
N PHE A 93 12.04 19.16 -18.23
CA PHE A 93 12.83 19.79 -19.27
C PHE A 93 14.28 19.26 -19.25
N PRO A 94 14.87 19.05 -20.43
CA PRO A 94 16.29 18.69 -20.52
C PRO A 94 17.18 19.92 -20.62
N LYS A 95 18.28 19.90 -19.86
CA LYS A 95 19.19 21.05 -19.81
C LYS A 95 20.56 20.78 -19.19
N PRO A 96 20.62 19.95 -18.14
CA PRO A 96 21.69 20.08 -17.13
C PRO A 96 23.15 19.79 -17.57
N PHE A 97 24.02 19.85 -16.57
CA PHE A 97 25.46 19.47 -16.59
C PHE A 97 26.37 20.01 -17.72
N ASN A 98 26.95 21.19 -17.44
CA ASN A 98 28.06 21.79 -18.21
C ASN A 98 28.07 21.66 -19.76
N ARG A 99 29.20 22.06 -20.36
CA ARG A 99 29.34 22.16 -21.82
C ARG A 99 29.40 20.81 -22.57
N SER A 100 29.90 19.74 -21.93
CA SER A 100 30.05 18.44 -22.61
C SER A 100 28.70 17.75 -22.90
N SER A 101 27.62 18.37 -22.44
CA SER A 101 26.28 17.80 -22.52
C SER A 101 25.51 18.16 -23.82
N PRO A 102 24.63 17.28 -24.29
CA PRO A 102 23.88 17.56 -25.52
C PRO A 102 22.86 18.68 -25.29
N ASP A 103 22.78 19.61 -26.24
CA ASP A 103 21.84 20.72 -26.20
C ASP A 103 20.62 20.34 -27.05
N VAL A 104 19.55 19.89 -26.40
CA VAL A 104 18.38 19.37 -27.10
C VAL A 104 17.64 20.46 -27.88
N LYS A 105 17.28 20.16 -29.12
CA LYS A 105 16.42 21.01 -29.93
C LYS A 105 15.15 20.25 -30.09
N PHE A 106 14.04 20.82 -29.67
CA PHE A 106 12.76 20.14 -29.81
C PHE A 106 11.81 21.04 -30.58
N VAL A 107 10.68 20.49 -30.96
CA VAL A 107 9.70 21.19 -31.79
C VAL A 107 8.48 21.49 -30.93
N CYS A 108 7.71 22.50 -31.34
CA CYS A 108 6.45 22.87 -30.70
C CYS A 108 5.40 23.02 -31.74
N GLN A 109 4.19 22.55 -31.45
CA GLN A 109 3.08 22.74 -32.33
C GLN A 109 2.20 23.84 -31.75
N SER A 110 1.96 24.89 -32.52
CA SER A 110 1.12 26.01 -32.08
C SER A 110 -0.25 25.58 -31.61
N SER A 111 -0.86 24.60 -32.26
CA SER A 111 -2.21 24.21 -31.89
C SER A 111 -2.22 23.51 -30.54
N SER A 112 -1.15 22.77 -30.25
CA SER A 112 -1.02 22.02 -29.00
C SER A 112 -0.69 22.95 -27.84
N ILE A 113 0.16 23.92 -28.12
CA ILE A 113 0.55 24.90 -27.14
C ILE A 113 -0.60 25.82 -26.76
N ASP A 114 -1.43 26.17 -27.73
CA ASP A 114 -2.54 27.06 -27.44
C ASP A 114 -3.58 26.33 -26.62
N PHE A 115 -3.88 25.10 -26.97
CA PHE A 115 -4.84 24.34 -26.20
C PHE A 115 -4.43 24.26 -24.71
N LEU A 116 -3.15 23.96 -24.45
CA LEU A 116 -2.63 23.84 -23.08
C LEU A 116 -2.69 25.16 -22.32
N ALA A 117 -2.49 26.25 -23.06
CA ALA A 117 -2.68 27.60 -22.55
C ALA A 117 -4.12 27.84 -22.09
N SER A 118 -5.08 27.32 -22.85
CA SER A 118 -6.49 27.52 -22.55
C SER A 118 -6.90 26.75 -21.28
N GLN A 119 -6.01 25.90 -20.78
CA GLN A 119 -6.27 25.10 -19.58
C GLN A 119 -5.41 25.46 -18.38
N GLY A 120 -4.69 26.57 -18.46
CA GLY A 120 -3.97 27.08 -17.32
C GLY A 120 -2.65 26.41 -17.09
N PHE A 121 -2.16 25.71 -18.11
CA PHE A 121 -0.86 25.07 -18.04
C PHE A 121 0.16 26.13 -17.74
N ASP A 122 1.03 25.89 -16.77
CA ASP A 122 2.07 26.83 -16.46
C ASP A 122 3.39 26.45 -17.16
N PHE A 123 3.66 27.12 -18.28
CA PHE A 123 4.85 26.87 -19.11
C PHE A 123 6.13 27.28 -18.41
N ASN A 124 5.99 28.06 -17.35
CA ASN A 124 7.14 28.39 -16.52
C ASN A 124 7.57 27.21 -15.65
N LYS A 125 6.64 26.31 -15.33
CA LYS A 125 7.00 25.09 -14.59
C LYS A 125 7.80 24.13 -15.48
N VAL A 126 7.53 24.13 -16.77
CA VAL A 126 8.37 23.40 -17.71
C VAL A 126 9.71 24.11 -17.99
N PHE A 127 9.65 25.34 -18.45
CA PHE A 127 10.84 26.02 -18.98
C PHE A 127 11.70 26.77 -17.98
N ARG A 128 11.18 27.03 -16.81
CA ARG A 128 11.88 27.85 -15.82
C ARG A 128 12.29 27.07 -14.58
N ASN A 129 11.73 25.86 -14.39
CA ASN A 129 11.99 25.06 -13.20
C ASN A 129 11.46 23.64 -13.43
N GLY A 130 11.86 23.03 -14.54
CA GLY A 130 11.45 21.69 -14.87
C GLY A 130 12.46 20.67 -14.44
N ILE A 131 11.99 19.48 -14.12
CA ILE A 131 12.88 18.42 -13.64
C ILE A 131 13.69 17.89 -14.82
N PRO A 132 15.01 17.94 -14.70
CA PRO A 132 15.92 17.36 -15.70
C PRO A 132 15.89 15.83 -15.77
N TYR A 133 16.60 15.26 -16.73
CA TYR A 133 16.54 13.82 -16.94
C TYR A 133 17.58 13.28 -17.91
N LEU A 134 17.91 12.02 -17.75
CA LEU A 134 18.89 11.37 -18.60
C LEU A 134 18.47 9.97 -18.92
N ASN A 135 18.55 9.61 -20.19
CA ASN A 135 18.30 8.25 -20.63
C ASN A 135 19.50 7.34 -20.25
N GLN A 136 19.27 6.02 -20.27
CA GLN A 136 20.30 5.00 -20.00
C GLN A 136 21.71 5.40 -20.46
N GLU A 137 21.89 5.60 -21.77
CA GLU A 137 23.20 5.87 -22.36
C GLU A 137 23.84 7.14 -21.82
N GLU A 138 23.10 8.25 -21.83
CA GLU A 138 23.59 9.51 -21.33
C GLU A 138 23.97 9.47 -19.86
N GLU A 139 23.34 8.59 -19.08
CA GLU A 139 23.67 8.43 -17.67
C GLU A 139 24.93 7.61 -17.58
N ARG A 140 24.90 6.41 -18.17
CA ARG A 140 26.07 5.53 -18.33
C ARG A 140 27.33 6.31 -18.72
N GLN A 141 27.14 7.33 -19.54
CA GLN A 141 28.22 8.14 -20.10
C GLN A 141 28.78 9.15 -19.11
N LEU A 142 27.89 9.96 -18.52
CA LEU A 142 28.28 10.95 -17.53
C LEU A 142 28.77 10.28 -16.23
N ARG A 143 28.81 8.96 -16.20
CA ARG A 143 29.35 8.22 -15.08
C ARG A 143 30.75 7.69 -15.43
N GLU A 144 31.51 8.50 -16.18
CA GLU A 144 32.84 8.11 -16.64
C GLU A 144 33.72 9.36 -16.80
N PRO A 170 61.96 24.73 -5.37
CA PRO A 170 63.09 25.58 -4.99
C PRO A 170 62.73 26.72 -4.01
N VAL A 171 63.74 27.36 -3.41
CA VAL A 171 63.53 28.49 -2.49
C VAL A 171 64.65 29.53 -2.62
N THR A 172 64.59 30.35 -3.67
CA THR A 172 65.47 31.52 -3.74
C THR A 172 64.58 32.76 -3.78
N ILE A 173 64.42 33.38 -2.63
CA ILE A 173 63.58 34.58 -2.48
C ILE A 173 64.41 35.85 -2.63
N PRO A 174 64.12 36.66 -3.65
CA PRO A 174 64.96 37.82 -3.93
C PRO A 174 64.91 38.84 -2.80
N GLU A 175 66.03 39.53 -2.63
CA GLU A 175 66.24 40.38 -1.45
C GLU A 175 65.11 41.38 -1.16
N ASP A 176 64.55 41.97 -2.21
CA ASP A 176 63.47 42.97 -2.08
C ASP A 176 62.11 42.45 -1.61
N GLN A 177 61.99 41.14 -1.45
CA GLN A 177 60.75 40.50 -0.99
C GLN A 177 60.98 39.71 0.30
N LYS A 178 62.24 39.63 0.75
CA LYS A 178 62.63 38.91 1.96
C LYS A 178 61.79 39.28 3.16
N LYS A 179 61.69 40.56 3.46
CA LYS A 179 60.92 41.01 4.62
C LYS A 179 59.41 40.83 4.45
N PHE A 180 58.93 40.76 3.21
CA PHE A 180 57.50 40.55 2.92
C PHE A 180 57.08 39.10 3.21
N ILE A 181 57.87 38.15 2.68
CA ILE A 181 57.58 36.74 2.87
C ILE A 181 57.82 36.35 4.32
N ASP A 182 58.80 36.96 4.98
CA ASP A 182 59.13 36.63 6.36
C ASP A 182 58.01 37.09 7.31
N GLN A 183 57.45 38.26 7.06
CA GLN A 183 56.28 38.74 7.81
C GLN A 183 55.06 37.88 7.52
N VAL A 184 55.05 37.20 6.37
CA VAL A 184 54.00 36.23 6.02
C VAL A 184 54.24 34.90 6.73
N VAL A 185 55.50 34.50 6.88
CA VAL A 185 55.81 33.24 7.55
C VAL A 185 55.46 33.38 9.04
N GLU A 186 55.56 34.61 9.56
CA GLU A 186 55.21 34.96 10.93
C GLU A 186 53.72 34.83 11.16
N LYS A 187 52.91 35.58 10.41
CA LYS A 187 51.45 35.58 10.58
C LYS A 187 50.86 34.17 10.64
N ILE A 188 51.45 33.25 9.89
CA ILE A 188 50.96 31.88 9.83
C ILE A 188 51.46 31.09 11.03
N GLU A 189 52.70 31.32 11.43
CA GLU A 189 53.25 30.71 12.66
C GLU A 189 52.51 31.13 13.95
N ASP A 190 52.11 32.41 14.02
CA ASP A 190 51.39 32.99 15.17
C ASP A 190 49.91 32.63 15.15
N LEU A 191 49.54 31.72 14.25
CA LEU A 191 48.20 31.16 14.18
C LEU A 191 48.24 29.62 14.29
N LEU A 192 49.36 29.00 13.89
CA LEU A 192 49.48 27.55 13.79
C LEU A 192 49.40 26.85 15.16
N GLN A 193 50.19 27.33 16.11
CA GLN A 193 50.23 26.77 17.47
C GLN A 193 49.29 27.52 18.43
N SER A 194 48.27 28.18 17.88
CA SER A 194 47.41 29.09 18.65
C SER A 194 45.91 28.80 18.46
N GLU A 195 45.15 28.87 19.55
CA GLU A 195 43.72 28.53 19.57
C GLU A 195 42.85 29.66 19.03
N GLU A 196 41.55 29.39 18.88
CA GLU A 196 40.62 30.24 18.13
C GLU A 196 41.02 30.15 16.65
N ASN A 197 40.86 28.94 16.12
CA ASN A 197 41.32 28.58 14.78
C ASN A 197 40.24 28.83 13.71
N LYS A 198 40.14 30.09 13.26
CA LYS A 198 39.14 30.45 12.26
C LYS A 198 39.76 30.67 10.87
N ASN A 199 40.48 31.79 10.67
CA ASN A 199 41.03 32.10 9.35
C ASN A 199 42.25 33.04 9.32
N LEU A 200 42.98 32.99 8.21
CA LEU A 200 44.10 33.90 7.96
C LEU A 200 43.96 34.50 6.58
N ASP A 201 43.69 35.80 6.54
CA ASP A 201 43.46 36.50 5.29
C ASP A 201 44.58 37.50 5.02
N LEU A 202 45.47 37.14 4.09
CA LEU A 202 46.57 38.01 3.70
C LEU A 202 46.03 39.14 2.85
N GLU A 203 46.40 40.36 3.19
CA GLU A 203 46.00 41.54 2.43
C GLU A 203 46.43 41.34 0.97
N PRO A 204 45.71 41.92 -0.01
CA PRO A 204 46.01 41.66 -1.42
C PRO A 204 47.49 41.82 -1.72
N CYS A 205 48.01 40.95 -2.57
CA CYS A 205 49.39 41.05 -2.96
C CYS A 205 49.55 40.88 -4.47
N THR A 206 50.75 41.13 -4.92
CA THR A 206 51.09 41.12 -6.33
C THR A 206 51.22 39.65 -6.78
N GLY A 207 50.84 39.36 -8.02
CA GLY A 207 50.94 38.01 -8.55
C GLY A 207 52.29 37.33 -8.36
N PHE A 208 53.36 38.11 -8.33
CA PHE A 208 54.70 37.57 -8.11
C PHE A 208 54.89 37.10 -6.66
N GLN A 209 54.32 37.86 -5.74
CA GLN A 209 54.40 37.56 -4.32
C GLN A 209 53.49 36.39 -4.05
N ARG A 210 52.23 36.52 -4.49
CA ARG A 210 51.26 35.43 -4.49
C ARG A 210 51.89 34.15 -4.96
N LYS A 211 52.72 34.21 -5.98
CA LYS A 211 53.48 33.06 -6.38
C LYS A 211 54.36 32.68 -5.17
N LEU A 212 55.31 33.54 -4.84
CA LEU A 212 56.29 33.32 -3.76
C LEU A 212 55.73 32.82 -2.42
N ILE A 213 54.52 33.23 -2.07
CA ILE A 213 53.94 32.78 -0.83
C ILE A 213 53.64 31.29 -0.99
N TYR A 214 52.84 30.94 -2.00
CA TYR A 214 52.56 29.54 -2.34
C TYR A 214 53.83 28.73 -2.44
N GLN A 215 54.80 29.26 -3.16
CA GLN A 215 56.02 28.57 -3.54
C GLN A 215 56.92 28.32 -2.32
N THR A 216 56.75 29.12 -1.27
CA THR A 216 57.50 28.98 -0.02
C THR A 216 56.84 28.01 0.96
N LEU A 217 55.51 28.12 1.13
CA LEU A 217 54.72 27.17 1.93
C LEU A 217 54.76 25.73 1.43
N SER A 218 55.31 25.52 0.22
CA SER A 218 55.64 24.18 -0.27
C SER A 218 56.71 23.52 0.61
N TRP A 219 57.75 24.27 0.95
CA TRP A 219 58.78 23.82 1.90
C TRP A 219 58.28 23.88 3.35
N LYS A 220 58.01 25.10 3.83
CA LYS A 220 57.81 25.35 5.26
C LYS A 220 56.73 24.48 5.86
N TYR A 221 55.49 24.63 5.39
CA TYR A 221 54.34 23.96 6.00
C TYR A 221 53.63 22.96 5.06
N PRO A 222 54.33 21.90 4.60
CA PRO A 222 53.80 21.01 3.56
C PRO A 222 52.51 20.28 3.96
N LYS A 223 52.32 20.08 5.26
CA LYS A 223 51.06 19.61 5.80
C LYS A 223 50.58 20.61 6.85
N GLY A 224 49.39 20.39 7.37
CA GLY A 224 48.79 21.26 8.37
C GLY A 224 47.96 22.41 7.84
N ILE A 225 48.34 22.95 6.68
CA ILE A 225 47.69 24.14 6.13
C ILE A 225 47.08 23.90 4.76
N HIS A 226 46.04 24.66 4.46
CA HIS A 226 45.41 24.66 3.15
C HIS A 226 45.54 26.04 2.50
N VAL A 227 46.44 26.15 1.52
CA VAL A 227 46.64 27.39 0.75
C VAL A 227 45.51 27.52 -0.26
N GLU A 228 44.95 28.71 -0.38
CA GLU A 228 43.85 28.94 -1.32
C GLU A 228 43.64 30.43 -1.68
N THR A 229 43.64 30.72 -2.98
CA THR A 229 43.41 32.08 -3.43
C THR A 229 41.93 32.26 -3.71
N LEU A 230 41.22 32.89 -2.77
CA LEU A 230 39.82 33.19 -2.97
C LEU A 230 39.72 34.56 -3.62
N GLU A 231 38.49 35.04 -3.77
CA GLU A 231 38.23 36.38 -4.26
C GLU A 231 37.21 37.05 -3.36
N THR A 232 37.40 38.33 -3.06
CA THR A 232 36.37 39.15 -2.41
C THR A 232 35.17 39.29 -3.38
N GLU A 233 34.02 39.73 -2.87
CA GLU A 233 32.87 40.03 -3.75
C GLU A 233 33.22 41.03 -4.87
N LYS A 234 34.35 41.74 -4.71
CA LYS A 234 34.88 42.65 -5.73
C LYS A 234 35.98 42.07 -6.64
N LYS A 235 35.99 40.73 -6.79
CA LYS A 235 36.89 39.99 -7.70
C LYS A 235 38.40 40.02 -7.39
N GLU A 236 38.80 40.75 -6.33
CA GLU A 236 40.22 40.97 -6.00
C GLU A 236 40.81 39.79 -5.23
N ARG A 237 42.02 39.38 -5.60
CA ARG A 237 42.57 38.12 -5.12
C ARG A 237 43.17 38.23 -3.70
N TYR A 238 42.69 37.35 -2.82
CA TYR A 238 43.13 37.22 -1.44
C TYR A 238 43.78 35.86 -1.32
N ILE A 239 44.74 35.72 -0.41
CA ILE A 239 45.23 34.40 -0.05
C ILE A 239 44.65 34.04 1.31
N VAL A 240 44.46 32.74 1.55
CA VAL A 240 43.88 32.26 2.80
C VAL A 240 44.55 30.94 3.20
N ILE A 241 44.91 30.82 4.48
CA ILE A 241 45.44 29.56 5.03
C ILE A 241 44.47 28.93 6.04
N SER A 242 43.83 29.79 6.83
CA SER A 242 42.66 29.48 7.66
C SER A 242 42.75 28.34 8.68
N LYS A 243 42.97 27.10 8.23
CA LYS A 243 42.79 25.95 9.09
C LYS A 243 43.73 24.75 8.81
N VAL A 244 43.19 23.54 8.91
CA VAL A 244 43.97 22.35 9.16
C VAL A 244 44.09 21.42 7.96
N ASP A 245 45.04 20.49 8.05
CA ASP A 245 45.21 19.39 7.11
C ASP A 245 45.10 18.04 7.85
N GLU A 246 44.81 17.00 7.08
CA GLU A 246 44.46 15.67 7.59
C GLU A 246 43.68 15.70 8.91
N GLU A 247 42.40 16.01 8.77
CA GLU A 247 41.42 16.14 9.86
C GLU A 247 40.12 16.49 9.16
N GLU A 248 40.18 17.55 8.37
CA GLU A 248 39.12 17.88 7.42
C GLU A 248 39.58 17.69 5.98
N ARG A 249 40.76 17.13 5.78
CA ARG A 249 41.25 16.77 4.44
C ARG A 249 40.42 15.62 3.86
N LYS A 250 39.71 14.89 4.72
CA LYS A 250 38.70 13.92 4.26
C LYS A 250 37.31 14.09 4.94
N ARG A 251 37.21 14.96 5.95
CA ARG A 251 35.90 15.37 6.49
C ARG A 251 35.16 16.32 5.52
N ARG A 252 35.91 16.90 4.56
CA ARG A 252 35.35 17.74 3.50
C ARG A 252 35.45 17.08 2.11
N GLU A 253 36.52 16.31 1.87
CA GLU A 253 36.62 15.49 0.66
C GLU A 253 35.48 14.44 0.61
N GLN A 254 34.91 14.10 1.76
CA GLN A 254 33.74 13.23 1.80
C GLN A 254 32.51 13.96 1.28
N GLN A 255 32.36 15.22 1.70
CA GLN A 255 31.23 16.05 1.27
C GLN A 255 31.39 16.52 -0.18
N LYS A 256 32.63 16.53 -0.67
CA LYS A 256 32.95 16.91 -2.04
C LYS A 256 32.49 15.80 -2.99
N HIS A 257 32.87 14.56 -2.68
CA HIS A 257 32.51 13.41 -3.50
C HIS A 257 31.03 12.99 -3.33
N ALA A 258 30.47 13.27 -2.15
CA ALA A 258 29.06 12.99 -1.88
C ALA A 258 28.16 14.08 -2.48
N LYS A 259 28.76 15.19 -2.89
CA LYS A 259 28.06 16.23 -3.66
C LYS A 259 28.36 16.08 -5.18
N GLU A 260 29.40 15.33 -5.54
CA GLU A 260 29.68 14.99 -6.94
C GLU A 260 28.69 13.91 -7.40
N GLN A 261 28.57 12.84 -6.64
CA GLN A 261 27.63 11.78 -6.95
C GLN A 261 26.18 12.25 -6.75
N GLU A 262 25.96 13.20 -5.84
CA GLU A 262 24.63 13.79 -5.63
C GLU A 262 24.18 14.59 -6.85
N GLU A 263 25.04 15.48 -7.34
CA GLU A 263 24.72 16.29 -8.53
C GLU A 263 24.43 15.38 -9.73
N LEU A 264 25.16 14.27 -9.85
CA LEU A 264 25.04 13.37 -11.00
C LEU A 264 23.68 12.72 -11.05
N ASN A 265 23.24 12.21 -9.91
CA ASN A 265 21.96 11.50 -9.83
C ASN A 265 20.76 12.46 -9.66
N ASP A 266 21.03 13.76 -9.68
CA ASP A 266 19.98 14.78 -9.82
C ASP A 266 19.78 15.13 -11.29
N ALA A 267 20.80 14.86 -12.12
CA ALA A 267 20.74 15.06 -13.57
C ALA A 267 19.97 13.94 -14.25
N VAL A 268 20.12 12.71 -13.77
CA VAL A 268 19.28 11.58 -14.19
C VAL A 268 17.83 11.90 -13.86
N GLY A 269 17.62 12.53 -12.72
CA GLY A 269 16.38 13.19 -12.42
C GLY A 269 15.13 12.35 -12.61
N PHE A 270 14.27 12.79 -13.50
CA PHE A 270 12.94 12.20 -13.57
C PHE A 270 12.96 10.74 -14.06
N SER A 271 14.03 10.35 -14.73
CA SER A 271 14.18 8.97 -15.22
C SER A 271 14.12 8.00 -14.08
N ARG A 272 14.59 8.41 -12.90
CA ARG A 272 14.51 7.57 -11.69
C ARG A 272 13.08 7.10 -11.36
N VAL A 273 12.08 7.96 -11.61
CA VAL A 273 10.67 7.60 -11.39
C VAL A 273 10.21 6.61 -12.44
N ILE A 274 10.66 6.80 -13.69
CA ILE A 274 10.36 5.82 -14.74
C ILE A 274 11.01 4.48 -14.44
N HIS A 275 12.14 4.49 -13.75
CA HIS A 275 12.85 3.26 -13.41
C HIS A 275 12.08 2.59 -12.28
N ALA A 276 11.67 3.39 -11.31
CA ALA A 276 10.88 2.91 -10.18
C ALA A 276 9.62 2.24 -10.64
N ILE A 277 8.99 2.79 -11.67
CA ILE A 277 7.74 2.26 -12.19
C ILE A 277 8.01 0.93 -12.88
N ALA A 278 8.97 0.94 -13.79
CA ALA A 278 9.38 -0.27 -14.48
C ALA A 278 9.70 -1.40 -13.48
N ASN A 279 10.58 -1.12 -12.51
CA ASN A 279 10.94 -2.11 -11.46
C ASN A 279 9.87 -2.12 -10.38
N SER A 280 8.84 -2.90 -10.60
CA SER A 280 7.66 -2.90 -9.75
C SER A 280 6.74 -3.94 -10.33
N GLY A 281 6.69 -3.97 -11.66
CA GLY A 281 5.99 -5.00 -12.42
C GLY A 281 4.54 -4.62 -12.62
N LYS A 282 4.06 -3.75 -11.73
CA LYS A 282 2.66 -3.40 -11.60
C LYS A 282 2.05 -2.87 -12.89
N LEU A 283 0.74 -3.04 -12.99
CA LEU A 283 -0.04 -2.61 -14.15
C LEU A 283 -0.03 -1.07 -14.33
N VAL A 284 0.34 -0.64 -15.52
CA VAL A 284 0.42 0.75 -15.90
C VAL A 284 -0.71 0.95 -16.91
N ILE A 285 -1.69 1.77 -16.53
CA ILE A 285 -2.91 1.99 -17.32
C ILE A 285 -2.77 3.29 -18.08
N GLY A 286 -3.19 3.28 -19.33
CA GLY A 286 -3.22 4.49 -20.12
C GLY A 286 -4.48 4.61 -20.95
N HIS A 287 -4.49 5.66 -21.77
CA HIS A 287 -5.57 5.88 -22.73
C HIS A 287 -5.04 6.48 -24.02
N ASN A 288 -5.27 5.81 -25.13
CA ASN A 288 -4.69 6.19 -26.41
C ASN A 288 -3.18 6.41 -26.22
N MET A 289 -2.52 5.44 -25.58
CA MET A 289 -1.18 5.63 -25.01
C MET A 289 0.03 5.48 -25.96
N LEU A 290 -0.17 5.11 -27.21
CA LEU A 290 0.96 4.87 -28.11
C LEU A 290 2.04 5.97 -28.00
N LEU A 291 1.61 7.22 -28.07
CA LEU A 291 2.54 8.35 -28.01
C LEU A 291 3.05 8.63 -26.60
N ASP A 292 2.30 8.24 -25.58
CA ASP A 292 2.79 8.33 -24.21
C ASP A 292 3.95 7.41 -23.98
N VAL A 293 3.74 6.15 -24.37
CA VAL A 293 4.73 5.11 -24.26
C VAL A 293 5.95 5.45 -25.08
N MET A 294 5.73 5.70 -26.37
CA MET A 294 6.81 6.02 -27.29
C MET A 294 7.66 7.11 -26.70
N HIS A 295 7.02 8.20 -26.26
CA HIS A 295 7.74 9.35 -25.70
C HIS A 295 8.47 9.04 -24.42
N THR A 296 7.89 8.23 -23.56
CA THR A 296 8.48 7.89 -22.28
C THR A 296 9.80 7.17 -22.50
N VAL A 297 9.77 6.04 -23.18
CA VAL A 297 11.00 5.30 -23.44
C VAL A 297 12.01 6.11 -24.27
N HIS A 298 11.57 7.03 -25.11
CA HIS A 298 12.54 7.77 -25.94
C HIS A 298 13.36 8.75 -25.11
N GLN A 299 12.75 9.30 -24.08
CA GLN A 299 13.37 10.33 -23.27
C GLN A 299 14.01 9.80 -22.00
N PHE A 300 13.37 8.83 -21.37
CA PHE A 300 13.75 8.39 -20.03
C PHE A 300 14.38 7.00 -20.00
N TYR A 301 14.55 6.37 -21.17
CA TYR A 301 15.18 5.05 -21.23
C TYR A 301 16.22 4.99 -22.32
N CYS A 302 15.81 4.90 -23.57
CA CYS A 302 16.76 4.91 -24.66
C CYS A 302 16.15 5.40 -25.97
N PRO A 303 16.86 6.19 -26.77
CA PRO A 303 16.31 6.67 -28.04
C PRO A 303 15.80 5.51 -28.90
N LEU A 304 14.57 5.65 -29.35
CA LEU A 304 13.87 4.57 -30.01
C LEU A 304 14.75 3.95 -31.08
N PRO A 305 14.71 2.61 -31.18
CA PRO A 305 15.52 1.86 -32.13
C PRO A 305 14.92 1.87 -33.54
N ALA A 306 15.63 1.32 -34.51
CA ALA A 306 15.23 1.40 -35.92
C ALA A 306 14.07 0.49 -36.31
N ASP A 307 13.93 -0.64 -35.64
CA ASP A 307 12.89 -1.60 -35.96
C ASP A 307 11.73 -1.42 -35.02
N LEU A 308 10.53 -1.69 -35.51
CA LEU A 308 9.34 -1.81 -34.66
C LEU A 308 9.53 -2.90 -33.60
N SER A 309 10.24 -3.96 -33.95
CA SER A 309 10.33 -5.13 -33.09
C SER A 309 11.26 -4.86 -31.92
N GLU A 310 12.25 -4.00 -32.17
CA GLU A 310 13.19 -3.62 -31.13
C GLU A 310 12.51 -2.71 -30.14
N PHE A 311 11.61 -1.87 -30.65
CA PHE A 311 10.75 -1.03 -29.81
C PHE A 311 9.85 -1.86 -28.89
N LYS A 312 9.23 -2.92 -29.41
CA LYS A 312 8.37 -3.77 -28.59
C LYS A 312 9.14 -4.38 -27.42
N GLU A 313 10.43 -4.62 -27.64
CA GLU A 313 11.31 -5.20 -26.62
C GLU A 313 11.59 -4.17 -25.52
N MET A 314 11.98 -2.97 -25.90
CA MET A 314 12.24 -1.89 -24.95
C MET A 314 11.01 -1.60 -24.12
N THR A 315 9.86 -1.58 -24.78
CA THR A 315 8.59 -1.26 -24.13
C THR A 315 8.29 -2.20 -22.98
N THR A 316 8.75 -3.45 -23.09
CA THR A 316 8.62 -4.43 -22.01
C THR A 316 9.56 -4.12 -20.83
N CYS A 317 10.77 -3.64 -21.10
CA CYS A 317 11.62 -3.14 -20.01
C CYS A 317 10.92 -2.15 -19.14
N VAL A 318 10.37 -1.14 -19.80
CA VAL A 318 9.85 0.07 -19.14
C VAL A 318 8.41 -0.16 -18.64
N PHE A 319 7.62 -0.89 -19.43
CA PHE A 319 6.22 -1.19 -19.13
C PHE A 319 5.96 -2.67 -19.39
N PRO A 320 6.46 -3.54 -18.53
CA PRO A 320 6.20 -4.99 -18.68
C PRO A 320 4.72 -5.31 -18.68
N ARG A 321 3.95 -4.48 -18.00
CA ARG A 321 2.55 -4.76 -17.80
C ARG A 321 1.73 -3.49 -18.00
N LEU A 322 1.01 -3.45 -19.12
CA LEU A 322 0.45 -2.22 -19.64
C LEU A 322 -0.95 -2.49 -20.20
N LEU A 323 -1.84 -1.50 -20.10
CA LEU A 323 -3.23 -1.63 -20.59
C LEU A 323 -3.79 -0.29 -21.07
N ASP A 324 -4.51 -0.35 -22.17
CA ASP A 324 -5.04 0.83 -22.83
C ASP A 324 -6.56 0.85 -22.68
N THR A 325 -7.08 1.76 -21.87
CA THR A 325 -8.52 1.86 -21.65
C THR A 325 -9.31 2.09 -22.91
N LYS A 326 -8.77 2.82 -23.86
CA LYS A 326 -9.44 2.98 -25.13
C LYS A 326 -9.57 1.66 -25.89
N LEU A 327 -8.56 0.79 -25.82
CA LEU A 327 -8.66 -0.50 -26.52
C LEU A 327 -9.58 -1.44 -25.80
N MET A 328 -9.39 -1.52 -24.49
CA MET A 328 -10.28 -2.27 -23.58
C MET A 328 -11.74 -1.95 -23.88
N ALA A 329 -12.03 -0.66 -24.04
CA ALA A 329 -13.39 -0.18 -24.33
C ALA A 329 -13.87 -0.47 -25.75
N SER A 330 -12.92 -0.69 -26.66
CA SER A 330 -13.23 -1.01 -28.05
C SER A 330 -13.28 -2.54 -28.27
N THR A 331 -13.30 -3.31 -27.17
CA THR A 331 -13.30 -4.78 -27.21
C THR A 331 -14.44 -5.34 -26.36
N GLN A 332 -15.13 -6.38 -26.83
CA GLN A 332 -16.11 -7.05 -25.97
C GLN A 332 -15.51 -7.35 -24.59
N PRO A 333 -16.32 -7.35 -23.52
CA PRO A 333 -17.77 -7.21 -23.57
C PRO A 333 -18.25 -5.75 -23.52
N PHE A 334 -17.34 -4.81 -23.73
CA PHE A 334 -17.63 -3.39 -23.63
C PHE A 334 -18.05 -2.78 -24.96
N LYS A 335 -17.54 -3.32 -26.06
CA LYS A 335 -17.86 -2.80 -27.39
C LYS A 335 -19.34 -2.82 -27.67
N ASP A 336 -20.03 -3.77 -27.08
CA ASP A 336 -21.47 -3.96 -27.31
C ASP A 336 -22.32 -2.94 -26.56
N ILE A 337 -21.69 -2.13 -25.72
CA ILE A 337 -22.40 -1.24 -24.79
C ILE A 337 -21.92 0.23 -24.86
N ILE A 338 -20.68 0.45 -25.32
CA ILE A 338 -20.09 1.80 -25.43
C ILE A 338 -19.88 2.18 -26.90
N ASN A 339 -20.41 3.32 -27.31
CA ASN A 339 -20.37 3.77 -28.70
C ASN A 339 -19.30 4.83 -28.96
N ASN A 340 -18.59 5.23 -27.93
CA ASN A 340 -17.52 6.20 -28.09
C ASN A 340 -16.47 6.03 -27.01
N THR A 341 -15.22 5.79 -27.43
CA THR A 341 -14.13 5.36 -26.54
C THR A 341 -13.14 6.46 -26.20
N SER A 342 -13.52 7.68 -26.50
CA SER A 342 -12.72 8.83 -26.11
C SER A 342 -12.82 9.04 -24.61
N LEU A 343 -11.76 9.56 -23.99
CA LEU A 343 -11.72 9.76 -22.54
C LEU A 343 -12.86 10.58 -21.93
N ALA A 344 -13.24 11.67 -22.57
CA ALA A 344 -14.31 12.51 -22.04
C ALA A 344 -15.64 11.78 -22.09
N GLU A 345 -15.95 11.21 -23.25
CA GLU A 345 -17.23 10.53 -23.46
C GLU A 345 -17.28 9.18 -22.73
N LEU A 346 -16.12 8.61 -22.48
CA LEU A 346 -15.98 7.34 -21.78
C LEU A 346 -16.18 7.51 -20.27
N GLU A 347 -15.62 8.56 -19.71
CA GLU A 347 -15.78 8.82 -18.28
C GLU A 347 -17.22 9.19 -17.91
N LYS A 348 -17.99 9.66 -18.89
CA LYS A 348 -19.42 9.89 -18.69
C LYS A 348 -20.15 8.55 -18.74
N ARG A 349 -19.89 7.75 -19.78
CA ARG A 349 -20.64 6.51 -19.94
C ARG A 349 -20.36 5.53 -18.82
N LEU A 350 -19.14 5.52 -18.30
CA LEU A 350 -18.77 4.55 -17.27
C LEU A 350 -19.29 4.88 -15.86
N LYS A 351 -20.11 5.93 -15.74
CA LYS A 351 -20.85 6.25 -14.52
C LYS A 351 -22.30 5.78 -14.65
N GLU A 352 -22.77 5.67 -15.90
CA GLU A 352 -24.14 5.23 -16.22
C GLU A 352 -24.26 3.70 -16.14
N THR A 353 -25.47 3.21 -15.90
CA THR A 353 -25.77 1.76 -15.87
C THR A 353 -25.38 1.14 -17.21
N PRO A 354 -24.92 -0.10 -17.25
CA PRO A 354 -24.75 -0.99 -16.09
C PRO A 354 -23.45 -0.83 -15.30
N PHE A 355 -22.78 0.31 -15.40
CA PHE A 355 -21.55 0.57 -14.68
C PHE A 355 -21.88 1.25 -13.35
N ASN A 356 -20.95 1.16 -12.40
CA ASN A 356 -21.01 1.94 -11.14
C ASN A 356 -19.74 2.74 -10.97
N PRO A 357 -19.81 4.06 -10.83
CA PRO A 357 -18.60 4.83 -10.53
C PRO A 357 -17.89 4.24 -9.29
N PRO A 358 -16.58 4.08 -9.34
CA PRO A 358 -15.86 3.47 -8.23
C PRO A 358 -15.82 4.38 -7.01
N LYS A 359 -16.00 3.80 -5.82
CA LYS A 359 -15.91 4.50 -4.54
C LYS A 359 -14.46 4.90 -4.30
N VAL A 360 -14.17 6.20 -4.35
CA VAL A 360 -12.79 6.67 -4.43
C VAL A 360 -12.48 7.87 -3.53
N GLU A 361 -11.22 8.00 -3.12
CA GLU A 361 -10.83 9.00 -2.13
C GLU A 361 -9.33 9.29 -2.18
N SER A 362 -8.99 10.56 -2.05
CA SER A 362 -7.61 10.99 -1.97
C SER A 362 -7.01 10.56 -0.62
N ALA A 363 -5.80 10.02 -0.66
CA ALA A 363 -5.08 9.62 0.55
C ALA A 363 -4.87 10.83 1.45
N GLU A 364 -5.07 10.65 2.75
CA GLU A 364 -4.77 11.69 3.74
C GLU A 364 -3.49 12.48 3.39
N GLY A 365 -3.62 13.81 3.28
CA GLY A 365 -2.47 14.67 3.06
C GLY A 365 -2.25 15.09 1.61
N PHE A 366 -2.97 14.45 0.69
CA PHE A 366 -2.85 14.71 -0.72
C PHE A 366 -4.02 15.57 -1.21
N PRO A 367 -3.84 16.32 -2.29
CA PRO A 367 -4.92 17.17 -2.82
C PRO A 367 -6.01 16.37 -3.50
N SER A 368 -7.14 17.04 -3.68
CA SER A 368 -8.32 16.44 -4.26
C SER A 368 -8.72 17.15 -5.55
N TYR A 369 -9.64 16.53 -6.30
CA TYR A 369 -10.30 17.15 -7.46
C TYR A 369 -11.77 17.40 -7.10
N GLN A 375 -13.64 21.17 -14.48
CA GLN A 375 -12.25 20.82 -14.14
C GLN A 375 -11.30 20.92 -15.35
N LEU A 376 -10.20 21.65 -15.21
CA LEU A 376 -9.30 21.89 -16.34
C LEU A 376 -8.29 20.72 -16.58
N HIS A 377 -7.96 20.50 -17.85
CA HIS A 377 -7.15 19.36 -18.31
C HIS A 377 -5.70 19.40 -17.91
N GLU A 378 -5.20 18.25 -17.48
CA GLU A 378 -3.83 18.13 -17.00
C GLU A 378 -3.45 16.66 -16.81
N ALA A 379 -2.20 16.35 -17.10
CA ALA A 379 -1.66 14.99 -16.95
C ALA A 379 -2.24 14.22 -15.76
N GLY A 380 -2.08 14.75 -14.55
CA GLY A 380 -2.55 14.10 -13.33
C GLY A 380 -4.04 13.74 -13.35
N TYR A 381 -4.87 14.72 -13.70
CA TYR A 381 -6.32 14.52 -13.75
C TYR A 381 -6.75 13.60 -14.89
N ASP A 382 -6.09 13.71 -16.04
CA ASP A 382 -6.40 12.83 -17.15
C ASP A 382 -6.06 11.40 -16.76
N ALA A 383 -4.93 11.21 -16.08
CA ALA A 383 -4.54 9.92 -15.50
C ALA A 383 -5.61 9.42 -14.54
N TYR A 384 -5.92 10.26 -13.56
CA TYR A 384 -6.82 9.94 -12.50
C TYR A 384 -8.15 9.46 -13.06
N ILE A 385 -8.65 10.17 -14.06
CA ILE A 385 -9.86 9.78 -14.80
C ILE A 385 -9.68 8.46 -15.55
N THR A 386 -8.52 8.30 -16.16
CA THR A 386 -8.16 7.03 -16.81
C THR A 386 -8.22 5.86 -15.84
N GLY A 387 -7.68 6.03 -14.65
CA GLY A 387 -7.85 5.02 -13.62
C GLY A 387 -9.30 4.64 -13.26
N LEU A 388 -10.16 5.64 -13.07
CA LEU A 388 -11.54 5.37 -12.72
C LEU A 388 -12.33 4.71 -13.87
N CYS A 389 -11.95 5.01 -15.10
CA CYS A 389 -12.53 4.35 -16.25
C CYS A 389 -12.16 2.88 -16.23
N PHE A 390 -10.87 2.59 -16.00
CA PHE A 390 -10.40 1.20 -15.95
C PHE A 390 -11.17 0.43 -14.90
N ILE A 391 -11.24 0.98 -13.69
CA ILE A 391 -11.88 0.32 -12.57
C ILE A 391 -13.37 0.05 -12.85
N SER A 392 -14.13 1.09 -13.24
CA SER A 392 -15.53 0.90 -13.68
C SER A 392 -15.68 -0.28 -14.66
N MET A 393 -14.79 -0.34 -15.65
CA MET A 393 -14.82 -1.42 -16.64
C MET A 393 -14.44 -2.78 -16.01
N ALA A 394 -13.34 -2.82 -15.27
CA ALA A 394 -12.89 -4.08 -14.69
C ALA A 394 -13.99 -4.68 -13.82
N ASN A 395 -14.45 -3.92 -12.82
CA ASN A 395 -15.53 -4.38 -11.96
C ASN A 395 -16.69 -4.95 -12.74
N TYR A 396 -17.11 -4.25 -13.79
CA TYR A 396 -18.20 -4.74 -14.65
C TYR A 396 -17.93 -6.17 -15.17
N LEU A 397 -16.71 -6.43 -15.64
CA LEU A 397 -16.29 -7.79 -16.03
C LEU A 397 -16.72 -8.83 -15.00
N GLY A 398 -16.60 -8.48 -13.73
CA GLY A 398 -16.97 -9.36 -12.62
C GLY A 398 -18.43 -9.75 -12.54
N SER A 399 -19.32 -8.87 -13.03
CA SER A 399 -20.76 -9.16 -13.11
C SER A 399 -21.12 -10.40 -13.95
N PHE A 400 -20.23 -10.82 -14.85
CA PHE A 400 -20.45 -12.01 -15.67
C PHE A 400 -20.10 -13.31 -14.94
N LEU A 401 -19.39 -13.21 -13.82
CA LEU A 401 -19.17 -14.36 -12.96
C LEU A 401 -20.45 -14.81 -12.25
N SER A 402 -20.37 -15.99 -11.65
CA SER A 402 -21.42 -16.52 -10.78
C SER A 402 -20.73 -17.23 -9.60
N PRO A 403 -20.78 -16.67 -8.39
CA PRO A 403 -21.51 -15.42 -8.13
C PRO A 403 -20.77 -14.26 -8.79
N PRO A 404 -21.51 -13.25 -9.22
CA PRO A 404 -20.88 -12.05 -9.78
C PRO A 404 -20.18 -11.29 -8.67
N LYS A 405 -18.89 -11.02 -8.82
CA LYS A 405 -18.20 -10.14 -7.87
C LYS A 405 -18.38 -8.68 -8.28
N ILE A 406 -18.52 -7.83 -7.27
CA ILE A 406 -18.68 -6.40 -7.43
C ILE A 406 -17.32 -5.71 -7.60
N HIS A 407 -16.25 -6.35 -7.09
CA HIS A 407 -14.90 -5.78 -7.15
C HIS A 407 -13.90 -6.73 -7.82
N VAL A 408 -13.28 -6.26 -8.90
CA VAL A 408 -12.28 -7.03 -9.64
C VAL A 408 -10.90 -6.40 -9.49
N SER A 409 -9.97 -7.17 -8.93
CA SER A 409 -8.60 -6.78 -8.70
C SER A 409 -7.85 -6.51 -9.99
N ALA A 410 -6.82 -5.67 -9.92
CA ALA A 410 -5.96 -5.39 -11.07
C ALA A 410 -5.12 -6.61 -11.53
N ARG A 411 -4.96 -7.58 -10.62
CA ARG A 411 -4.26 -8.84 -10.86
C ARG A 411 -5.24 -9.96 -11.28
N SER A 412 -6.52 -9.64 -11.45
CA SER A 412 -7.53 -10.66 -11.74
C SER A 412 -7.24 -11.30 -13.08
N LYS A 413 -7.67 -12.54 -13.23
CA LYS A 413 -7.55 -13.29 -14.48
C LYS A 413 -8.49 -12.73 -15.55
N LEU A 414 -9.57 -12.08 -15.13
CA LEU A 414 -10.51 -11.46 -16.07
C LEU A 414 -9.91 -10.32 -16.90
N ILE A 415 -8.85 -9.70 -16.40
CA ILE A 415 -8.22 -8.53 -17.04
C ILE A 415 -7.10 -8.88 -18.03
N GLU A 416 -6.52 -10.07 -17.89
CA GLU A 416 -5.35 -10.48 -18.69
C GLU A 416 -5.51 -10.38 -20.21
N PRO A 417 -6.69 -10.75 -20.75
CA PRO A 417 -6.92 -10.61 -22.20
C PRO A 417 -6.82 -9.20 -22.79
N PHE A 418 -6.82 -8.17 -21.95
CA PHE A 418 -6.70 -6.78 -22.42
C PHE A 418 -5.29 -6.21 -22.25
N PHE A 419 -4.47 -6.90 -21.45
CA PHE A 419 -3.08 -6.52 -21.21
C PHE A 419 -2.25 -6.42 -22.47
N ASN A 420 -1.16 -5.65 -22.34
CA ASN A 420 -0.11 -5.49 -23.34
C ASN A 420 -0.61 -5.46 -24.78
N LYS A 421 -1.49 -4.51 -25.03
CA LYS A 421 -2.03 -4.28 -26.36
C LYS A 421 -2.14 -2.78 -26.66
N LEU A 422 -1.40 -2.37 -27.68
CA LEU A 422 -1.53 -1.04 -28.23
C LEU A 422 -2.12 -1.10 -29.62
N PHE A 423 -2.63 0.05 -30.07
CA PHE A 423 -3.11 0.21 -31.43
C PHE A 423 -2.04 0.98 -32.20
N LEU A 424 -1.53 0.40 -33.28
CA LEU A 424 -0.62 1.10 -34.19
C LEU A 424 -1.44 1.39 -35.43
N MET A 425 -1.65 0.37 -36.25
CA MET A 425 -2.62 0.45 -37.35
C MET A 425 -3.70 -0.64 -37.20
N ARG A 426 -3.36 -1.66 -36.41
CA ARG A 426 -4.30 -2.64 -35.92
C ARG A 426 -3.93 -2.96 -34.47
N VAL A 427 -4.74 -3.78 -33.81
CA VAL A 427 -4.44 -4.20 -32.44
C VAL A 427 -3.09 -4.91 -32.47
N MET A 428 -2.16 -4.48 -31.64
CA MET A 428 -0.79 -5.01 -31.65
C MET A 428 -0.44 -5.55 -30.28
N ASP A 429 0.04 -6.79 -30.23
CA ASP A 429 0.51 -7.40 -29.00
C ASP A 429 1.91 -6.91 -28.72
N ILE A 430 2.23 -6.82 -27.43
CA ILE A 430 3.54 -6.37 -26.95
C ILE A 430 4.22 -7.48 -26.13
N MET B 1 8.72 -42.19 24.55
CA MET B 1 7.57 -42.73 23.78
C MET B 1 6.27 -41.93 24.01
N GLU B 2 5.45 -41.83 22.98
CA GLU B 2 4.19 -41.11 23.07
C GLU B 2 3.04 -42.06 23.36
N ILE B 3 2.60 -42.09 24.61
CA ILE B 3 1.54 -42.97 25.04
C ILE B 3 0.21 -42.22 25.14
N ILE B 4 -0.74 -42.66 24.34
CA ILE B 4 -2.12 -42.19 24.34
C ILE B 4 -3.07 -43.40 24.41
N ARG B 5 -4.38 -43.13 24.53
CA ARG B 5 -5.41 -44.18 24.76
C ARG B 5 -5.22 -45.44 23.92
N SER B 6 -5.17 -45.30 22.60
CA SER B 6 -5.16 -46.46 21.72
C SER B 6 -3.81 -47.24 21.75
N ASN B 7 -2.87 -46.67 22.47
CA ASN B 7 -1.47 -47.08 22.59
C ASN B 7 -1.16 -47.65 23.96
N PHE B 8 -2.12 -47.58 24.87
CA PHE B 8 -1.83 -47.59 26.30
C PHE B 8 -1.63 -49.01 26.79
N LYS B 9 -2.63 -49.86 26.50
CA LYS B 9 -2.67 -51.23 26.98
C LYS B 9 -1.54 -52.04 26.36
N SER B 10 -1.43 -51.95 25.04
CA SER B 10 -0.41 -52.67 24.29
C SER B 10 0.89 -51.96 24.41
N ASN B 11 1.17 -51.48 25.62
CA ASN B 11 2.39 -50.71 25.89
C ASN B 11 2.63 -50.55 27.39
N LEU B 12 1.65 -50.97 28.18
CA LEU B 12 1.68 -50.90 29.62
C LEU B 12 2.75 -51.77 30.20
N HIS B 13 2.97 -52.92 29.56
CA HIS B 13 4.02 -53.84 29.98
C HIS B 13 5.42 -53.19 30.03
N LYS B 14 5.78 -52.44 28.98
CA LYS B 14 7.06 -51.72 28.96
C LYS B 14 7.19 -50.80 30.17
N VAL B 15 6.11 -50.12 30.55
CA VAL B 15 6.15 -49.17 31.65
C VAL B 15 6.29 -49.88 32.98
N TYR B 16 5.61 -51.01 33.14
CA TYR B 16 5.72 -51.74 34.39
C TYR B 16 7.14 -52.27 34.48
N GLN B 17 7.67 -52.74 33.36
CA GLN B 17 9.03 -53.24 33.31
C GLN B 17 10.04 -52.15 33.63
N ALA B 18 9.88 -50.96 33.05
CA ALA B 18 10.81 -49.83 33.24
C ALA B 18 10.81 -49.31 34.68
N ILE B 19 9.62 -49.26 35.27
CA ILE B 19 9.41 -48.91 36.68
C ILE B 19 10.04 -49.97 37.60
N GLU B 20 9.77 -51.21 37.26
CA GLU B 20 10.27 -52.40 37.92
C GLU B 20 11.80 -52.44 37.99
N GLU B 21 12.51 -52.21 36.88
CA GLU B 21 13.97 -52.39 36.87
C GLU B 21 14.82 -51.12 36.99
N ALA B 22 14.22 -50.03 37.46
CA ALA B 22 14.93 -48.75 37.63
C ALA B 22 15.53 -48.57 39.02
N ASP B 23 16.58 -47.76 39.13
CA ASP B 23 17.13 -47.36 40.42
C ASP B 23 16.41 -46.11 40.96
N PHE B 24 15.60 -45.48 40.12
CA PHE B 24 14.74 -44.32 40.47
C PHE B 24 14.20 -43.75 39.16
N PHE B 25 13.20 -42.89 39.26
CA PHE B 25 12.68 -42.20 38.08
C PHE B 25 12.35 -40.74 38.36
N ALA B 26 12.46 -39.92 37.32
CA ALA B 26 12.10 -38.51 37.40
C ALA B 26 10.73 -38.33 36.82
N ILE B 27 9.97 -37.37 37.35
CA ILE B 27 8.67 -37.01 36.78
C ILE B 27 8.57 -35.53 36.49
N ASP B 28 7.54 -35.20 35.73
CA ASP B 28 7.17 -33.80 35.45
C ASP B 28 5.77 -33.77 34.86
N GLY B 29 4.98 -32.82 35.26
CA GLY B 29 3.63 -32.70 34.72
C GLY B 29 3.51 -31.47 33.84
N GLU B 30 2.63 -31.53 32.85
CA GLU B 30 2.23 -30.33 32.13
C GLU B 30 0.75 -29.99 32.37
N PHE B 31 0.47 -28.70 32.59
CA PHE B 31 -0.85 -28.26 32.99
C PHE B 31 -1.53 -27.39 31.97
N SER B 32 -2.86 -27.31 32.09
CA SER B 32 -3.73 -26.31 31.46
C SER B 32 -3.33 -24.88 31.77
N GLY B 33 -2.84 -24.68 32.99
CA GLY B 33 -2.36 -23.39 33.44
C GLY B 33 -1.78 -23.46 34.83
N ILE B 34 -1.22 -22.37 35.31
CA ILE B 34 -0.63 -22.34 36.64
C ILE B 34 -1.61 -21.79 37.69
N SER B 35 -1.92 -20.50 37.63
CA SER B 35 -2.81 -19.89 38.62
C SER B 35 -3.94 -19.04 38.01
N ASP B 36 -5.05 -18.94 38.73
CA ASP B 36 -6.22 -18.25 38.20
C ASP B 36 -6.23 -16.72 38.41
N GLY B 37 -5.19 -16.16 39.05
CA GLY B 37 -5.12 -14.72 39.28
C GLY B 37 -3.73 -14.14 39.55
N PRO B 38 -3.22 -14.29 40.79
CA PRO B 38 -1.88 -13.79 41.16
C PRO B 38 -0.74 -14.80 40.86
N SER B 39 0.41 -14.67 41.53
CA SER B 39 1.46 -15.72 41.58
C SER B 39 2.60 -15.28 42.51
N PHE B 47 5.32 -15.15 52.78
CA PHE B 47 5.50 -15.35 54.22
C PHE B 47 4.45 -16.29 54.83
N ASP B 48 3.53 -16.79 54.01
CA ASP B 48 2.50 -17.75 54.47
C ASP B 48 3.08 -18.91 55.28
N THR B 49 2.26 -19.53 56.11
CA THR B 49 2.65 -20.78 56.76
C THR B 49 2.39 -21.86 55.73
N PRO B 50 2.95 -23.07 55.91
CA PRO B 50 2.70 -24.17 54.97
C PRO B 50 1.24 -24.53 54.83
N GLU B 51 0.48 -24.42 55.93
CA GLU B 51 -0.95 -24.66 55.90
C GLU B 51 -1.62 -23.65 54.95
N GLU B 52 -1.23 -22.39 55.09
CA GLU B 52 -1.74 -21.31 54.26
C GLU B 52 -1.45 -21.48 52.74
N ARG B 53 -0.21 -21.87 52.41
CA ARG B 53 0.20 -22.08 51.02
C ARG B 53 -0.48 -23.30 50.41
N TYR B 54 -0.81 -24.30 51.21
CA TYR B 54 -1.54 -25.44 50.70
C TYR B 54 -2.96 -25.04 50.34
N GLN B 55 -3.59 -24.20 51.16
CA GLN B 55 -4.98 -23.80 50.91
C GLN B 55 -5.10 -22.80 49.78
N LYS B 56 -4.07 -21.96 49.62
CA LYS B 56 -4.02 -20.99 48.54
C LYS B 56 -3.96 -21.73 47.20
N LEU B 57 -2.85 -22.42 46.96
CA LEU B 57 -2.66 -23.28 45.79
C LEU B 57 -3.90 -24.14 45.49
N LYS B 58 -4.48 -24.74 46.52
CA LYS B 58 -5.60 -25.66 46.33
C LYS B 58 -6.76 -25.00 45.58
N LYS B 59 -6.94 -23.71 45.77
CA LYS B 59 -8.12 -23.06 45.22
C LYS B 59 -7.79 -22.36 43.91
N HIS B 60 -6.64 -21.67 43.85
CA HIS B 60 -6.23 -20.93 42.66
C HIS B 60 -5.48 -21.75 41.59
N SER B 61 -5.17 -23.03 41.87
CA SER B 61 -4.34 -23.83 40.97
C SER B 61 -4.82 -25.25 40.66
N MET B 62 -5.77 -25.79 41.44
CA MET B 62 -6.21 -27.18 41.26
C MET B 62 -7.45 -27.38 40.40
N ASP B 63 -7.90 -26.31 39.74
CA ASP B 63 -8.94 -26.41 38.72
C ASP B 63 -8.34 -26.65 37.32
N PHE B 64 -7.04 -26.43 37.22
CA PHE B 64 -6.34 -26.71 36.00
C PHE B 64 -6.11 -28.19 35.90
N LEU B 65 -5.99 -28.71 34.68
CA LEU B 65 -5.74 -30.11 34.42
C LEU B 65 -4.25 -30.37 34.19
N LEU B 66 -3.69 -31.40 34.80
CA LEU B 66 -2.43 -32.01 34.35
C LEU B 66 -2.83 -32.96 33.25
N PHE B 67 -2.37 -32.70 32.03
CA PHE B 67 -2.79 -33.51 30.88
C PHE B 67 -1.66 -34.15 30.10
N GLN B 68 -0.44 -34.02 30.61
CA GLN B 68 0.67 -34.81 30.10
C GLN B 68 1.51 -35.16 31.30
N PHE B 69 1.73 -36.45 31.53
CA PHE B 69 2.63 -36.90 32.58
C PHE B 69 3.96 -37.39 31.95
N GLY B 70 5.06 -36.82 32.40
CA GLY B 70 6.36 -37.16 31.87
C GLY B 70 7.15 -38.07 32.80
N LEU B 71 7.39 -39.31 32.36
CA LEU B 71 8.09 -40.30 33.18
C LEU B 71 9.46 -40.71 32.57
N CYS B 72 10.55 -40.49 33.30
CA CYS B 72 11.85 -40.98 32.83
C CYS B 72 12.53 -41.91 33.80
N THR B 73 12.88 -43.08 33.30
CA THR B 73 13.40 -44.16 34.11
C THR B 73 14.92 -44.23 34.02
N PHE B 74 15.58 -44.49 35.14
CA PHE B 74 17.03 -44.49 35.20
C PHE B 74 17.55 -45.80 35.83
N LYS B 75 18.46 -46.48 35.13
CA LYS B 75 19.04 -47.73 35.59
C LYS B 75 20.54 -47.69 35.35
N TYR B 76 21.35 -47.59 36.40
CA TYR B 76 22.81 -47.64 36.26
C TYR B 76 23.31 -48.96 35.72
N ASP B 77 24.27 -48.84 34.80
CA ASP B 77 24.94 -49.98 34.19
C ASP B 77 26.40 -49.98 34.64
N TYR B 78 26.73 -50.87 35.55
CA TYR B 78 28.07 -50.92 36.14
C TYR B 78 29.21 -51.28 35.16
N THR B 79 28.93 -51.92 34.03
CA THR B 79 29.96 -52.26 33.05
C THR B 79 30.46 -51.02 32.28
N ASP B 80 29.52 -50.21 31.80
CA ASP B 80 29.83 -49.00 31.02
C ASP B 80 29.94 -47.79 31.93
N SER B 81 29.67 -47.98 33.21
CA SER B 81 29.58 -46.86 34.13
C SER B 81 28.62 -45.73 33.62
N LYS B 82 27.52 -46.10 32.96
CA LYS B 82 26.55 -45.14 32.45
C LYS B 82 25.13 -45.45 32.93
N TYR B 83 24.34 -44.43 33.16
CA TYR B 83 22.90 -44.60 33.41
C TYR B 83 22.17 -44.89 32.10
N ILE B 84 21.14 -45.73 32.17
CA ILE B 84 20.31 -46.00 30.99
C ILE B 84 18.88 -45.47 31.21
N THR B 85 18.31 -44.84 30.18
CA THR B 85 17.04 -44.16 30.36
C THR B 85 15.90 -44.68 29.50
N LYS B 86 14.69 -44.45 29.99
CA LYS B 86 13.48 -44.74 29.27
C LYS B 86 12.49 -43.64 29.59
N SER B 87 12.12 -42.82 28.62
CA SER B 87 11.22 -41.73 28.93
C SER B 87 9.92 -41.79 28.17
N PHE B 88 8.83 -41.60 28.89
CA PHE B 88 7.50 -41.65 28.32
C PHE B 88 6.78 -40.32 28.53
N ASN B 89 5.92 -39.99 27.58
CA ASN B 89 4.97 -38.90 27.70
C ASN B 89 3.61 -39.53 27.66
N PHE B 90 2.89 -39.49 28.77
CA PHE B 90 1.51 -39.95 28.80
C PHE B 90 0.57 -38.72 28.65
N TYR B 91 -0.47 -38.88 27.85
CA TYR B 91 -1.50 -37.86 27.66
C TYR B 91 -2.78 -38.32 28.34
N VAL B 92 -3.27 -37.56 29.30
CA VAL B 92 -4.39 -37.99 30.13
C VAL B 92 -5.53 -36.96 30.12
N PHE B 93 -6.76 -37.44 29.96
CA PHE B 93 -7.95 -36.62 29.91
C PHE B 93 -9.16 -37.35 30.52
N PRO B 94 -9.87 -36.68 31.42
CA PRO B 94 -11.08 -37.26 32.02
C PRO B 94 -12.20 -37.45 31.01
N LYS B 95 -12.31 -38.69 30.56
CA LYS B 95 -13.45 -39.13 29.78
C LYS B 95 -14.46 -39.67 30.80
N PRO B 96 -15.75 -39.35 30.62
CA PRO B 96 -16.76 -39.82 31.57
C PRO B 96 -16.87 -41.31 31.38
N PHE B 97 -16.80 -42.12 32.41
CA PHE B 97 -16.94 -43.54 32.13
C PHE B 97 -18.31 -43.81 31.54
N ASN B 98 -19.31 -43.15 32.10
CA ASN B 98 -20.71 -43.53 31.90
C ASN B 98 -21.59 -42.26 31.94
N ARG B 99 -22.85 -42.38 31.51
CA ARG B 99 -23.79 -41.24 31.50
C ARG B 99 -24.15 -40.69 32.90
N SER B 100 -23.52 -41.19 33.95
CA SER B 100 -23.73 -40.67 35.29
C SER B 100 -22.43 -40.37 36.02
N SER B 101 -21.36 -40.14 35.26
CA SER B 101 -20.06 -39.84 35.83
C SER B 101 -19.94 -38.34 35.93
N PRO B 102 -19.18 -37.84 36.89
CA PRO B 102 -19.04 -36.39 36.98
C PRO B 102 -18.46 -35.83 35.66
N ASP B 103 -19.08 -34.77 35.17
CA ASP B 103 -18.60 -34.07 33.99
C ASP B 103 -17.64 -32.97 34.43
N VAL B 104 -16.35 -33.20 34.26
CA VAL B 104 -15.37 -32.27 34.78
C VAL B 104 -15.37 -30.95 34.02
N LYS B 105 -15.26 -29.84 34.72
CA LYS B 105 -15.06 -28.54 34.10
C LYS B 105 -13.69 -28.09 34.57
N PHE B 106 -12.78 -27.74 33.67
CA PHE B 106 -11.44 -27.33 34.10
C PHE B 106 -11.02 -26.03 33.46
N VAL B 107 -10.16 -25.30 34.15
CA VAL B 107 -9.66 -24.02 33.69
C VAL B 107 -8.42 -24.22 32.79
N CYS B 108 -8.30 -23.40 31.74
CA CYS B 108 -7.16 -23.39 30.84
C CYS B 108 -6.61 -21.95 30.90
N GLN B 109 -5.29 -21.79 30.89
CA GLN B 109 -4.65 -20.48 30.94
C GLN B 109 -3.97 -20.17 29.60
N SER B 110 -4.40 -19.11 28.93
CA SER B 110 -3.95 -18.79 27.57
C SER B 110 -2.44 -18.77 27.39
N SER B 111 -1.69 -18.17 28.32
CA SER B 111 -0.24 -18.10 28.19
C SER B 111 0.43 -19.47 28.32
N SER B 112 -0.16 -20.37 29.10
CA SER B 112 0.34 -21.75 29.20
C SER B 112 -0.01 -22.50 27.92
N ILE B 113 -1.22 -22.26 27.38
CA ILE B 113 -1.64 -22.96 26.18
C ILE B 113 -0.76 -22.54 25.01
N ASP B 114 -0.36 -21.28 25.02
CA ASP B 114 0.35 -20.71 23.91
C ASP B 114 1.79 -21.14 23.96
N PHE B 115 2.32 -21.36 25.16
CA PHE B 115 3.69 -21.81 25.27
C PHE B 115 3.84 -23.27 24.79
N LEU B 116 3.06 -24.19 25.35
CA LEU B 116 2.95 -25.57 24.86
C LEU B 116 2.82 -25.66 23.35
N ALA B 117 1.90 -24.87 22.80
CA ALA B 117 1.73 -24.71 21.34
C ALA B 117 3.01 -24.43 20.58
N SER B 118 3.78 -23.48 21.06
CA SER B 118 5.03 -23.07 20.42
C SER B 118 6.10 -24.15 20.44
N GLN B 119 5.95 -25.15 21.30
CA GLN B 119 6.92 -26.21 21.52
C GLN B 119 6.36 -27.49 20.93
N GLY B 120 5.33 -27.35 20.11
CA GLY B 120 4.75 -28.47 19.40
C GLY B 120 3.81 -29.38 20.14
N PHE B 121 3.34 -29.03 21.35
CA PHE B 121 2.34 -29.86 22.03
C PHE B 121 1.19 -30.20 21.10
N ASP B 122 0.86 -31.48 21.01
CA ASP B 122 -0.26 -31.91 20.18
C ASP B 122 -1.49 -32.10 21.09
N PHE B 123 -2.35 -31.08 21.09
CA PHE B 123 -3.57 -31.04 21.90
C PHE B 123 -4.56 -32.12 21.54
N ASN B 124 -4.55 -32.55 20.28
CA ASN B 124 -5.37 -33.72 19.93
C ASN B 124 -5.07 -34.97 20.77
N LYS B 125 -3.83 -35.14 21.18
CA LYS B 125 -3.47 -36.33 21.95
C LYS B 125 -4.15 -36.28 23.30
N VAL B 126 -4.20 -35.09 23.88
CA VAL B 126 -4.94 -34.91 25.12
C VAL B 126 -6.45 -34.98 24.88
N PHE B 127 -6.97 -34.12 24.01
CA PHE B 127 -8.42 -33.86 23.98
C PHE B 127 -9.19 -34.80 23.06
N ARG B 128 -8.51 -35.40 22.10
CA ARG B 128 -9.16 -36.26 21.12
C ARG B 128 -8.91 -37.76 21.37
N ASN B 129 -7.73 -38.10 21.90
CA ASN B 129 -7.42 -39.49 22.22
C ASN B 129 -6.58 -39.67 23.49
N GLY B 130 -6.97 -39.03 24.58
CA GLY B 130 -6.21 -39.09 25.82
C GLY B 130 -6.52 -40.34 26.61
N ILE B 131 -5.58 -40.75 27.45
CA ILE B 131 -5.75 -41.91 28.31
C ILE B 131 -6.68 -41.49 29.41
N PRO B 132 -7.75 -42.24 29.64
CA PRO B 132 -8.69 -41.93 30.73
C PRO B 132 -8.10 -42.32 32.06
N TYR B 133 -8.73 -41.87 33.14
CA TYR B 133 -8.29 -42.23 34.48
C TYR B 133 -9.40 -42.14 35.54
N LEU B 134 -9.30 -42.93 36.61
CA LEU B 134 -10.23 -42.79 37.74
C LEU B 134 -9.47 -42.72 39.04
N ASN B 135 -10.02 -41.97 40.00
CA ASN B 135 -9.45 -41.91 41.36
C ASN B 135 -10.08 -43.01 42.23
N GLN B 136 -9.40 -43.37 43.31
CA GLN B 136 -9.91 -44.35 44.27
C GLN B 136 -11.42 -44.25 44.44
N GLU B 137 -11.92 -43.10 44.90
CA GLU B 137 -13.35 -43.01 45.25
C GLU B 137 -14.33 -43.02 44.06
N GLU B 138 -13.91 -42.54 42.88
CA GLU B 138 -14.73 -42.64 41.67
C GLU B 138 -14.74 -44.09 41.16
N GLU B 139 -13.62 -44.79 41.29
CA GLU B 139 -13.50 -46.18 40.91
C GLU B 139 -14.45 -47.04 41.73
N ARG B 140 -14.43 -46.81 43.05
CA ARG B 140 -15.22 -47.55 44.03
C ARG B 140 -16.68 -47.40 43.72
N GLN B 141 -17.11 -46.16 43.55
CA GLN B 141 -18.50 -45.79 43.30
C GLN B 141 -19.01 -46.35 41.98
N LEU B 142 -18.08 -46.56 41.05
CA LEU B 142 -18.41 -47.14 39.76
C LEU B 142 -18.54 -48.64 39.83
N ARG B 143 -17.67 -49.29 40.60
CA ARG B 143 -17.66 -50.74 40.70
C ARG B 143 -18.88 -51.22 41.47
N GLU B 144 -19.27 -50.46 42.50
CA GLU B 144 -20.42 -50.78 43.35
C GLU B 144 -21.71 -50.54 42.59
N GLN B 145 -21.65 -49.63 41.62
CA GLN B 145 -22.79 -49.36 40.77
C GLN B 145 -23.02 -50.51 39.78
N TYR B 146 -21.99 -51.32 39.55
CA TYR B 146 -22.06 -52.44 38.59
C TYR B 146 -22.40 -53.73 39.29
N ASP B 147 -23.54 -53.74 40.01
CA ASP B 147 -24.07 -54.93 40.70
C ASP B 147 -25.61 -54.91 40.73
N ILE B 173 -55.17 -66.20 23.42
CA ILE B 173 -54.99 -65.64 22.08
C ILE B 173 -56.31 -65.40 21.38
N PRO B 174 -56.49 -64.20 20.84
CA PRO B 174 -57.72 -63.83 20.15
C PRO B 174 -57.77 -64.36 18.72
N GLU B 175 -58.97 -64.69 18.28
CA GLU B 175 -59.18 -65.46 17.05
C GLU B 175 -58.46 -64.93 15.83
N ASP B 176 -58.38 -63.61 15.71
CA ASP B 176 -57.79 -62.96 14.53
C ASP B 176 -56.28 -63.14 14.43
N GLN B 177 -55.66 -63.51 15.54
CA GLN B 177 -54.22 -63.74 15.59
C GLN B 177 -53.88 -65.22 15.85
N LYS B 178 -54.88 -66.08 15.98
CA LYS B 178 -54.63 -67.50 16.23
C LYS B 178 -53.73 -68.16 15.19
N LYS B 179 -54.14 -68.13 13.93
CA LYS B 179 -53.38 -68.75 12.86
C LYS B 179 -51.97 -68.19 12.79
N PHE B 180 -51.84 -66.89 12.96
CA PHE B 180 -50.55 -66.20 12.93
C PHE B 180 -49.54 -66.80 13.90
N ILE B 181 -49.99 -67.00 15.13
CA ILE B 181 -49.15 -67.55 16.20
C ILE B 181 -48.79 -69.01 15.93
N ASP B 182 -49.69 -69.75 15.28
CA ASP B 182 -49.45 -71.14 14.93
C ASP B 182 -48.44 -71.20 13.81
N GLN B 183 -48.53 -70.26 12.88
CA GLN B 183 -47.59 -70.21 11.76
C GLN B 183 -46.22 -69.81 12.25
N VAL B 184 -46.14 -69.39 13.52
CA VAL B 184 -44.89 -68.99 14.15
C VAL B 184 -44.34 -70.08 15.08
N VAL B 185 -45.21 -70.79 15.79
CA VAL B 185 -44.78 -71.94 16.60
C VAL B 185 -44.16 -73.03 15.71
N GLU B 186 -44.84 -73.33 14.60
CA GLU B 186 -44.39 -74.32 13.62
C GLU B 186 -42.97 -74.06 13.13
N LYS B 187 -42.66 -72.81 12.82
CA LYS B 187 -41.31 -72.43 12.41
C LYS B 187 -40.32 -72.75 13.53
N ILE B 188 -40.79 -72.68 14.77
CA ILE B 188 -39.99 -73.01 15.94
C ILE B 188 -39.85 -74.51 16.12
N GLU B 189 -40.86 -75.29 15.79
CA GLU B 189 -40.77 -76.76 15.87
C GLU B 189 -39.84 -77.35 14.81
N ASP B 190 -39.53 -76.57 13.76
CA ASP B 190 -38.44 -76.91 12.84
C ASP B 190 -37.12 -76.49 13.49
N LEU B 191 -36.88 -75.18 13.60
CA LEU B 191 -35.63 -74.67 14.16
C LEU B 191 -35.17 -75.40 15.44
N LEU B 192 -36.13 -75.91 16.21
CA LEU B 192 -35.85 -76.73 17.38
C LEU B 192 -35.80 -78.21 16.99
N GLN B 193 -34.93 -78.52 16.01
CA GLN B 193 -34.67 -79.88 15.53
C GLN B 193 -33.51 -79.89 14.51
N SER B 194 -33.58 -79.01 13.51
CA SER B 194 -32.67 -79.03 12.37
C SER B 194 -31.20 -78.88 12.75
N GLU B 195 -30.33 -79.34 11.87
CA GLU B 195 -28.90 -79.47 12.18
C GLU B 195 -28.08 -78.21 11.86
N GLU B 196 -28.73 -77.15 11.39
CA GLU B 196 -28.06 -75.87 11.18
C GLU B 196 -27.90 -75.13 12.51
N ASN B 197 -26.87 -74.28 12.57
CA ASN B 197 -26.76 -73.26 13.62
C ASN B 197 -27.29 -71.94 13.07
N LYS B 198 -28.58 -71.94 12.71
CA LYS B 198 -29.19 -70.83 12.00
C LYS B 198 -30.13 -70.00 12.89
N ASN B 199 -30.40 -68.77 12.45
CA ASN B 199 -31.38 -67.90 13.11
C ASN B 199 -32.73 -67.89 12.41
N LEU B 200 -33.77 -67.78 13.23
CA LEU B 200 -35.13 -67.62 12.75
C LEU B 200 -35.41 -66.14 12.58
N ASP B 201 -35.13 -65.64 11.37
CA ASP B 201 -35.49 -64.27 10.98
C ASP B 201 -37.02 -64.13 10.83
N LEU B 202 -37.70 -63.91 11.95
CA LEU B 202 -39.15 -63.74 11.96
C LEU B 202 -39.47 -62.42 11.32
N GLU B 203 -40.51 -62.40 10.50
CA GLU B 203 -40.84 -61.22 9.72
C GLU B 203 -41.36 -60.13 10.65
N PRO B 204 -41.07 -58.87 10.35
CA PRO B 204 -41.50 -57.76 11.20
C PRO B 204 -42.99 -57.81 11.48
N CYS B 205 -43.35 -57.70 12.75
CA CYS B 205 -44.74 -57.77 13.22
C CYS B 205 -45.14 -56.45 13.95
N THR B 206 -46.33 -56.41 14.55
CA THR B 206 -46.93 -55.13 14.98
C THR B 206 -46.62 -54.62 16.39
N GLY B 207 -46.16 -55.47 17.30
CA GLY B 207 -45.92 -55.00 18.66
C GLY B 207 -46.92 -55.58 19.63
N PHE B 208 -48.18 -55.63 19.19
CA PHE B 208 -49.20 -56.43 19.87
C PHE B 208 -48.99 -57.88 19.47
N GLN B 209 -48.50 -58.08 18.24
CA GLN B 209 -48.17 -59.42 17.77
C GLN B 209 -46.88 -59.89 18.43
N ARG B 210 -45.88 -59.01 18.37
CA ARG B 210 -44.60 -59.17 19.08
C ARG B 210 -44.82 -59.53 20.52
N LYS B 211 -45.80 -58.91 21.14
CA LYS B 211 -46.06 -59.11 22.54
C LYS B 211 -46.72 -60.45 22.68
N LEU B 212 -47.68 -60.74 21.79
CA LEU B 212 -48.37 -62.02 21.82
C LEU B 212 -47.36 -63.17 21.65
N ILE B 213 -46.30 -62.94 20.86
CA ILE B 213 -45.28 -63.95 20.57
C ILE B 213 -44.41 -64.22 21.79
N TYR B 214 -43.97 -63.16 22.48
CA TYR B 214 -43.11 -63.27 23.68
C TYR B 214 -43.88 -63.97 24.77
N GLN B 215 -45.05 -63.43 25.10
CA GLN B 215 -45.96 -64.09 26.04
C GLN B 215 -46.07 -65.58 25.76
N THR B 216 -45.97 -65.95 24.48
CA THR B 216 -46.17 -67.34 24.04
C THR B 216 -44.89 -68.21 24.03
N LEU B 217 -43.75 -67.62 23.72
CA LEU B 217 -42.48 -68.32 23.80
C LEU B 217 -41.95 -68.32 25.24
N SER B 218 -42.76 -67.83 26.17
CA SER B 218 -42.42 -67.87 27.58
C SER B 218 -42.89 -69.19 28.18
N TRP B 219 -44.14 -69.58 27.90
CA TRP B 219 -44.69 -70.79 28.51
C TRP B 219 -44.50 -72.06 27.68
N LYS B 220 -44.18 -71.91 26.39
CA LYS B 220 -44.04 -73.06 25.48
C LYS B 220 -42.59 -73.36 25.11
N TYR B 221 -41.69 -72.41 25.27
CA TYR B 221 -40.26 -72.63 25.05
C TYR B 221 -39.37 -71.87 26.06
N PRO B 222 -39.46 -72.24 27.35
CA PRO B 222 -38.49 -71.75 28.35
C PRO B 222 -37.11 -72.46 28.28
N LYS B 223 -36.83 -73.11 27.16
CA LYS B 223 -35.68 -74.00 27.00
C LYS B 223 -34.63 -73.43 26.03
N GLY B 224 -34.85 -73.59 24.73
CA GLY B 224 -34.06 -72.91 23.70
C GLY B 224 -34.77 -71.63 23.30
N ILE B 225 -34.96 -70.76 24.30
CA ILE B 225 -35.64 -69.49 24.13
C ILE B 225 -34.69 -68.55 23.39
N HIS B 226 -34.42 -67.41 24.01
CA HIS B 226 -33.69 -66.29 23.45
C HIS B 226 -34.40 -65.59 22.30
N VAL B 227 -35.02 -64.48 22.66
CA VAL B 227 -35.65 -63.58 21.70
C VAL B 227 -34.94 -62.24 21.79
N GLU B 228 -34.85 -61.57 20.65
CA GLU B 228 -34.19 -60.27 20.55
C GLU B 228 -35.02 -59.38 19.62
N THR B 229 -34.77 -58.08 19.60
CA THR B 229 -35.54 -57.20 18.72
C THR B 229 -34.61 -56.20 18.07
N LEU B 230 -34.17 -56.52 16.86
CA LEU B 230 -33.22 -55.70 16.15
C LEU B 230 -33.93 -54.69 15.24
N GLU B 231 -33.14 -53.90 14.53
CA GLU B 231 -33.63 -53.00 13.50
C GLU B 231 -32.77 -53.12 12.24
N THR B 232 -33.34 -52.75 11.11
CA THR B 232 -32.61 -52.70 9.84
C THR B 232 -31.84 -51.37 9.74
N GLU B 233 -31.06 -51.19 8.68
CA GLU B 233 -30.41 -49.91 8.37
C GLU B 233 -31.40 -48.88 7.79
N LYS B 234 -32.40 -49.37 7.04
CA LYS B 234 -33.53 -48.56 6.56
C LYS B 234 -34.67 -48.43 7.61
N LYS B 235 -34.40 -48.88 8.84
CA LYS B 235 -35.30 -48.80 10.01
C LYS B 235 -36.40 -49.89 10.00
N GLU B 236 -37.27 -49.86 11.02
CA GLU B 236 -38.30 -50.89 11.29
C GLU B 236 -37.80 -51.76 12.45
N ARG B 237 -38.59 -52.77 12.85
CA ARG B 237 -38.19 -53.69 13.94
C ARG B 237 -38.58 -55.14 13.63
N TYR B 238 -37.63 -56.07 13.84
CA TYR B 238 -37.91 -57.49 13.71
C TYR B 238 -37.55 -58.30 14.96
N ILE B 239 -37.96 -59.57 14.98
CA ILE B 239 -37.62 -60.49 16.05
C ILE B 239 -36.62 -61.50 15.51
N VAL B 240 -35.74 -61.99 16.39
CA VAL B 240 -34.87 -63.13 16.07
C VAL B 240 -34.89 -64.16 17.19
N ILE B 241 -35.07 -65.42 16.82
CA ILE B 241 -35.13 -66.50 17.79
C ILE B 241 -34.00 -67.51 17.52
N SER B 242 -33.28 -67.86 18.59
CA SER B 242 -32.10 -68.72 18.49
C SER B 242 -32.18 -69.94 19.42
N LYS B 243 -31.43 -70.98 19.03
CA LYS B 243 -31.27 -72.19 19.83
C LYS B 243 -30.16 -71.91 20.85
N VAL B 244 -30.50 -71.94 22.14
CA VAL B 244 -29.55 -71.53 23.17
C VAL B 244 -29.54 -72.54 24.31
N ASP B 245 -28.51 -73.39 24.32
CA ASP B 245 -28.31 -74.39 25.36
C ASP B 245 -27.86 -73.71 26.64
N GLU B 246 -27.99 -74.40 27.77
CA GLU B 246 -27.61 -73.82 29.07
C GLU B 246 -26.12 -73.47 29.20
N GLU B 247 -25.23 -74.21 28.54
CA GLU B 247 -23.81 -73.87 28.58
C GLU B 247 -23.46 -72.65 27.73
N GLU B 248 -24.18 -72.44 26.63
CA GLU B 248 -24.02 -71.22 25.80
C GLU B 248 -24.56 -70.00 26.55
N ARG B 249 -25.62 -70.22 27.31
CA ARG B 249 -26.26 -69.17 28.10
C ARG B 249 -25.32 -68.65 29.18
N LYS B 250 -24.75 -69.57 29.95
CA LYS B 250 -23.79 -69.21 30.99
C LYS B 250 -22.62 -68.47 30.36
N ARG B 251 -22.01 -69.08 29.34
CA ARG B 251 -20.82 -68.55 28.67
C ARG B 251 -21.03 -67.16 28.11
N ARG B 252 -22.18 -66.95 27.49
CA ARG B 252 -22.51 -65.65 26.95
C ARG B 252 -22.59 -64.60 28.05
N GLU B 253 -23.16 -64.98 29.20
CA GLU B 253 -23.37 -64.05 30.31
C GLU B 253 -22.25 -64.11 31.35
N GLN B 254 -21.15 -64.77 30.99
CA GLN B 254 -19.89 -64.62 31.72
C GLN B 254 -18.84 -63.93 30.84
N GLN B 255 -18.94 -64.09 29.51
CA GLN B 255 -18.21 -63.24 28.56
C GLN B 255 -18.60 -61.80 28.82
N LYS B 256 -19.89 -61.62 29.13
CA LYS B 256 -20.53 -60.31 29.33
C LYS B 256 -20.09 -59.65 30.64
N HIS B 257 -20.00 -60.43 31.71
CA HIS B 257 -19.46 -59.93 32.98
C HIS B 257 -17.96 -59.62 32.87
N ALA B 258 -17.27 -60.43 32.08
CA ALA B 258 -15.84 -60.27 31.86
C ALA B 258 -15.57 -59.02 31.07
N LYS B 259 -16.36 -58.80 30.01
CA LYS B 259 -16.20 -57.63 29.14
C LYS B 259 -16.35 -56.33 29.93
N GLU B 260 -17.45 -56.16 30.66
CA GLU B 260 -17.59 -54.98 31.51
C GLU B 260 -16.51 -54.85 32.61
N GLN B 261 -16.08 -55.96 33.20
CA GLN B 261 -14.96 -55.90 34.14
C GLN B 261 -13.63 -55.45 33.51
N GLU B 262 -13.44 -55.67 32.22
CA GLU B 262 -12.26 -55.15 31.54
C GLU B 262 -12.44 -53.67 31.25
N GLU B 263 -13.58 -53.31 30.70
CA GLU B 263 -14.00 -51.91 30.49
C GLU B 263 -13.79 -51.01 31.71
N LEU B 264 -13.96 -51.59 32.89
CA LEU B 264 -13.86 -50.91 34.17
C LEU B 264 -12.40 -50.63 34.49
N ASN B 265 -11.56 -51.64 34.26
CA ASN B 265 -10.13 -51.51 34.42
C ASN B 265 -9.54 -50.52 33.44
N ASP B 266 -10.01 -50.54 32.20
CA ASP B 266 -9.49 -49.63 31.19
C ASP B 266 -9.89 -48.16 31.51
N ALA B 267 -10.98 -48.02 32.25
CA ALA B 267 -11.48 -46.73 32.66
C ALA B 267 -10.61 -46.14 33.77
N VAL B 268 -10.06 -46.98 34.64
CA VAL B 268 -9.16 -46.45 35.67
C VAL B 268 -7.85 -46.04 35.02
N GLY B 269 -7.58 -46.59 33.84
CA GLY B 269 -6.57 -46.09 32.93
C GLY B 269 -5.24 -45.75 33.54
N PHE B 270 -4.81 -44.50 33.40
CA PHE B 270 -3.47 -44.05 33.79
C PHE B 270 -3.17 -44.14 35.26
N SER B 271 -4.19 -44.19 36.10
CA SER B 271 -4.00 -44.35 37.54
C SER B 271 -3.25 -45.62 37.88
N ARG B 272 -3.37 -46.63 37.03
CA ARG B 272 -2.61 -47.89 37.16
C ARG B 272 -1.10 -47.63 37.13
N VAL B 273 -0.67 -46.66 36.33
CA VAL B 273 0.76 -46.34 36.23
C VAL B 273 1.21 -45.67 37.50
N ILE B 274 0.38 -44.77 38.01
CA ILE B 274 0.69 -44.05 39.25
C ILE B 274 0.69 -45.07 40.38
N HIS B 275 -0.25 -46.00 40.34
CA HIS B 275 -0.31 -47.04 41.36
C HIS B 275 0.99 -47.85 41.35
N ALA B 276 1.43 -48.26 40.17
CA ALA B 276 2.69 -48.99 40.04
C ALA B 276 3.88 -48.20 40.60
N ILE B 277 3.93 -46.90 40.32
CA ILE B 277 4.97 -46.02 40.85
C ILE B 277 4.86 -45.92 42.37
N ALA B 278 3.64 -45.72 42.85
CA ALA B 278 3.36 -45.66 44.28
C ALA B 278 3.93 -46.86 45.04
N ASN B 279 3.72 -48.06 44.50
CA ASN B 279 4.08 -49.29 45.22
C ASN B 279 5.41 -49.94 44.81
N SER B 280 6.20 -49.23 44.02
CA SER B 280 7.53 -49.67 43.65
C SER B 280 8.53 -49.48 44.79
N GLY B 281 8.25 -48.60 45.74
CA GLY B 281 9.20 -48.27 46.79
C GLY B 281 10.33 -47.30 46.40
N LYS B 282 10.43 -46.95 45.12
CA LYS B 282 11.60 -46.23 44.58
C LYS B 282 11.46 -44.71 44.65
N LEU B 283 12.61 -44.07 44.78
CA LEU B 283 12.74 -42.62 44.82
C LEU B 283 12.13 -41.97 43.58
N VAL B 284 11.27 -40.98 43.79
CA VAL B 284 10.65 -40.25 42.69
C VAL B 284 11.19 -38.84 42.70
N ILE B 285 11.76 -38.41 41.58
CA ILE B 285 12.48 -37.14 41.50
C ILE B 285 11.67 -36.11 40.70
N GLY B 286 11.77 -34.86 41.08
CA GLY B 286 11.13 -33.80 40.33
C GLY B 286 11.87 -32.49 40.47
N HIS B 287 11.37 -31.47 39.78
CA HIS B 287 11.93 -30.14 39.90
C HIS B 287 10.78 -29.16 40.22
N ASN B 288 10.83 -28.56 41.42
CA ASN B 288 9.76 -27.69 41.89
C ASN B 288 8.45 -28.42 41.78
N MET B 289 8.39 -29.60 42.38
CA MET B 289 7.33 -30.55 42.07
C MET B 289 6.06 -30.47 42.90
N LEU B 290 5.93 -29.53 43.83
CA LEU B 290 4.74 -29.48 44.68
C LEU B 290 3.44 -29.58 43.88
N LEU B 291 3.26 -28.67 42.92
CA LEU B 291 2.07 -28.62 42.08
C LEU B 291 1.87 -29.89 41.29
N ASP B 292 2.98 -30.45 40.80
CA ASP B 292 2.94 -31.72 40.09
C ASP B 292 2.32 -32.79 40.98
N VAL B 293 2.87 -32.91 42.19
CA VAL B 293 2.43 -33.85 43.18
C VAL B 293 0.96 -33.61 43.56
N MET B 294 0.59 -32.38 43.85
CA MET B 294 -0.82 -32.06 44.12
C MET B 294 -1.78 -32.50 43.01
N HIS B 295 -1.44 -32.21 41.77
CA HIS B 295 -2.27 -32.60 40.64
C HIS B 295 -2.31 -34.13 40.46
N THR B 296 -1.22 -34.82 40.80
CA THR B 296 -1.15 -36.28 40.63
C THR B 296 -2.10 -36.93 41.63
N VAL B 297 -1.94 -36.60 42.91
CA VAL B 297 -2.83 -37.18 43.91
C VAL B 297 -4.26 -36.72 43.66
N HIS B 298 -4.47 -35.46 43.30
CA HIS B 298 -5.83 -35.00 43.08
C HIS B 298 -6.52 -35.85 42.02
N GLN B 299 -5.85 -36.06 40.90
CA GLN B 299 -6.49 -36.66 39.72
C GLN B 299 -6.49 -38.19 39.77
N PHE B 300 -5.37 -38.77 40.18
CA PHE B 300 -5.18 -40.23 40.11
C PHE B 300 -5.26 -40.98 41.45
N TYR B 301 -5.45 -40.26 42.57
CA TYR B 301 -5.59 -40.89 43.89
C TYR B 301 -6.88 -40.47 44.62
N CYS B 302 -6.87 -39.36 45.36
CA CYS B 302 -8.09 -38.81 45.96
C CYS B 302 -8.22 -37.30 45.73
N PRO B 303 -9.42 -36.78 45.53
CA PRO B 303 -9.56 -35.34 45.41
C PRO B 303 -8.95 -34.72 46.63
N LEU B 304 -8.20 -33.63 46.47
CA LEU B 304 -7.39 -33.11 47.56
C LEU B 304 -8.23 -32.92 48.81
N PRO B 305 -7.65 -33.20 49.96
CA PRO B 305 -8.37 -33.06 51.23
C PRO B 305 -8.41 -31.61 51.67
N ALA B 306 -9.30 -31.37 52.63
CA ALA B 306 -9.52 -30.04 53.16
C ALA B 306 -8.23 -29.38 53.67
N ASP B 307 -7.38 -30.16 54.36
CA ASP B 307 -6.22 -29.58 55.05
C ASP B 307 -4.87 -30.23 54.70
N LEU B 308 -3.80 -29.54 55.07
CA LEU B 308 -2.43 -29.96 54.78
C LEU B 308 -2.13 -31.33 55.37
N SER B 309 -2.43 -31.51 56.65
CA SER B 309 -2.16 -32.76 57.39
C SER B 309 -2.71 -33.97 56.64
N GLU B 310 -3.96 -33.87 56.19
CA GLU B 310 -4.58 -34.93 55.40
C GLU B 310 -3.90 -35.10 54.03
N PHE B 311 -3.45 -34.01 53.43
CA PHE B 311 -2.74 -34.06 52.16
C PHE B 311 -1.39 -34.80 52.23
N LYS B 312 -0.59 -34.57 53.28
CA LYS B 312 0.70 -35.26 53.42
C LYS B 312 0.49 -36.77 53.57
N GLU B 313 -0.54 -37.15 54.32
CA GLU B 313 -0.94 -38.55 54.45
C GLU B 313 -1.14 -39.19 53.07
N MET B 314 -1.94 -38.56 52.21
CA MET B 314 -2.13 -39.03 50.83
C MET B 314 -0.80 -39.10 50.06
N THR B 315 0.02 -38.06 50.19
CA THR B 315 1.29 -37.99 49.49
C THR B 315 2.21 -39.14 49.90
N THR B 316 2.21 -39.49 51.17
CA THR B 316 3.00 -40.60 51.69
C THR B 316 2.66 -41.87 50.91
N CYS B 317 1.36 -42.13 50.75
CA CYS B 317 0.89 -43.36 50.12
C CYS B 317 1.06 -43.39 48.62
N VAL B 318 1.18 -42.21 48.00
CA VAL B 318 1.34 -42.09 46.54
C VAL B 318 2.82 -42.02 46.16
N PHE B 319 3.61 -41.39 47.01
CA PHE B 319 4.99 -41.12 46.71
C PHE B 319 5.75 -41.12 48.05
N PRO B 320 6.00 -42.30 48.62
CA PRO B 320 6.72 -42.40 49.90
C PRO B 320 8.19 -41.87 49.88
N ARG B 321 8.79 -41.75 48.69
CA ARG B 321 10.15 -41.25 48.55
C ARG B 321 10.29 -40.14 47.48
N LEU B 322 10.44 -38.91 47.91
CA LEU B 322 10.52 -37.75 47.01
C LEU B 322 11.78 -36.99 47.22
N LEU B 323 12.27 -36.38 46.15
CA LEU B 323 13.34 -35.41 46.22
C LEU B 323 13.07 -34.36 45.16
N ASP B 324 13.22 -33.10 45.52
CA ASP B 324 12.99 -31.99 44.61
C ASP B 324 14.33 -31.39 44.28
N THR B 325 14.70 -31.39 43.01
CA THR B 325 16.04 -30.97 42.60
C THR B 325 16.28 -29.47 42.73
N LYS B 326 15.21 -28.69 42.70
CA LYS B 326 15.32 -27.25 42.89
C LYS B 326 15.61 -27.00 44.39
N LEU B 327 14.90 -27.71 45.27
CA LEU B 327 15.26 -27.69 46.68
C LEU B 327 16.68 -28.19 46.91
N MET B 328 17.08 -29.27 46.25
CA MET B 328 18.41 -29.84 46.48
C MET B 328 19.48 -28.83 46.07
N ALA B 329 19.27 -28.18 44.93
CA ALA B 329 20.20 -27.16 44.46
C ALA B 329 20.29 -25.97 45.41
N SER B 330 19.19 -25.69 46.11
CA SER B 330 19.09 -24.62 47.08
C SER B 330 19.71 -24.92 48.45
N THR B 331 19.90 -26.20 48.76
CA THR B 331 20.51 -26.60 50.04
C THR B 331 22.02 -26.66 49.88
N GLN B 332 22.74 -26.65 51.00
CA GLN B 332 24.18 -26.90 51.01
C GLN B 332 24.42 -28.39 50.74
N PRO B 333 25.53 -28.75 50.08
CA PRO B 333 26.61 -27.84 49.70
C PRO B 333 26.49 -27.20 48.28
N PHE B 334 25.30 -27.19 47.70
CA PHE B 334 25.11 -26.67 46.34
C PHE B 334 24.66 -25.22 46.31
N LYS B 335 24.14 -24.72 47.43
CA LYS B 335 23.65 -23.34 47.54
C LYS B 335 24.76 -22.32 47.27
N ASP B 336 25.97 -22.66 47.71
CA ASP B 336 27.14 -21.80 47.60
C ASP B 336 27.86 -21.84 46.25
N ILE B 337 27.46 -22.75 45.35
CA ILE B 337 28.08 -22.79 44.01
C ILE B 337 27.11 -22.45 42.87
N ILE B 338 25.86 -22.88 43.02
CA ILE B 338 24.85 -22.72 42.00
C ILE B 338 24.12 -21.40 42.20
N ASN B 339 24.16 -20.55 41.17
CA ASN B 339 23.51 -19.24 41.18
C ASN B 339 22.10 -19.22 40.62
N ASN B 340 21.71 -20.23 39.83
CA ASN B 340 20.39 -20.22 39.20
C ASN B 340 19.82 -21.63 39.31
N THR B 341 18.68 -21.77 39.98
CA THR B 341 18.06 -23.08 40.21
C THR B 341 17.00 -23.45 39.17
N SER B 342 16.76 -22.55 38.23
CA SER B 342 15.93 -22.83 37.05
C SER B 342 16.45 -24.07 36.33
N LEU B 343 15.54 -24.96 35.94
CA LEU B 343 15.89 -26.29 35.41
C LEU B 343 16.93 -26.34 34.27
N ALA B 344 16.60 -25.75 33.12
CA ALA B 344 17.51 -25.74 31.98
C ALA B 344 18.85 -25.14 32.38
N GLU B 345 18.79 -24.01 33.08
CA GLU B 345 20.00 -23.29 33.50
C GLU B 345 20.81 -24.10 34.53
N LEU B 346 20.12 -24.97 35.26
CA LEU B 346 20.75 -25.76 36.31
C LEU B 346 21.53 -26.90 35.68
N GLU B 347 20.96 -27.57 34.69
CA GLU B 347 21.59 -28.77 34.22
C GLU B 347 22.80 -28.39 33.41
N LYS B 348 22.74 -27.25 32.70
CA LYS B 348 23.92 -26.72 32.02
C LYS B 348 25.00 -26.46 33.04
N ARG B 349 24.67 -25.73 34.09
CA ARG B 349 25.57 -25.51 35.24
C ARG B 349 26.23 -26.80 35.77
N LEU B 350 25.45 -27.87 35.83
CA LEU B 350 25.89 -29.13 36.43
C LEU B 350 26.78 -29.97 35.50
N LYS B 351 27.09 -29.45 34.32
CA LYS B 351 28.02 -30.09 33.41
C LYS B 351 29.38 -29.48 33.60
N GLU B 352 29.39 -28.20 33.97
CA GLU B 352 30.61 -27.48 34.27
C GLU B 352 31.20 -27.91 35.64
N THR B 353 32.47 -27.60 35.88
CA THR B 353 33.12 -27.97 37.14
C THR B 353 32.56 -27.06 38.23
N PRO B 354 32.56 -27.51 39.49
CA PRO B 354 33.18 -28.76 39.95
C PRO B 354 32.41 -30.07 39.69
N PHE B 355 31.32 -30.00 38.92
CA PHE B 355 30.51 -31.17 38.68
C PHE B 355 31.03 -32.00 37.52
N ASN B 356 30.34 -33.12 37.27
CA ASN B 356 30.62 -33.99 36.15
C ASN B 356 29.32 -34.46 35.53
N PRO B 357 29.08 -34.12 34.27
CA PRO B 357 27.84 -34.52 33.61
C PRO B 357 27.75 -36.04 33.52
N PRO B 358 26.66 -36.64 33.99
CA PRO B 358 26.53 -38.10 33.96
C PRO B 358 26.58 -38.65 32.54
N LYS B 359 27.38 -39.68 32.28
CA LYS B 359 27.31 -40.37 30.99
C LYS B 359 26.00 -41.13 31.00
N VAL B 360 25.27 -41.07 29.89
CA VAL B 360 23.92 -41.59 29.88
C VAL B 360 23.45 -41.93 28.48
N GLU B 361 22.54 -42.88 28.39
CA GLU B 361 22.08 -43.42 27.11
C GLU B 361 20.68 -43.96 27.23
N SER B 362 19.93 -43.92 26.14
CA SER B 362 18.61 -44.55 26.10
C SER B 362 18.72 -46.07 25.97
N ALA B 363 17.63 -46.77 26.31
CA ALA B 363 17.60 -48.23 26.30
C ALA B 363 17.34 -48.64 24.90
N GLU B 364 17.58 -49.91 24.62
CA GLU B 364 17.45 -50.45 23.28
C GLU B 364 16.01 -50.32 22.82
N GLY B 365 15.84 -49.70 21.65
CA GLY B 365 14.52 -49.52 21.04
C GLY B 365 13.77 -48.29 21.54
N PHE B 366 14.36 -47.54 22.46
CA PHE B 366 13.71 -46.39 23.03
C PHE B 366 14.26 -45.13 22.36
N PRO B 367 13.36 -44.19 22.05
CA PRO B 367 13.74 -42.90 21.45
C PRO B 367 14.76 -42.13 22.25
N SER B 368 15.58 -41.33 21.60
CA SER B 368 16.51 -40.45 22.31
C SER B 368 16.22 -38.99 21.98
N TYR B 369 16.80 -38.10 22.77
CA TYR B 369 16.72 -36.66 22.51
C TYR B 369 17.93 -36.18 21.67
N GLN B 375 15.92 -28.34 20.40
CA GLN B 375 15.20 -29.30 21.25
C GLN B 375 14.06 -28.73 22.17
N LEU B 376 12.82 -29.00 21.79
CA LEU B 376 11.63 -28.40 22.37
C LEU B 376 11.17 -29.04 23.67
N HIS B 377 10.43 -28.27 24.50
CA HIS B 377 10.09 -28.74 25.84
C HIS B 377 8.93 -29.70 25.79
N GLU B 378 8.84 -30.44 26.87
CA GLU B 378 7.80 -31.41 27.10
C GLU B 378 8.08 -32.11 28.44
N ALA B 379 7.05 -32.68 29.01
CA ALA B 379 7.15 -33.35 30.29
C ALA B 379 8.29 -34.37 30.34
N GLY B 380 8.33 -35.27 29.37
CA GLY B 380 9.29 -36.36 29.33
C GLY B 380 10.74 -35.88 29.26
N TYR B 381 11.04 -34.90 28.41
CA TYR B 381 12.38 -34.31 28.35
C TYR B 381 12.73 -33.56 29.62
N ASP B 382 11.73 -33.00 30.27
CA ASP B 382 11.95 -32.28 31.51
C ASP B 382 12.30 -33.25 32.62
N ALA B 383 11.61 -34.38 32.67
CA ALA B 383 11.90 -35.40 33.69
C ALA B 383 13.34 -35.89 33.52
N TYR B 384 13.66 -36.13 32.26
CA TYR B 384 14.95 -36.58 31.83
C TYR B 384 16.05 -35.66 32.30
N ILE B 385 15.85 -34.36 32.13
CA ILE B 385 16.85 -33.36 32.49
C ILE B 385 16.87 -33.23 34.02
N THR B 386 15.69 -33.33 34.63
CA THR B 386 15.57 -33.34 36.09
C THR B 386 16.43 -34.46 36.71
N GLY B 387 16.34 -35.65 36.13
CA GLY B 387 17.12 -36.78 36.55
C GLY B 387 18.60 -36.56 36.31
N LEU B 388 18.96 -35.90 35.20
CA LEU B 388 20.36 -35.61 34.96
C LEU B 388 20.93 -34.71 36.06
N CYS B 389 20.20 -33.67 36.46
CA CYS B 389 20.66 -32.79 37.54
C CYS B 389 20.96 -33.56 38.84
N PHE B 390 20.12 -34.54 39.13
CA PHE B 390 20.19 -35.27 40.37
C PHE B 390 21.44 -36.12 40.39
N ILE B 391 21.58 -36.94 39.36
CA ILE B 391 22.76 -37.77 39.22
C ILE B 391 24.02 -36.91 39.32
N SER B 392 23.95 -35.75 38.71
CA SER B 392 25.10 -34.87 38.68
C SER B 392 25.39 -34.34 40.06
N MET B 393 24.32 -33.98 40.77
CA MET B 393 24.42 -33.36 42.08
C MET B 393 24.79 -34.44 43.06
N ALA B 394 24.22 -35.64 42.89
CA ALA B 394 24.42 -36.77 43.82
C ALA B 394 25.86 -37.26 43.81
N ASN B 395 26.46 -37.35 42.62
CA ASN B 395 27.86 -37.76 42.49
C ASN B 395 28.83 -36.80 43.18
N TYR B 396 28.51 -35.51 43.13
CA TYR B 396 29.30 -34.52 43.84
C TYR B 396 29.32 -34.78 45.34
N LEU B 397 28.21 -35.24 45.92
CA LEU B 397 28.15 -35.55 47.35
C LEU B 397 29.08 -36.70 47.68
N GLY B 398 29.18 -37.66 46.76
CA GLY B 398 30.07 -38.79 46.93
C GLY B 398 31.53 -38.44 46.82
N SER B 399 31.83 -37.32 46.21
CA SER B 399 33.21 -36.88 46.03
C SER B 399 33.87 -36.56 47.36
N PHE B 400 33.08 -36.36 48.40
CA PHE B 400 33.60 -36.00 49.74
C PHE B 400 33.87 -37.18 50.67
N LEU B 401 33.26 -38.34 50.40
CA LEU B 401 33.51 -39.53 51.21
C LEU B 401 35.01 -39.82 51.28
N SER B 402 35.44 -40.54 52.32
CA SER B 402 36.83 -40.98 52.44
C SER B 402 36.88 -42.50 52.61
N PRO B 403 37.20 -43.26 51.56
CA PRO B 403 37.66 -42.74 50.28
C PRO B 403 36.52 -42.18 49.42
N PRO B 404 36.80 -41.25 48.50
CA PRO B 404 35.78 -40.74 47.59
C PRO B 404 35.16 -41.83 46.71
N LYS B 405 33.82 -41.83 46.69
CA LYS B 405 33.01 -42.82 46.01
C LYS B 405 32.73 -42.34 44.59
N ILE B 406 32.45 -43.30 43.71
CA ILE B 406 32.27 -43.06 42.28
C ILE B 406 30.80 -42.79 41.93
N HIS B 407 30.00 -43.83 42.04
CA HIS B 407 28.57 -43.76 41.80
C HIS B 407 27.94 -43.70 43.19
N VAL B 408 27.09 -42.69 43.41
CA VAL B 408 26.26 -42.57 44.60
C VAL B 408 24.83 -42.95 44.23
N SER B 409 24.38 -44.09 44.75
CA SER B 409 23.07 -44.60 44.42
C SER B 409 21.96 -43.77 45.08
N ALA B 410 20.74 -43.99 44.63
CA ALA B 410 19.56 -43.34 45.20
C ALA B 410 19.16 -43.89 46.59
N ARG B 411 19.72 -45.04 46.95
CA ARG B 411 19.55 -45.64 48.28
C ARG B 411 20.63 -45.19 49.28
N SER B 412 21.57 -44.37 48.83
CA SER B 412 22.66 -43.89 49.69
C SER B 412 22.17 -43.10 50.88
N LYS B 413 22.95 -43.09 51.96
CA LYS B 413 22.70 -42.21 53.11
C LYS B 413 22.97 -40.74 52.75
N LEU B 414 23.71 -40.51 51.66
CA LEU B 414 24.02 -39.16 51.21
C LEU B 414 22.77 -38.41 50.74
N ILE B 415 21.73 -39.15 50.33
CA ILE B 415 20.53 -38.53 49.80
C ILE B 415 19.46 -38.26 50.86
N GLU B 416 19.42 -39.07 51.92
CA GLU B 416 18.40 -38.95 52.96
C GLU B 416 18.08 -37.54 53.42
N PRO B 417 19.10 -36.72 53.73
CA PRO B 417 18.82 -35.34 54.18
C PRO B 417 18.10 -34.48 53.15
N PHE B 418 17.84 -35.01 51.95
CA PHE B 418 17.07 -34.31 50.93
C PHE B 418 15.75 -35.01 50.60
N PHE B 419 15.40 -36.09 51.32
CA PHE B 419 14.15 -36.80 51.07
C PHE B 419 12.95 -36.02 51.53
N ASN B 420 11.80 -36.41 50.99
CA ASN B 420 10.47 -35.85 51.29
C ASN B 420 10.41 -34.38 51.76
N LYS B 421 11.26 -33.58 51.13
CA LYS B 421 11.31 -32.15 51.32
C LYS B 421 11.13 -31.58 49.92
N LEU B 422 10.04 -30.82 49.74
CA LEU B 422 9.70 -30.19 48.46
C LEU B 422 9.89 -28.67 48.50
N PHE B 423 10.30 -28.10 47.37
CA PHE B 423 10.72 -26.70 47.27
C PHE B 423 9.74 -25.67 47.87
N LEU B 424 8.43 -25.92 47.78
CA LEU B 424 7.44 -24.99 48.33
C LEU B 424 6.88 -25.51 49.66
N MET B 425 6.56 -26.80 49.71
CA MET B 425 6.10 -27.46 50.94
C MET B 425 7.27 -28.12 51.67
N ARG B 426 7.89 -27.39 52.60
CA ARG B 426 9.13 -27.84 53.24
C ARG B 426 8.99 -29.14 54.04
N VAL B 427 7.84 -29.37 54.67
CA VAL B 427 7.46 -30.62 55.33
C VAL B 427 8.51 -31.02 56.36
N MET C 1 -13.34 -22.67 3.56
CA MET C 1 -12.10 -23.42 3.91
C MET C 1 -11.87 -23.45 5.42
N GLU C 2 -10.76 -24.05 5.84
CA GLU C 2 -10.30 -23.97 7.22
C GLU C 2 -9.42 -22.72 7.30
N ILE C 3 -9.73 -21.86 8.25
CA ILE C 3 -9.02 -20.61 8.41
C ILE C 3 -8.46 -20.57 9.80
N ILE C 4 -7.14 -20.57 9.89
CA ILE C 4 -6.43 -20.52 11.17
C ILE C 4 -5.40 -19.38 11.08
N ARG C 5 -4.67 -19.16 12.16
CA ARG C 5 -3.71 -18.07 12.26
C ARG C 5 -2.89 -17.84 10.99
N SER C 6 -2.21 -18.90 10.55
CA SER C 6 -1.31 -18.87 9.39
C SER C 6 -2.00 -18.40 8.12
N ASN C 7 -3.25 -18.81 7.97
CA ASN C 7 -4.01 -18.58 6.75
C ASN C 7 -4.92 -17.34 6.77
N PHE C 8 -5.03 -16.67 7.90
CA PHE C 8 -6.04 -15.65 8.09
C PHE C 8 -5.89 -14.46 7.15
N LYS C 9 -4.80 -13.71 7.29
CA LYS C 9 -4.57 -12.53 6.45
C LYS C 9 -4.50 -12.94 4.98
N SER C 10 -3.92 -14.09 4.74
CA SER C 10 -3.84 -14.68 3.42
C SER C 10 -5.22 -14.84 2.76
N ASN C 11 -6.25 -15.19 3.54
CA ASN C 11 -7.63 -15.30 3.02
C ASN C 11 -8.59 -14.17 3.38
N LEU C 12 -8.12 -13.12 4.05
CA LEU C 12 -9.00 -12.07 4.51
C LEU C 12 -9.58 -11.29 3.33
N HIS C 13 -8.72 -10.90 2.39
CA HIS C 13 -9.15 -10.20 1.17
C HIS C 13 -10.10 -11.03 0.28
N LYS C 14 -10.41 -12.25 0.72
CA LYS C 14 -11.34 -13.16 0.06
C LYS C 14 -12.60 -13.38 0.88
N VAL C 15 -12.51 -13.20 2.19
CA VAL C 15 -13.66 -13.22 3.08
C VAL C 15 -14.46 -11.95 2.88
N TYR C 16 -13.75 -10.81 2.82
CA TYR C 16 -14.34 -9.52 2.49
C TYR C 16 -15.12 -9.65 1.20
N GLN C 17 -14.48 -10.26 0.21
CA GLN C 17 -15.14 -10.53 -1.06
C GLN C 17 -16.45 -11.21 -0.77
N ALA C 18 -16.42 -12.36 -0.11
CA ALA C 18 -17.64 -13.15 0.12
C ALA C 18 -18.74 -12.39 0.89
N ILE C 19 -18.33 -11.58 1.87
CA ILE C 19 -19.25 -10.81 2.68
C ILE C 19 -19.95 -9.78 1.79
N GLU C 20 -19.17 -9.10 0.96
CA GLU C 20 -19.64 -8.04 0.08
C GLU C 20 -20.61 -8.51 -1.03
N GLU C 21 -20.44 -9.74 -1.51
CA GLU C 21 -21.25 -10.20 -2.64
C GLU C 21 -22.43 -11.08 -2.25
N ALA C 22 -22.76 -11.15 -0.97
CA ALA C 22 -23.80 -12.06 -0.48
C ALA C 22 -25.14 -11.37 -0.31
N ASP C 23 -26.21 -12.15 -0.38
CA ASP C 23 -27.53 -11.71 0.04
C ASP C 23 -27.61 -11.72 1.57
N PHE C 24 -27.27 -12.86 2.17
CA PHE C 24 -27.33 -13.03 3.61
C PHE C 24 -26.34 -14.08 4.15
N PHE C 25 -26.17 -14.09 5.48
CA PHE C 25 -25.25 -14.95 6.18
C PHE C 25 -25.95 -15.86 7.12
N ALA C 26 -25.26 -16.93 7.46
CA ALA C 26 -25.72 -17.88 8.46
C ALA C 26 -24.51 -18.18 9.27
N ILE C 27 -24.65 -18.16 10.58
CA ILE C 27 -23.52 -18.37 11.45
C ILE C 27 -23.82 -19.42 12.53
N ASP C 28 -22.75 -19.83 13.19
CA ASP C 28 -22.79 -20.78 14.27
C ASP C 28 -21.45 -20.75 15.03
N GLY C 29 -21.45 -21.02 16.32
CA GLY C 29 -20.22 -21.08 17.09
C GLY C 29 -20.02 -22.47 17.67
N GLU C 30 -18.81 -22.78 18.12
CA GLU C 30 -18.56 -23.94 18.97
C GLU C 30 -17.80 -23.50 20.22
N PHE C 31 -18.27 -23.97 21.36
CA PHE C 31 -17.82 -23.43 22.61
C PHE C 31 -16.91 -24.43 23.30
N SER C 32 -16.03 -23.94 24.15
CA SER C 32 -15.17 -24.79 24.93
C SER C 32 -15.97 -25.55 26.00
N GLY C 33 -17.12 -25.00 26.36
CA GLY C 33 -18.13 -25.66 27.15
C GLY C 33 -19.43 -24.86 27.14
N ILE C 34 -20.40 -25.26 27.96
CA ILE C 34 -21.70 -24.62 27.98
C ILE C 34 -22.03 -23.93 29.31
N SER C 35 -21.96 -24.66 30.42
CA SER C 35 -22.36 -24.14 31.73
C SER C 35 -21.52 -24.63 32.93
N ASP C 36 -20.91 -23.69 33.68
CA ASP C 36 -20.08 -24.04 34.85
C ASP C 36 -20.85 -23.85 36.16
N PHE C 47 -38.20 -19.33 36.25
CA PHE C 47 -38.77 -18.07 36.79
C PHE C 47 -37.88 -16.80 36.71
N ASP C 48 -36.58 -16.94 36.45
CA ASP C 48 -35.72 -15.79 36.20
C ASP C 48 -36.40 -14.88 35.23
N THR C 49 -36.42 -13.58 35.53
CA THR C 49 -36.78 -12.58 34.56
C THR C 49 -35.66 -12.50 33.52
N PRO C 50 -35.97 -12.03 32.33
CA PRO C 50 -34.95 -11.81 31.30
C PRO C 50 -33.74 -11.05 31.80
N GLU C 51 -33.90 -10.12 32.72
CA GLU C 51 -32.77 -9.37 33.26
C GLU C 51 -32.00 -10.28 34.22
N GLU C 52 -32.72 -10.98 35.08
CA GLU C 52 -32.08 -11.81 36.07
C GLU C 52 -31.24 -12.88 35.39
N ARG C 53 -31.79 -13.52 34.35
CA ARG C 53 -31.07 -14.51 33.57
C ARG C 53 -29.91 -13.92 32.75
N TYR C 54 -30.09 -12.71 32.24
CA TYR C 54 -29.01 -12.07 31.47
C TYR C 54 -27.83 -11.90 32.40
N GLN C 55 -28.11 -11.87 33.68
CA GLN C 55 -27.10 -11.56 34.66
C GLN C 55 -26.30 -12.84 34.90
N LYS C 56 -27.00 -13.97 34.98
CA LYS C 56 -26.39 -15.24 35.33
C LYS C 56 -25.59 -15.79 34.15
N LEU C 57 -26.14 -15.67 32.94
CA LEU C 57 -25.37 -15.96 31.73
C LEU C 57 -24.03 -15.22 31.76
N LYS C 58 -24.09 -13.88 31.76
CA LYS C 58 -22.89 -13.03 31.77
C LYS C 58 -21.92 -13.38 32.90
N LYS C 59 -22.44 -13.89 34.01
CA LYS C 59 -21.61 -14.27 35.15
C LYS C 59 -20.85 -15.59 34.89
N HIS C 60 -21.55 -16.62 34.44
CA HIS C 60 -21.06 -18.01 34.46
C HIS C 60 -20.87 -18.64 33.07
N SER C 61 -21.27 -17.94 32.02
CA SER C 61 -21.31 -18.49 30.66
C SER C 61 -20.22 -17.93 29.76
N MET C 62 -19.76 -16.72 30.07
CA MET C 62 -18.73 -16.09 29.26
C MET C 62 -17.32 -16.50 29.67
N ASP C 63 -17.21 -17.32 30.72
CA ASP C 63 -15.98 -18.05 31.07
C ASP C 63 -15.52 -19.07 30.02
N PHE C 64 -16.45 -19.57 29.21
CA PHE C 64 -16.14 -20.48 28.13
C PHE C 64 -15.78 -19.67 26.88
N LEU C 65 -14.92 -20.23 26.07
CA LEU C 65 -14.50 -19.65 24.81
C LEU C 65 -15.46 -20.07 23.68
N LEU C 66 -15.70 -19.18 22.73
CA LEU C 66 -16.19 -19.60 21.41
C LEU C 66 -14.96 -19.69 20.57
N PHE C 67 -14.53 -20.90 20.24
CA PHE C 67 -13.27 -21.07 19.56
C PHE C 67 -13.39 -21.54 18.10
N GLN C 68 -14.60 -21.79 17.63
CA GLN C 68 -14.79 -21.98 16.20
C GLN C 68 -16.02 -21.24 15.71
N PHE C 69 -15.83 -20.31 14.79
CA PHE C 69 -16.91 -19.52 14.18
C PHE C 69 -17.17 -20.00 12.74
N GLY C 70 -18.28 -20.68 12.57
CA GLY C 70 -18.76 -21.07 11.27
C GLY C 70 -19.52 -19.92 10.66
N LEU C 71 -19.09 -19.48 9.48
CA LEU C 71 -19.84 -18.54 8.66
C LEU C 71 -20.12 -19.22 7.34
N CYS C 72 -21.36 -19.17 6.86
CA CYS C 72 -21.70 -19.53 5.49
C CYS C 72 -22.26 -18.30 4.77
N THR C 73 -21.97 -18.19 3.49
CA THR C 73 -22.35 -17.06 2.64
C THR C 73 -23.40 -17.55 1.66
N PHE C 74 -24.49 -16.79 1.47
CA PHE C 74 -25.51 -17.17 0.48
C PHE C 74 -25.77 -16.05 -0.49
N LYS C 75 -25.77 -16.37 -1.79
CA LYS C 75 -26.19 -15.44 -2.84
C LYS C 75 -27.12 -16.16 -3.78
N TYR C 76 -28.20 -15.50 -4.20
CA TYR C 76 -29.12 -16.12 -5.15
C TYR C 76 -28.77 -15.72 -6.56
N ASP C 77 -28.77 -16.74 -7.42
CA ASP C 77 -28.42 -16.66 -8.84
C ASP C 77 -29.72 -16.76 -9.64
N TYR C 78 -30.10 -15.64 -10.27
CA TYR C 78 -31.42 -15.51 -10.91
C TYR C 78 -31.50 -16.19 -12.27
N THR C 79 -30.40 -16.14 -13.02
CA THR C 79 -30.33 -16.77 -14.34
C THR C 79 -29.96 -18.26 -14.23
N ASP C 80 -30.73 -19.00 -13.43
CA ASP C 80 -30.48 -20.41 -13.08
C ASP C 80 -31.33 -20.96 -11.91
N SER C 81 -31.90 -20.07 -11.11
CA SER C 81 -32.76 -20.44 -9.98
C SER C 81 -32.05 -21.34 -8.98
N LYS C 82 -30.89 -20.87 -8.51
CA LYS C 82 -30.05 -21.66 -7.61
C LYS C 82 -29.26 -20.79 -6.64
N TYR C 83 -28.96 -21.32 -5.48
CA TYR C 83 -28.19 -20.62 -4.46
C TYR C 83 -26.70 -21.00 -4.52
N ILE C 84 -25.82 -20.00 -4.39
CA ILE C 84 -24.38 -20.22 -4.35
C ILE C 84 -23.82 -19.86 -2.96
N THR C 85 -23.15 -20.84 -2.34
CA THR C 85 -22.67 -20.71 -0.98
C THR C 85 -21.16 -20.85 -0.86
N LYS C 86 -20.59 -20.16 0.12
CA LYS C 86 -19.18 -20.29 0.50
C LYS C 86 -19.11 -20.45 2.01
N SER C 87 -18.90 -21.66 2.53
CA SER C 87 -18.79 -21.84 3.97
C SER C 87 -17.33 -21.74 4.43
N PHE C 88 -17.11 -21.20 5.63
CA PHE C 88 -15.79 -21.07 6.24
C PHE C 88 -15.78 -21.54 7.72
N ASN C 89 -14.66 -22.06 8.18
CA ASN C 89 -14.49 -22.34 9.61
C ASN C 89 -13.38 -21.47 10.12
N PHE C 90 -13.66 -20.55 11.03
CA PHE C 90 -12.61 -19.72 11.58
C PHE C 90 -12.31 -20.28 12.95
N TYR C 91 -11.04 -20.59 13.23
CA TYR C 91 -10.66 -21.04 14.55
C TYR C 91 -10.04 -19.82 15.17
N VAL C 92 -10.36 -19.59 16.43
CA VAL C 92 -9.98 -18.37 17.14
C VAL C 92 -9.56 -18.72 18.54
N PHE C 93 -8.54 -18.04 19.04
CA PHE C 93 -8.02 -18.32 20.35
C PHE C 93 -7.42 -17.03 20.94
N PRO C 94 -7.69 -16.73 22.21
CA PRO C 94 -7.22 -15.46 22.77
C PRO C 94 -5.71 -15.48 23.02
N LYS C 95 -4.92 -15.44 21.95
CA LYS C 95 -3.48 -15.60 22.15
C LYS C 95 -2.97 -14.23 22.52
N PRO C 96 -2.35 -14.11 23.69
CA PRO C 96 -1.79 -12.82 24.13
C PRO C 96 -0.79 -12.28 23.13
N PHE C 97 -1.04 -11.10 22.57
CA PHE C 97 -0.13 -10.46 21.63
C PHE C 97 1.22 -10.09 22.23
N ASN C 98 1.23 -9.62 23.48
CA ASN C 98 2.49 -9.37 24.19
C ASN C 98 2.40 -9.48 25.73
N ARG C 99 3.47 -9.05 26.39
CA ARG C 99 3.60 -9.12 27.85
C ARG C 99 2.52 -8.32 28.59
N SER C 100 2.19 -7.13 28.10
CA SER C 100 1.14 -6.29 28.69
C SER C 100 -0.25 -6.85 28.44
N SER C 101 -0.41 -7.67 27.40
CA SER C 101 -1.75 -8.10 26.97
C SER C 101 -2.41 -8.94 28.05
N PRO C 102 -3.74 -8.99 28.05
CA PRO C 102 -4.47 -9.82 29.00
C PRO C 102 -4.24 -11.31 28.79
N ASP C 103 -3.97 -12.01 29.88
CA ASP C 103 -3.77 -13.46 29.88
C ASP C 103 -5.07 -14.18 30.27
N VAL C 104 -5.92 -14.45 29.29
CA VAL C 104 -7.28 -14.93 29.52
C VAL C 104 -7.32 -16.32 30.15
N LYS C 105 -8.35 -16.59 30.95
CA LYS C 105 -8.55 -17.89 31.57
C LYS C 105 -9.93 -18.30 31.18
N PHE C 106 -10.03 -19.36 30.40
CA PHE C 106 -11.32 -19.81 29.93
C PHE C 106 -11.55 -21.14 30.55
N VAL C 107 -12.76 -21.63 30.41
CA VAL C 107 -13.18 -22.89 31.00
C VAL C 107 -13.47 -23.82 29.86
N CYS C 108 -13.07 -25.07 30.03
CA CYS C 108 -13.22 -26.12 29.05
C CYS C 108 -14.10 -27.15 29.81
N GLN C 109 -15.16 -27.66 29.21
CA GLN C 109 -16.03 -28.64 29.86
C GLN C 109 -15.89 -30.01 29.17
N SER C 110 -15.49 -31.00 29.96
CA SER C 110 -15.00 -32.28 29.47
C SER C 110 -15.97 -32.99 28.54
N SER C 111 -17.27 -32.79 28.72
CA SER C 111 -18.26 -33.47 27.88
C SER C 111 -18.48 -32.74 26.57
N SER C 112 -18.10 -31.47 26.54
CA SER C 112 -18.19 -30.69 25.32
C SER C 112 -17.03 -31.03 24.43
N ILE C 113 -15.84 -31.07 25.02
CA ILE C 113 -14.63 -31.48 24.33
C ILE C 113 -14.81 -32.91 23.83
N ASP C 114 -15.42 -33.75 24.65
CA ASP C 114 -15.60 -35.14 24.30
C ASP C 114 -16.40 -35.24 23.04
N PHE C 115 -17.38 -34.38 22.92
CA PHE C 115 -18.28 -34.50 21.83
C PHE C 115 -17.59 -33.98 20.58
N LEU C 116 -16.88 -32.88 20.70
CA LEU C 116 -16.21 -32.29 19.55
C LEU C 116 -15.12 -33.26 19.07
N ALA C 117 -14.46 -33.92 20.03
CA ALA C 117 -13.44 -34.93 19.73
C ALA C 117 -14.07 -36.00 18.88
N SER C 118 -15.31 -36.36 19.21
CA SER C 118 -15.99 -37.48 18.56
C SER C 118 -16.39 -37.10 17.14
N GLN C 119 -16.14 -35.85 16.79
CA GLN C 119 -16.63 -35.29 15.55
C GLN C 119 -15.53 -34.86 14.60
N GLY C 120 -14.29 -35.10 15.00
CA GLY C 120 -13.14 -34.77 14.18
C GLY C 120 -12.61 -33.39 14.48
N PHE C 121 -13.22 -32.70 15.41
CA PHE C 121 -12.72 -31.37 15.74
C PHE C 121 -11.18 -31.48 15.95
N ASP C 122 -10.44 -30.63 15.26
CA ASP C 122 -9.00 -30.53 15.44
C ASP C 122 -8.70 -29.42 16.43
N PHE C 123 -8.45 -29.78 17.68
CA PHE C 123 -8.10 -28.80 18.72
C PHE C 123 -6.80 -28.03 18.49
N ASN C 124 -5.83 -28.62 17.76
CA ASN C 124 -4.59 -27.91 17.42
C ASN C 124 -4.84 -26.64 16.60
N LYS C 125 -5.86 -26.70 15.76
CA LYS C 125 -6.29 -25.53 15.01
C LYS C 125 -6.76 -24.43 15.92
N VAL C 126 -7.32 -24.76 17.08
CA VAL C 126 -7.58 -23.75 18.12
C VAL C 126 -6.34 -23.45 18.97
N PHE C 127 -5.99 -24.39 19.84
CA PHE C 127 -4.98 -24.17 20.87
C PHE C 127 -3.56 -23.93 20.36
N ARG C 128 -3.26 -24.37 19.14
CA ARG C 128 -1.92 -24.24 18.58
C ARG C 128 -1.81 -23.28 17.43
N ASN C 129 -2.91 -23.00 16.75
CA ASN C 129 -2.84 -22.09 15.63
C ASN C 129 -4.13 -21.33 15.35
N GLY C 130 -4.78 -20.85 16.39
CA GLY C 130 -6.03 -20.13 16.22
C GLY C 130 -5.82 -18.65 16.07
N ILE C 131 -6.66 -18.04 15.22
CA ILE C 131 -6.57 -16.63 14.92
C ILE C 131 -6.80 -15.85 16.24
N PRO C 132 -5.89 -14.95 16.62
CA PRO C 132 -6.11 -14.15 17.81
C PRO C 132 -7.20 -13.11 17.57
N TYR C 133 -7.53 -12.36 18.62
CA TYR C 133 -8.57 -11.35 18.55
C TYR C 133 -8.52 -10.42 19.72
N LEU C 134 -8.83 -9.16 19.44
CA LEU C 134 -9.01 -8.14 20.47
C LEU C 134 -10.36 -7.47 20.28
N ASN C 135 -10.99 -7.14 21.40
CA ASN C 135 -12.23 -6.39 21.36
C ASN C 135 -11.91 -4.90 21.22
N GLN C 136 -12.94 -4.13 20.87
CA GLN C 136 -12.88 -2.70 20.60
C GLN C 136 -12.11 -1.94 21.69
N GLU C 137 -12.42 -2.22 22.95
CA GLU C 137 -11.71 -1.59 24.07
C GLU C 137 -10.23 -1.96 24.09
N GLU C 138 -9.95 -3.27 24.03
CA GLU C 138 -8.58 -3.79 24.09
C GLU C 138 -7.74 -3.29 22.91
N GLU C 139 -8.37 -3.12 21.74
CA GLU C 139 -7.68 -2.61 20.56
C GLU C 139 -7.29 -1.14 20.74
N ARG C 140 -8.17 -0.35 21.34
CA ARG C 140 -7.90 1.02 21.73
C ARG C 140 -6.60 1.07 22.52
N GLN C 141 -6.49 0.21 23.53
CA GLN C 141 -5.31 0.20 24.41
C GLN C 141 -4.00 -0.15 23.69
N LEU C 142 -4.01 -1.24 22.96
CA LEU C 142 -2.83 -1.64 22.19
C LEU C 142 -2.35 -0.55 21.24
N ARG C 143 -3.28 0.25 20.74
CA ARG C 143 -2.95 1.32 19.81
C ARG C 143 -2.43 2.56 20.57
N GLU C 144 -2.75 2.63 21.86
CA GLU C 144 -2.23 3.63 22.79
C GLU C 144 -0.76 3.34 23.18
N GLN C 145 -0.24 2.20 22.78
CA GLN C 145 1.20 1.94 22.81
C GLN C 145 1.85 2.71 21.63
N TYR C 146 2.17 3.99 21.89
CA TYR C 146 2.71 4.92 20.91
C TYR C 146 3.96 5.58 21.46
N ASP C 147 4.92 5.85 20.57
CA ASP C 147 6.25 6.36 20.94
C ASP C 147 6.74 7.47 20.00
N PRO C 170 32.58 16.75 19.97
CA PRO C 170 33.78 15.89 20.12
C PRO C 170 33.94 15.28 21.52
N VAL C 171 34.41 14.03 21.56
CA VAL C 171 34.80 13.36 22.81
C VAL C 171 36.17 12.69 22.63
N THR C 172 36.92 12.60 23.73
CA THR C 172 38.26 12.00 23.72
C THR C 172 38.28 10.48 23.58
N ILE C 173 39.28 10.02 22.85
CA ILE C 173 39.56 8.60 22.68
C ILE C 173 40.92 8.31 23.32
N PRO C 174 40.98 7.38 24.26
CA PRO C 174 42.24 7.11 24.95
C PRO C 174 43.31 6.59 23.99
N GLU C 175 44.58 6.85 24.29
CA GLU C 175 45.65 6.56 23.33
C GLU C 175 45.84 5.09 22.93
N ASP C 176 45.20 4.16 23.62
CA ASP C 176 45.30 2.74 23.28
C ASP C 176 44.23 2.28 22.31
N GLN C 177 43.21 3.11 22.09
CA GLN C 177 42.12 2.81 21.17
C GLN C 177 42.11 3.74 19.97
N LYS C 178 43.04 4.69 19.93
CA LYS C 178 43.11 5.70 18.87
C LYS C 178 43.22 5.10 17.47
N LYS C 179 44.18 4.20 17.27
CA LYS C 179 44.32 3.58 15.97
C LYS C 179 43.12 2.69 15.70
N PHE C 180 42.60 2.04 16.73
CA PHE C 180 41.38 1.26 16.56
C PHE C 180 40.25 2.08 15.92
N ILE C 181 40.00 3.28 16.43
CA ILE C 181 38.97 4.17 15.91
C ILE C 181 39.38 4.75 14.56
N ASP C 182 40.63 5.18 14.40
CA ASP C 182 41.12 5.71 13.13
C ASP C 182 40.84 4.72 12.01
N GLN C 183 41.31 3.50 12.19
CA GLN C 183 41.06 2.41 11.25
C GLN C 183 39.57 2.22 10.96
N VAL C 184 38.71 2.27 11.98
CA VAL C 184 37.27 2.07 11.78
C VAL C 184 36.69 3.27 11.06
N VAL C 185 37.32 4.44 11.25
CA VAL C 185 36.91 5.66 10.54
C VAL C 185 37.45 5.63 9.11
N GLU C 186 38.57 4.94 8.90
CA GLU C 186 39.14 4.74 7.59
C GLU C 186 38.27 3.83 6.74
N LYS C 187 37.80 2.73 7.31
CA LYS C 187 36.97 1.78 6.60
C LYS C 187 35.63 2.42 6.23
N ILE C 188 35.18 3.35 7.07
CA ILE C 188 33.95 4.10 6.83
C ILE C 188 34.11 5.07 5.66
N GLU C 189 35.29 5.70 5.56
CA GLU C 189 35.53 6.65 4.48
C GLU C 189 35.45 5.96 3.11
N ASP C 190 35.94 4.73 3.00
CA ASP C 190 35.85 3.97 1.73
C ASP C 190 34.43 3.58 1.34
N LEU C 191 33.64 3.14 2.31
CA LEU C 191 32.22 2.91 2.09
C LEU C 191 31.57 4.19 1.53
N LEU C 192 31.93 5.34 2.09
CA LEU C 192 31.34 6.63 1.72
C LEU C 192 31.74 7.07 0.33
N GLN C 193 33.04 7.00 0.05
CA GLN C 193 33.59 7.39 -1.24
C GLN C 193 33.83 6.16 -2.13
N SER C 194 32.71 5.56 -2.55
CA SER C 194 32.68 4.43 -3.49
C SER C 194 31.24 4.16 -3.94
N GLU C 195 31.03 4.08 -5.24
CA GLU C 195 29.75 3.65 -5.79
C GLU C 195 29.42 2.23 -5.31
N GLU C 196 28.42 1.59 -5.91
CA GLU C 196 28.10 0.19 -5.59
C GLU C 196 27.56 0.11 -4.15
N ASN C 197 26.23 0.03 -4.00
CA ASN C 197 25.61 0.10 -2.68
C ASN C 197 26.13 -1.00 -1.75
N LYS C 198 26.59 -0.60 -0.57
CA LYS C 198 27.35 -1.51 0.28
C LYS C 198 26.90 -1.48 1.74
N ASN C 199 27.07 -2.64 2.36
CA ASN C 199 27.08 -2.76 3.81
C ASN C 199 28.55 -2.85 4.23
N LEU C 200 28.83 -2.47 5.47
CA LEU C 200 30.17 -2.61 6.03
C LEU C 200 30.10 -3.37 7.33
N ASP C 201 30.64 -4.59 7.33
CA ASP C 201 30.69 -5.40 8.55
C ASP C 201 32.02 -5.22 9.27
N LEU C 202 31.95 -4.91 10.56
CA LEU C 202 33.14 -4.77 11.38
C LEU C 202 33.35 -6.09 12.10
N GLU C 203 34.60 -6.48 12.29
CA GLU C 203 34.93 -7.59 13.16
C GLU C 203 34.42 -7.29 14.58
N PRO C 204 33.85 -8.25 15.29
CA PRO C 204 33.47 -8.04 16.70
C PRO C 204 34.53 -7.34 17.54
N CYS C 205 34.06 -6.56 18.51
CA CYS C 205 34.95 -5.82 19.40
C CYS C 205 34.37 -5.82 20.83
N THR C 206 35.01 -5.10 21.75
CA THR C 206 34.87 -5.36 23.18
C THR C 206 33.98 -4.42 23.96
N GLY C 207 32.69 -4.27 23.65
CA GLY C 207 31.82 -3.42 24.45
C GLY C 207 32.23 -1.93 24.62
N PHE C 208 33.38 -1.70 25.24
CA PHE C 208 34.00 -0.37 25.34
C PHE C 208 34.19 0.23 23.95
N GLN C 209 34.83 -0.53 23.07
CA GLN C 209 35.06 -0.13 21.71
C GLN C 209 33.77 0.18 20.88
N ARG C 210 32.65 -0.45 21.20
CA ARG C 210 31.36 -0.20 20.57
C ARG C 210 30.83 1.12 21.09
N LYS C 211 31.10 1.39 22.36
CA LYS C 211 30.77 2.67 22.97
C LYS C 211 31.63 3.75 22.35
N LEU C 212 32.86 3.44 21.97
CA LEU C 212 33.72 4.44 21.33
C LEU C 212 33.32 4.66 19.89
N ILE C 213 32.88 3.60 19.23
CA ILE C 213 32.54 3.69 17.81
C ILE C 213 31.24 4.44 17.65
N TYR C 214 30.23 4.09 18.45
CA TYR C 214 28.92 4.70 18.32
C TYR C 214 29.04 6.19 18.57
N GLN C 215 29.72 6.50 19.66
CA GLN C 215 29.91 7.85 20.12
C GLN C 215 30.83 8.63 19.15
N THR C 216 31.77 7.97 18.50
CA THR C 216 32.59 8.63 17.47
C THR C 216 31.76 8.99 16.22
N LEU C 217 30.90 8.07 15.78
CA LEU C 217 30.12 8.29 14.59
C LEU C 217 28.95 9.27 14.81
N SER C 218 28.61 9.53 16.07
CA SER C 218 27.49 10.41 16.39
C SER C 218 27.82 11.86 16.04
N TRP C 219 29.11 12.20 16.05
CA TRP C 219 29.53 13.54 15.63
C TRP C 219 30.36 13.58 14.36
N LYS C 220 30.99 12.48 13.95
CA LYS C 220 31.75 12.47 12.70
C LYS C 220 30.82 12.21 11.51
N TYR C 221 29.70 11.54 11.76
CA TYR C 221 28.74 11.16 10.72
C TYR C 221 27.30 11.31 11.23
N PRO C 222 26.94 12.52 11.65
CA PRO C 222 25.60 12.80 12.17
C PRO C 222 24.51 12.45 11.17
N LYS C 223 24.80 12.50 9.86
CA LYS C 223 23.91 11.88 8.87
C LYS C 223 24.63 11.18 7.74
N GLY C 224 23.87 10.32 7.04
CA GLY C 224 24.38 9.60 5.89
C GLY C 224 24.68 8.15 6.22
N ILE C 225 25.06 7.87 7.46
CA ILE C 225 25.37 6.51 7.87
C ILE C 225 24.47 6.04 9.00
N HIS C 226 24.03 4.79 8.90
CA HIS C 226 23.25 4.10 9.92
C HIS C 226 24.13 3.05 10.59
N VAL C 227 23.82 2.76 11.85
CA VAL C 227 24.58 1.79 12.61
C VAL C 227 23.69 0.92 13.44
N GLU C 228 24.12 -0.32 13.62
CA GLU C 228 23.43 -1.22 14.53
C GLU C 228 24.31 -2.40 14.95
N THR C 229 23.95 -3.00 16.07
CA THR C 229 24.67 -4.13 16.56
C THR C 229 23.83 -5.38 16.32
N LEU C 230 24.38 -6.28 15.52
CA LEU C 230 23.75 -7.54 15.15
C LEU C 230 24.38 -8.69 15.95
N GLU C 231 23.98 -9.91 15.60
CA GLU C 231 24.50 -11.14 16.21
C GLU C 231 24.43 -12.27 15.17
N THR C 232 25.56 -12.90 14.87
CA THR C 232 25.54 -14.15 14.08
C THR C 232 24.78 -15.25 14.86
N GLU C 233 24.53 -16.40 14.22
CA GLU C 233 23.96 -17.57 14.90
C GLU C 233 24.90 -18.17 15.98
N LYS C 234 26.20 -17.91 15.86
CA LYS C 234 27.16 -18.25 16.91
C LYS C 234 27.14 -17.20 18.03
N LYS C 235 26.35 -16.14 17.82
CA LYS C 235 26.11 -15.06 18.79
C LYS C 235 27.38 -14.26 19.18
N GLU C 236 28.07 -13.74 18.16
CA GLU C 236 29.22 -12.84 18.37
C GLU C 236 28.83 -11.44 17.91
N ARG C 237 28.65 -10.53 18.87
CA ARG C 237 28.18 -9.18 18.59
C ARG C 237 29.16 -8.38 17.75
N TYR C 238 28.73 -7.98 16.58
CA TYR C 238 29.51 -7.14 15.69
C TYR C 238 28.63 -5.97 15.28
N ILE C 239 29.23 -4.93 14.70
CA ILE C 239 28.43 -3.79 14.25
C ILE C 239 28.40 -3.68 12.70
N VAL C 240 27.27 -3.19 12.19
CA VAL C 240 27.08 -3.00 10.75
C VAL C 240 26.80 -1.54 10.44
N ILE C 241 27.52 -1.02 9.45
CA ILE C 241 27.39 0.35 8.96
C ILE C 241 26.92 0.35 7.51
N SER C 242 25.89 1.12 7.20
CA SER C 242 25.40 1.25 5.83
C SER C 242 25.24 2.72 5.39
N LYS C 243 25.47 2.97 4.10
CA LYS C 243 25.12 4.26 3.51
C LYS C 243 23.59 4.38 3.48
N VAL C 244 23.06 5.38 4.16
CA VAL C 244 21.63 5.63 4.11
C VAL C 244 21.38 7.06 3.64
N ASP C 245 21.22 7.17 2.32
CA ASP C 245 20.70 8.36 1.65
C ASP C 245 19.56 8.97 2.45
N GLU C 246 19.59 10.28 2.70
CA GLU C 246 18.57 10.93 3.53
C GLU C 246 17.14 10.62 3.03
N GLU C 247 17.01 10.40 1.73
CA GLU C 247 15.77 9.93 1.13
C GLU C 247 15.45 8.53 1.67
N GLU C 248 16.41 7.62 1.53
CA GLU C 248 16.32 6.23 2.03
C GLU C 248 16.10 6.07 3.54
N ARG C 249 16.55 7.04 4.32
CA ARG C 249 16.40 7.00 5.76
C ARG C 249 14.93 7.04 6.12
N LYS C 250 14.19 7.92 5.46
CA LYS C 250 12.76 8.09 5.72
C LYS C 250 11.91 7.09 4.95
N ARG C 251 12.45 6.55 3.86
CA ARG C 251 11.82 5.46 3.13
C ARG C 251 11.77 4.27 4.07
N ARG C 252 12.95 3.84 4.49
CA ARG C 252 13.19 2.84 5.53
C ARG C 252 12.37 3.07 6.83
N GLU C 253 12.14 4.33 7.20
CA GLU C 253 11.43 4.66 8.42
C GLU C 253 9.94 4.45 8.29
N GLN C 254 9.38 4.83 7.14
CA GLN C 254 7.95 4.70 6.89
C GLN C 254 7.54 3.23 6.74
N GLN C 255 8.46 2.42 6.24
CA GLN C 255 8.21 1.00 6.05
C GLN C 255 8.18 0.32 7.41
N LYS C 256 8.84 0.90 8.40
CA LYS C 256 8.76 0.38 9.79
C LYS C 256 7.41 0.71 10.44
N HIS C 257 6.96 1.95 10.32
CA HIS C 257 5.66 2.34 10.91
C HIS C 257 4.52 1.51 10.31
N ALA C 258 4.68 1.13 9.05
CA ALA C 258 3.67 0.36 8.36
C ALA C 258 3.70 -1.07 8.81
N LYS C 259 4.90 -1.58 9.07
CA LYS C 259 5.08 -2.97 9.47
C LYS C 259 4.51 -3.21 10.86
N GLU C 260 4.55 -2.19 11.71
CA GLU C 260 3.99 -2.31 13.04
C GLU C 260 2.49 -2.04 13.04
N GLN C 261 2.04 -1.18 12.13
CA GLN C 261 0.60 -1.01 11.87
C GLN C 261 -0.05 -2.33 11.40
N GLU C 262 0.74 -3.14 10.74
CA GLU C 262 0.34 -4.44 10.27
C GLU C 262 0.33 -5.45 11.44
N GLU C 263 1.32 -5.35 12.33
CA GLU C 263 1.33 -6.14 13.57
C GLU C 263 0.09 -5.86 14.42
N LEU C 264 -0.25 -4.59 14.58
CA LEU C 264 -1.47 -4.17 15.27
C LEU C 264 -2.74 -4.85 14.71
N ASN C 265 -2.85 -4.96 13.39
CA ASN C 265 -4.06 -5.51 12.77
C ASN C 265 -4.14 -7.02 12.83
N ASP C 266 -3.00 -7.70 12.77
CA ASP C 266 -2.97 -9.14 13.01
C ASP C 266 -3.32 -9.47 14.45
N ALA C 267 -3.11 -8.54 15.38
CA ALA C 267 -3.44 -8.77 16.79
C ALA C 267 -4.94 -8.71 17.06
N VAL C 268 -5.67 -7.89 16.30
CA VAL C 268 -7.12 -7.76 16.49
C VAL C 268 -7.85 -8.83 15.67
N GLY C 269 -7.15 -9.33 14.66
CA GLY C 269 -7.54 -10.49 13.88
C GLY C 269 -9.00 -10.68 13.52
N PHE C 270 -9.61 -11.73 14.08
CA PHE C 270 -10.94 -12.20 13.68
C PHE C 270 -12.05 -11.17 13.94
N SER C 271 -11.76 -10.21 14.81
CA SER C 271 -12.70 -9.14 15.08
C SER C 271 -12.95 -8.34 13.80
N ARG C 272 -11.94 -8.23 12.96
CA ARG C 272 -12.08 -7.57 11.65
C ARG C 272 -13.14 -8.22 10.75
N VAL C 273 -13.27 -9.54 10.84
CA VAL C 273 -14.33 -10.25 10.14
C VAL C 273 -15.72 -9.90 10.67
N ILE C 274 -15.85 -9.77 11.99
CA ILE C 274 -17.15 -9.52 12.62
C ILE C 274 -17.62 -8.11 12.32
N HIS C 275 -16.69 -7.17 12.39
CA HIS C 275 -16.94 -5.79 12.03
C HIS C 275 -17.27 -5.61 10.56
N ALA C 276 -16.73 -6.47 9.70
CA ALA C 276 -17.11 -6.45 8.29
C ALA C 276 -18.55 -6.92 8.09
N ILE C 277 -19.00 -7.89 8.90
CA ILE C 277 -20.38 -8.40 8.83
C ILE C 277 -21.36 -7.37 9.35
N ALA C 278 -20.97 -6.68 10.40
CA ALA C 278 -21.78 -5.62 10.98
C ALA C 278 -22.01 -4.45 9.99
N ASN C 279 -20.92 -4.00 9.34
CA ASN C 279 -21.01 -2.89 8.37
C ASN C 279 -21.80 -3.29 7.13
N SER C 280 -21.64 -4.53 6.70
CA SER C 280 -22.39 -5.05 5.56
C SER C 280 -23.89 -4.74 5.63
N GLY C 281 -24.45 -4.68 6.84
CA GLY C 281 -25.87 -4.42 7.01
C GLY C 281 -26.76 -5.63 6.73
N LYS C 282 -26.18 -6.68 6.17
CA LYS C 282 -26.93 -7.81 5.63
C LYS C 282 -27.46 -8.80 6.69
N LEU C 283 -28.46 -9.59 6.32
CA LEU C 283 -29.14 -10.47 7.26
C LEU C 283 -28.22 -11.59 7.74
N VAL C 284 -28.27 -11.85 9.05
CA VAL C 284 -27.46 -12.90 9.67
C VAL C 284 -28.38 -13.86 10.38
N ILE C 285 -28.27 -15.14 10.00
CA ILE C 285 -29.14 -16.21 10.49
C ILE C 285 -28.42 -17.14 11.46
N GLY C 286 -29.16 -17.67 12.40
CA GLY C 286 -28.61 -18.63 13.35
C GLY C 286 -29.72 -19.55 13.79
N HIS C 287 -29.39 -20.54 14.59
CA HIS C 287 -30.41 -21.37 15.16
C HIS C 287 -30.14 -21.45 16.62
N ASN C 288 -31.13 -21.10 17.44
CA ASN C 288 -30.99 -21.10 18.88
C ASN C 288 -29.74 -20.34 19.30
N MET C 289 -29.70 -19.05 18.99
CA MET C 289 -28.42 -18.35 18.82
C MET C 289 -28.04 -17.37 19.91
N LEU C 290 -28.70 -17.44 21.05
CA LEU C 290 -28.42 -16.53 22.14
C LEU C 290 -26.95 -16.61 22.52
N LEU C 291 -26.51 -17.76 23.01
CA LEU C 291 -25.09 -18.00 23.35
C LEU C 291 -24.14 -17.58 22.21
N ASP C 292 -24.48 -17.96 20.98
CA ASP C 292 -23.67 -17.55 19.84
C ASP C 292 -23.46 -16.06 19.87
N VAL C 293 -24.57 -15.31 19.89
CA VAL C 293 -24.52 -13.86 19.78
C VAL C 293 -23.79 -13.24 20.96
N MET C 294 -24.07 -13.74 22.16
CA MET C 294 -23.45 -13.22 23.39
C MET C 294 -21.97 -13.39 23.33
N HIS C 295 -21.52 -14.58 22.92
CA HIS C 295 -20.10 -14.84 22.76
C HIS C 295 -19.46 -13.91 21.69
N THR C 296 -20.10 -13.80 20.53
CA THR C 296 -19.52 -12.97 19.48
C THR C 296 -19.34 -11.53 19.97
N VAL C 297 -20.32 -10.95 20.65
CA VAL C 297 -20.16 -9.56 21.08
C VAL C 297 -19.17 -9.46 22.23
N HIS C 298 -19.18 -10.42 23.14
CA HIS C 298 -18.29 -10.40 24.30
C HIS C 298 -16.81 -10.39 23.92
N GLN C 299 -16.42 -11.20 22.93
CA GLN C 299 -15.01 -11.47 22.67
C GLN C 299 -14.44 -10.53 21.58
N PHE C 300 -15.30 -10.16 20.63
CA PHE C 300 -14.87 -9.40 19.46
C PHE C 300 -15.28 -7.92 19.45
N TYR C 301 -16.32 -7.55 20.20
CA TYR C 301 -16.78 -6.15 20.27
C TYR C 301 -16.59 -5.51 21.66
N CYS C 302 -17.40 -5.91 22.65
CA CYS C 302 -17.17 -5.50 24.04
C CYS C 302 -17.54 -6.55 25.05
N PRO C 303 -16.97 -6.50 26.24
CA PRO C 303 -17.49 -7.32 27.33
C PRO C 303 -18.93 -6.94 27.62
N LEU C 304 -19.74 -7.97 27.81
CA LEU C 304 -21.14 -7.79 28.09
C LEU C 304 -21.32 -6.72 29.18
N PRO C 305 -22.18 -5.73 28.92
CA PRO C 305 -22.42 -4.65 29.88
C PRO C 305 -23.33 -5.06 31.05
N ALA C 306 -23.46 -4.13 31.98
CA ALA C 306 -24.10 -4.33 33.29
C ALA C 306 -25.56 -4.78 33.21
N ASP C 307 -26.26 -4.34 32.17
CA ASP C 307 -27.73 -4.51 32.07
C ASP C 307 -28.16 -5.09 30.72
N LEU C 308 -29.24 -5.86 30.76
CA LEU C 308 -29.80 -6.47 29.57
C LEU C 308 -30.06 -5.45 28.47
N SER C 309 -30.64 -4.30 28.84
CA SER C 309 -30.93 -3.23 27.88
C SER C 309 -29.65 -2.84 27.14
N GLU C 310 -28.57 -2.61 27.87
CA GLU C 310 -27.34 -2.19 27.25
C GLU C 310 -26.88 -3.27 26.28
N PHE C 311 -26.92 -4.53 26.73
CA PHE C 311 -26.58 -5.66 25.87
C PHE C 311 -27.38 -5.70 24.57
N LYS C 312 -28.66 -5.37 24.63
CA LYS C 312 -29.49 -5.33 23.43
C LYS C 312 -29.04 -4.23 22.48
N GLU C 313 -28.74 -3.04 23.01
CA GLU C 313 -28.28 -1.91 22.21
C GLU C 313 -26.99 -2.33 21.52
N MET C 314 -26.22 -3.11 22.25
CA MET C 314 -24.92 -3.57 21.80
C MET C 314 -25.00 -4.66 20.72
N THR C 315 -25.98 -5.56 20.86
CA THR C 315 -26.22 -6.65 19.91
C THR C 315 -26.62 -6.16 18.52
N THR C 316 -27.55 -5.20 18.43
CA THR C 316 -27.92 -4.58 17.13
C THR C 316 -26.78 -3.73 16.56
N CYS C 317 -25.79 -3.49 17.39
CA CYS C 317 -24.62 -2.72 17.02
C CYS C 317 -23.48 -3.58 16.45
N VAL C 318 -23.80 -4.83 16.09
CA VAL C 318 -22.85 -5.91 15.70
C VAL C 318 -23.61 -6.84 14.73
N PHE C 319 -24.88 -7.09 15.05
CA PHE C 319 -25.84 -7.78 14.20
C PHE C 319 -27.10 -6.92 14.05
N PRO C 320 -27.05 -5.91 13.17
CA PRO C 320 -28.21 -5.04 12.90
C PRO C 320 -29.45 -5.75 12.40
N ARG C 321 -29.27 -6.92 11.81
CA ARG C 321 -30.38 -7.67 11.24
C ARG C 321 -30.20 -9.18 11.54
N LEU C 322 -30.99 -9.68 12.49
CA LEU C 322 -30.88 -11.05 13.02
C LEU C 322 -31.99 -11.87 12.46
N LEU C 323 -31.87 -13.18 12.57
CA LEU C 323 -32.99 -14.10 12.42
C LEU C 323 -32.62 -15.47 12.98
N ASP C 324 -33.40 -15.92 13.95
CA ASP C 324 -33.26 -17.25 14.54
C ASP C 324 -34.28 -18.16 13.91
N THR C 325 -33.80 -19.19 13.23
CA THR C 325 -34.63 -20.21 12.60
C THR C 325 -35.42 -21.03 13.61
N LYS C 326 -34.89 -21.24 14.82
CA LYS C 326 -35.61 -22.00 15.83
C LYS C 326 -36.90 -21.29 16.20
N LEU C 327 -36.77 -19.97 16.40
CA LEU C 327 -37.91 -19.13 16.71
C LEU C 327 -38.81 -19.05 15.48
N MET C 328 -38.23 -18.87 14.29
CA MET C 328 -39.05 -18.76 13.11
C MET C 328 -39.96 -20.02 13.00
N ALA C 329 -39.48 -21.19 13.36
CA ALA C 329 -40.28 -22.41 13.24
C ALA C 329 -41.21 -22.64 14.45
N SER C 330 -40.98 -21.91 15.54
CA SER C 330 -41.87 -21.94 16.71
C SER C 330 -43.04 -20.93 16.54
N THR C 331 -43.04 -20.23 15.41
CA THR C 331 -43.95 -19.15 15.12
C THR C 331 -44.85 -19.61 13.99
N GLN C 332 -46.07 -19.07 13.90
CA GLN C 332 -46.96 -19.36 12.78
C GLN C 332 -46.43 -18.72 11.53
N PRO C 333 -46.68 -19.28 10.34
CA PRO C 333 -47.48 -20.48 10.09
C PRO C 333 -46.76 -21.82 10.30
N PHE C 334 -45.52 -21.77 10.76
CA PHE C 334 -44.72 -22.97 10.92
C PHE C 334 -45.13 -23.82 12.11
N LYS C 335 -45.48 -23.24 13.26
CA LYS C 335 -45.88 -24.08 14.40
C LYS C 335 -46.98 -25.04 13.99
N ASP C 336 -47.84 -24.60 13.07
CA ASP C 336 -48.97 -25.40 12.58
C ASP C 336 -48.55 -26.71 11.96
N ILE C 337 -47.36 -26.74 11.37
CA ILE C 337 -46.91 -27.92 10.65
C ILE C 337 -45.50 -28.39 10.98
N ILE C 338 -44.85 -27.80 12.00
CA ILE C 338 -43.54 -28.30 12.46
C ILE C 338 -43.62 -28.69 13.94
N ASN C 339 -43.32 -29.95 14.25
CA ASN C 339 -43.40 -30.49 15.64
C ASN C 339 -42.12 -30.42 16.52
N ASN C 340 -40.95 -30.35 15.88
CA ASN C 340 -39.67 -30.30 16.58
C ASN C 340 -38.77 -29.26 15.92
N THR C 341 -38.05 -28.50 16.73
CA THR C 341 -37.27 -27.36 16.23
C THR C 341 -35.76 -27.53 16.41
N SER C 342 -35.32 -28.73 16.78
CA SER C 342 -33.89 -29.04 16.73
C SER C 342 -33.41 -28.81 15.30
N LEU C 343 -32.15 -28.41 15.15
CA LEU C 343 -31.51 -28.25 13.85
C LEU C 343 -31.57 -29.53 13.01
N ALA C 344 -31.36 -30.66 13.64
CA ALA C 344 -31.33 -31.94 12.94
C ALA C 344 -32.72 -32.33 12.55
N GLU C 345 -33.64 -32.23 13.48
CA GLU C 345 -35.03 -32.54 13.21
C GLU C 345 -35.67 -31.57 12.21
N LEU C 346 -35.21 -30.31 12.23
CA LEU C 346 -35.72 -29.25 11.34
C LEU C 346 -35.34 -29.44 9.87
N GLU C 347 -34.11 -29.89 9.60
CA GLU C 347 -33.66 -30.15 8.24
C GLU C 347 -34.33 -31.41 7.71
N LYS C 348 -34.66 -32.33 8.61
CA LYS C 348 -35.41 -33.51 8.24
C LYS C 348 -36.75 -33.02 7.72
N ARG C 349 -37.46 -32.27 8.57
CA ARG C 349 -38.80 -31.81 8.25
C ARG C 349 -38.87 -30.91 7.02
N LEU C 350 -37.87 -30.07 6.82
CA LEU C 350 -37.92 -29.04 5.78
C LEU C 350 -37.67 -29.54 4.38
N LYS C 351 -37.69 -30.84 4.17
CA LYS C 351 -37.55 -31.43 2.84
C LYS C 351 -38.83 -32.14 2.40
N GLU C 352 -39.69 -32.40 3.37
CA GLU C 352 -40.98 -33.05 3.15
C GLU C 352 -42.08 -32.00 3.08
N THR C 353 -43.02 -32.20 2.15
CA THR C 353 -44.11 -31.24 1.90
C THR C 353 -44.78 -30.76 3.19
N PRO C 354 -45.20 -29.50 3.24
CA PRO C 354 -45.29 -28.62 2.05
C PRO C 354 -43.97 -28.02 1.56
N PHE C 355 -42.87 -28.25 2.26
CA PHE C 355 -41.60 -27.61 1.94
C PHE C 355 -40.84 -28.35 0.81
N ASN C 356 -39.84 -27.67 0.23
CA ASN C 356 -38.95 -28.23 -0.79
C ASN C 356 -37.46 -27.90 -0.53
N PRO C 357 -36.57 -28.88 -0.67
CA PRO C 357 -35.13 -28.58 -0.54
C PRO C 357 -34.72 -27.58 -1.60
N PRO C 358 -34.08 -26.48 -1.22
CA PRO C 358 -33.71 -25.46 -2.19
C PRO C 358 -32.52 -25.89 -3.04
N LYS C 359 -32.57 -25.59 -4.32
CA LYS C 359 -31.46 -25.86 -5.19
C LYS C 359 -30.29 -25.04 -4.67
N VAL C 360 -29.21 -25.73 -4.29
CA VAL C 360 -28.03 -25.10 -3.71
C VAL C 360 -26.76 -25.69 -4.32
N GLU C 361 -25.66 -24.97 -4.20
CA GLU C 361 -24.43 -25.33 -4.89
C GLU C 361 -23.28 -24.54 -4.31
N SER C 362 -22.21 -25.25 -3.96
CA SER C 362 -20.99 -24.62 -3.51
C SER C 362 -20.39 -23.86 -4.71
N ALA C 363 -19.82 -22.70 -4.45
CA ALA C 363 -19.22 -21.87 -5.51
C ALA C 363 -18.02 -22.57 -6.14
N GLU C 364 -17.70 -22.22 -7.38
CA GLU C 364 -16.57 -22.81 -8.10
C GLU C 364 -15.23 -22.56 -7.40
N GLY C 365 -14.46 -23.63 -7.23
CA GLY C 365 -13.17 -23.57 -6.57
C GLY C 365 -13.23 -23.72 -5.05
N PHE C 366 -14.44 -23.78 -4.49
CA PHE C 366 -14.65 -23.84 -3.04
C PHE C 366 -15.06 -25.24 -2.60
N PRO C 367 -14.83 -25.55 -1.32
CA PRO C 367 -15.17 -26.87 -0.76
C PRO C 367 -16.67 -27.21 -0.74
N SER C 368 -16.99 -28.50 -0.69
CA SER C 368 -18.40 -28.99 -0.63
C SER C 368 -18.63 -29.95 0.54
N TYR C 369 -19.87 -30.43 0.71
CA TYR C 369 -20.22 -31.38 1.76
C TYR C 369 -20.66 -32.74 1.18
N GLN C 375 -22.08 -37.32 7.40
CA GLN C 375 -21.37 -36.04 7.54
C GLN C 375 -21.33 -35.56 8.99
N LEU C 376 -20.14 -35.12 9.42
CA LEU C 376 -19.84 -34.85 10.81
C LEU C 376 -20.05 -33.39 11.15
N HIS C 377 -20.31 -33.12 12.42
CA HIS C 377 -20.65 -31.78 12.87
C HIS C 377 -19.47 -30.85 12.99
N GLU C 378 -19.73 -29.59 12.69
CA GLU C 378 -18.71 -28.54 12.70
C GLU C 378 -19.43 -27.23 12.36
N ALA C 379 -18.94 -26.13 12.92
CA ALA C 379 -19.62 -24.84 12.82
C ALA C 379 -20.07 -24.48 11.41
N GLY C 380 -19.19 -24.64 10.44
CA GLY C 380 -19.47 -24.24 9.06
C GLY C 380 -20.55 -25.06 8.40
N TYR C 381 -20.64 -26.32 8.79
CA TYR C 381 -21.69 -27.17 8.26
C TYR C 381 -23.03 -26.81 8.89
N ASP C 382 -23.03 -26.50 10.18
CA ASP C 382 -24.25 -26.11 10.89
C ASP C 382 -24.85 -24.84 10.28
N ALA C 383 -23.98 -23.89 9.98
CA ALA C 383 -24.38 -22.62 9.37
C ALA C 383 -24.97 -22.88 8.00
N TYR C 384 -24.36 -23.80 7.28
CA TYR C 384 -24.83 -24.17 5.96
C TYR C 384 -26.22 -24.77 6.10
N ILE C 385 -26.41 -25.60 7.11
CA ILE C 385 -27.71 -26.26 7.32
C ILE C 385 -28.76 -25.27 7.83
N THR C 386 -28.34 -24.36 8.71
CA THR C 386 -29.19 -23.28 9.21
C THR C 386 -29.74 -22.36 8.10
N GLY C 387 -28.85 -21.95 7.19
CA GLY C 387 -29.24 -21.17 6.04
C GLY C 387 -30.22 -21.91 5.17
N LEU C 388 -30.03 -23.20 4.96
CA LEU C 388 -30.91 -23.96 4.09
C LEU C 388 -32.26 -24.16 4.75
N CYS C 389 -32.30 -24.10 6.08
CA CYS C 389 -33.56 -24.17 6.79
C CYS C 389 -34.32 -22.88 6.58
N PHE C 390 -33.65 -21.75 6.78
CA PHE C 390 -34.24 -20.45 6.56
C PHE C 390 -34.78 -20.29 5.13
N ILE C 391 -33.93 -20.51 4.14
CA ILE C 391 -34.33 -20.45 2.74
C ILE C 391 -35.56 -21.32 2.52
N SER C 392 -35.59 -22.49 3.15
CA SER C 392 -36.67 -23.42 2.90
C SER C 392 -37.96 -22.89 3.49
N MET C 393 -37.87 -22.23 4.65
CA MET C 393 -39.05 -21.63 5.29
C MET C 393 -39.47 -20.37 4.52
N ALA C 394 -38.55 -19.49 4.20
CA ALA C 394 -38.88 -18.28 3.43
C ALA C 394 -39.75 -18.64 2.23
N ASN C 395 -39.22 -19.48 1.35
CA ASN C 395 -39.92 -19.93 0.14
C ASN C 395 -41.29 -20.53 0.41
N TYR C 396 -41.48 -21.13 1.58
CA TYR C 396 -42.82 -21.60 1.94
C TYR C 396 -43.79 -20.44 2.09
N LEU C 397 -43.43 -19.43 2.87
CA LEU C 397 -44.26 -18.23 2.98
C LEU C 397 -44.55 -17.67 1.59
N GLY C 398 -43.60 -17.82 0.66
CA GLY C 398 -43.78 -17.44 -0.72
C GLY C 398 -45.00 -17.99 -1.43
N SER C 399 -45.52 -19.12 -0.96
CA SER C 399 -46.69 -19.74 -1.58
C SER C 399 -48.02 -19.18 -1.09
N PHE C 400 -48.01 -18.24 -0.16
CA PHE C 400 -49.23 -17.63 0.36
C PHE C 400 -49.62 -16.33 -0.35
N LEU C 401 -48.75 -15.85 -1.24
CA LEU C 401 -49.08 -14.76 -2.14
C LEU C 401 -49.98 -15.30 -3.27
N SER C 402 -50.71 -14.41 -3.92
CA SER C 402 -51.52 -14.77 -5.07
C SER C 402 -51.19 -13.75 -6.14
N PRO C 403 -50.12 -13.98 -6.93
CA PRO C 403 -49.66 -15.32 -7.29
C PRO C 403 -48.63 -15.89 -6.33
N PRO C 404 -48.59 -17.21 -6.16
CA PRO C 404 -47.49 -17.84 -5.40
C PRO C 404 -46.15 -17.85 -6.15
N LYS C 405 -45.07 -17.69 -5.40
CA LYS C 405 -43.69 -17.83 -5.91
C LYS C 405 -42.95 -19.00 -5.23
N ILE C 406 -41.91 -19.49 -5.91
CA ILE C 406 -41.08 -20.60 -5.42
C ILE C 406 -39.83 -20.07 -4.69
N HIS C 407 -39.44 -18.82 -4.97
CA HIS C 407 -38.29 -18.20 -4.33
C HIS C 407 -38.67 -16.85 -3.76
N VAL C 408 -38.71 -16.75 -2.44
CA VAL C 408 -38.83 -15.48 -1.71
C VAL C 408 -37.47 -14.97 -1.32
N SER C 409 -37.23 -13.67 -1.55
CA SER C 409 -35.96 -13.03 -1.19
C SER C 409 -35.80 -12.81 0.32
N ALA C 410 -34.56 -12.60 0.76
CA ALA C 410 -34.26 -12.37 2.18
C ALA C 410 -34.63 -10.98 2.68
N ARG C 411 -34.93 -10.07 1.75
CA ARG C 411 -35.37 -8.72 2.10
C ARG C 411 -36.87 -8.55 1.85
N SER C 412 -37.57 -9.66 1.62
CA SER C 412 -39.00 -9.63 1.38
C SER C 412 -39.76 -9.19 2.63
N LYS C 413 -40.97 -8.69 2.41
CA LYS C 413 -41.85 -8.17 3.46
C LYS C 413 -42.40 -9.30 4.30
N LEU C 414 -42.48 -10.48 3.70
CA LEU C 414 -42.93 -11.70 4.38
C LEU C 414 -42.04 -12.16 5.55
N ILE C 415 -40.78 -11.72 5.55
CA ILE C 415 -39.81 -12.15 6.53
C ILE C 415 -39.68 -11.14 7.67
N GLU C 416 -40.16 -9.91 7.47
CA GLU C 416 -39.89 -8.84 8.45
C GLU C 416 -40.26 -9.18 9.89
N PRO C 417 -41.39 -9.83 10.12
CA PRO C 417 -41.74 -10.24 11.50
C PRO C 417 -40.77 -11.24 12.16
N PHE C 418 -39.95 -11.96 11.40
CA PHE C 418 -39.04 -12.95 12.00
C PHE C 418 -37.70 -12.35 12.41
N PHE C 419 -37.42 -11.13 11.94
CA PHE C 419 -36.17 -10.46 12.22
C PHE C 419 -36.03 -10.07 13.69
N ASN C 420 -34.76 -9.97 14.11
CA ASN C 420 -34.35 -9.51 15.44
C ASN C 420 -35.18 -9.98 16.63
N LYS C 421 -35.36 -11.29 16.70
CA LYS C 421 -35.99 -11.95 17.86
C LYS C 421 -35.05 -13.01 18.40
N LEU C 422 -34.66 -12.89 19.67
CA LEU C 422 -33.87 -13.91 20.37
C LEU C 422 -34.65 -14.41 21.56
N PHE C 423 -34.33 -15.64 22.00
CA PHE C 423 -34.97 -16.21 23.17
C PHE C 423 -34.12 -16.04 24.46
N LEU C 424 -34.72 -15.40 25.44
CA LEU C 424 -34.08 -15.18 26.72
C LEU C 424 -35.18 -15.23 27.78
N MET C 425 -35.58 -16.44 28.15
CA MET C 425 -36.69 -16.69 29.06
C MET C 425 -38.02 -16.54 28.36
N ARG C 426 -38.13 -15.57 27.47
CA ARG C 426 -39.31 -15.43 26.62
C ARG C 426 -38.88 -14.86 25.29
N VAL C 427 -39.73 -15.02 24.26
CA VAL C 427 -39.46 -14.38 22.97
C VAL C 427 -39.30 -12.87 23.18
N MET C 428 -38.24 -12.32 22.61
CA MET C 428 -37.78 -10.96 22.94
C MET C 428 -37.20 -10.30 21.70
N ASP C 429 -37.50 -9.04 21.49
CA ASP C 429 -37.01 -8.32 20.30
C ASP C 429 -35.77 -7.52 20.68
N ILE C 430 -34.88 -7.30 19.73
CA ILE C 430 -33.59 -6.67 20.03
C ILE C 430 -33.51 -5.24 19.47
N MET D 1 7.19 49.04 -20.61
CA MET D 1 5.87 48.36 -20.50
C MET D 1 5.82 46.96 -21.10
N GLU D 2 5.18 46.04 -20.38
CA GLU D 2 5.00 44.67 -20.82
C GLU D 2 3.74 44.57 -21.68
N ILE D 3 3.87 44.69 -23.00
CA ILE D 3 2.72 44.59 -23.90
C ILE D 3 2.49 43.12 -24.34
N ILE D 4 1.29 42.61 -24.02
CA ILE D 4 0.85 41.24 -24.35
C ILE D 4 -0.51 41.28 -25.05
N ARG D 5 -1.09 40.12 -25.27
CA ARG D 5 -2.34 39.98 -26.02
C ARG D 5 -3.44 40.82 -25.45
N SER D 6 -3.66 40.71 -24.14
CA SER D 6 -4.79 41.38 -23.50
C SER D 6 -4.35 42.72 -22.99
N ASN D 7 -4.20 43.69 -23.90
CA ASN D 7 -3.61 45.02 -23.67
C ASN D 7 -2.73 45.53 -24.82
N PHE D 8 -2.81 44.85 -25.95
CA PHE D 8 -2.08 45.27 -27.15
C PHE D 8 -2.81 46.39 -27.85
N LYS D 9 -4.03 46.13 -28.30
CA LYS D 9 -4.89 47.15 -28.93
C LYS D 9 -5.13 48.33 -27.99
N SER D 10 -5.31 48.01 -26.72
CA SER D 10 -5.44 49.03 -25.67
C SER D 10 -4.20 49.94 -25.55
N ASN D 11 -3.04 49.48 -26.03
CA ASN D 11 -1.79 50.27 -25.96
C ASN D 11 -1.27 50.76 -27.29
N LEU D 12 -1.88 50.32 -28.36
CA LEU D 12 -1.38 50.61 -29.69
C LEU D 12 -1.19 52.11 -30.00
N HIS D 13 -2.07 52.98 -29.51
CA HIS D 13 -1.97 54.44 -29.70
C HIS D 13 -0.66 54.95 -29.09
N LYS D 14 -0.41 54.51 -27.86
CA LYS D 14 0.75 54.86 -27.06
C LYS D 14 2.03 54.48 -27.79
N VAL D 15 2.00 53.32 -28.45
CA VAL D 15 3.14 52.88 -29.23
C VAL D 15 3.27 53.75 -30.47
N TYR D 16 2.16 53.94 -31.17
CA TYR D 16 2.16 54.74 -32.39
C TYR D 16 2.71 56.11 -32.14
N GLN D 17 2.17 56.76 -31.13
CA GLN D 17 2.64 58.05 -30.62
C GLN D 17 4.13 58.03 -30.27
N ALA D 18 4.59 56.96 -29.66
CA ALA D 18 6.02 56.85 -29.34
C ALA D 18 6.86 56.85 -30.63
N ILE D 19 6.41 56.09 -31.60
CA ILE D 19 7.08 55.95 -32.88
C ILE D 19 7.05 57.26 -33.67
N GLU D 20 5.94 57.98 -33.59
CA GLU D 20 5.75 59.21 -34.33
C GLU D 20 6.61 60.33 -33.76
N GLU D 21 6.67 60.40 -32.44
CA GLU D 21 7.46 61.43 -31.78
C GLU D 21 8.96 61.18 -31.78
N ALA D 22 9.39 59.93 -31.90
CA ALA D 22 10.79 59.54 -31.71
C ALA D 22 11.77 60.18 -32.68
N ASP D 23 12.92 60.60 -32.17
CA ASP D 23 14.07 60.92 -33.02
C ASP D 23 14.67 59.68 -33.65
N PHE D 24 14.65 58.55 -32.94
CA PHE D 24 15.09 57.26 -33.47
C PHE D 24 14.65 56.17 -32.51
N PHE D 25 14.55 54.93 -32.98
CA PHE D 25 14.29 53.77 -32.11
C PHE D 25 15.45 52.79 -32.14
N ALA D 26 15.41 51.89 -31.19
CA ALA D 26 16.42 50.89 -30.98
C ALA D 26 15.65 49.62 -30.83
N ILE D 27 16.12 48.53 -31.44
CA ILE D 27 15.37 47.28 -31.33
C ILE D 27 16.25 46.11 -31.00
N ASP D 28 15.59 45.06 -30.52
CA ASP D 28 16.21 43.80 -30.18
C ASP D 28 15.20 42.67 -30.20
N GLY D 29 15.69 41.44 -30.34
CA GLY D 29 14.81 40.29 -30.30
C GLY D 29 15.19 39.26 -29.25
N GLU D 30 14.27 38.37 -28.92
CA GLU D 30 14.61 37.19 -28.13
C GLU D 30 13.98 36.02 -28.82
N PHE D 31 14.79 34.99 -29.00
CA PHE D 31 14.44 33.90 -29.87
C PHE D 31 14.27 32.63 -29.09
N SER D 32 13.51 31.75 -29.71
CA SER D 32 13.27 30.37 -29.33
C SER D 32 14.60 29.60 -29.29
N GLY D 33 15.57 30.08 -30.06
CA GLY D 33 16.85 29.45 -30.22
C GLY D 33 17.64 30.11 -31.33
N ILE D 34 18.77 29.48 -31.69
CA ILE D 34 19.73 30.04 -32.65
C ILE D 34 19.99 29.13 -33.86
N SER D 35 20.47 27.90 -33.63
CA SER D 35 20.68 26.95 -34.72
C SER D 35 20.34 25.52 -34.32
N ASP D 36 19.82 24.78 -35.28
CA ASP D 36 19.29 23.43 -35.02
C ASP D 36 20.34 22.32 -35.13
N GLY D 37 21.62 22.69 -35.31
CA GLY D 37 22.69 21.71 -35.41
C GLY D 37 24.10 22.29 -35.50
N PRO D 38 24.46 22.86 -36.66
CA PRO D 38 25.82 23.41 -36.87
C PRO D 38 26.18 24.58 -35.94
N GLY D 46 32.92 29.54 -42.72
CA GLY D 46 34.04 30.45 -42.45
C GLY D 46 34.56 31.08 -43.73
N PHE D 47 34.67 30.23 -44.74
CA PHE D 47 34.91 30.65 -46.12
C PHE D 47 33.61 30.91 -46.89
N ASP D 48 32.46 30.78 -46.25
CA ASP D 48 31.18 31.09 -46.89
C ASP D 48 31.16 32.46 -47.57
N THR D 49 30.41 32.57 -48.65
CA THR D 49 30.10 33.86 -49.26
C THR D 49 28.87 34.39 -48.54
N PRO D 50 28.59 35.69 -48.62
CA PRO D 50 27.38 36.18 -47.96
C PRO D 50 26.17 35.40 -48.41
N GLU D 51 26.02 35.18 -49.71
CA GLU D 51 24.88 34.46 -50.27
C GLU D 51 24.82 33.01 -49.78
N GLU D 52 25.96 32.38 -49.65
CA GLU D 52 26.01 31.01 -49.14
C GLU D 52 25.63 31.00 -47.68
N ARG D 53 26.11 31.98 -46.94
CA ARG D 53 25.83 32.07 -45.52
C ARG D 53 24.38 32.38 -45.30
N TYR D 54 23.86 33.35 -46.03
CA TYR D 54 22.47 33.71 -45.97
C TYR D 54 21.63 32.47 -46.09
N GLN D 55 22.02 31.61 -47.02
CA GLN D 55 21.27 30.38 -47.29
C GLN D 55 21.26 29.44 -46.07
N LYS D 56 22.37 29.31 -45.37
CA LYS D 56 22.46 28.45 -44.19
C LYS D 56 21.60 28.98 -43.02
N LEU D 57 21.72 30.27 -42.74
CA LEU D 57 20.87 30.99 -41.77
C LEU D 57 19.38 30.77 -42.04
N LYS D 58 18.96 30.93 -43.28
CA LYS D 58 17.58 30.72 -43.67
C LYS D 58 17.07 29.30 -43.36
N LYS D 59 17.94 28.31 -43.58
CA LYS D 59 17.60 26.91 -43.33
C LYS D 59 17.63 26.51 -41.85
N HIS D 60 18.57 27.03 -41.07
CA HIS D 60 18.84 26.48 -39.73
C HIS D 60 18.61 27.46 -38.58
N SER D 61 18.12 28.64 -38.89
CA SER D 61 17.75 29.61 -37.87
C SER D 61 16.32 30.14 -37.99
N MET D 62 15.70 30.07 -39.16
CA MET D 62 14.39 30.69 -39.30
C MET D 62 13.23 29.86 -38.74
N ASP D 63 13.45 28.57 -38.51
CA ASP D 63 12.44 27.71 -37.85
C ASP D 63 12.28 28.02 -36.35
N PHE D 64 13.21 28.78 -35.80
CA PHE D 64 13.07 29.34 -34.46
C PHE D 64 12.21 30.60 -34.47
N LEU D 65 11.85 31.08 -33.29
CA LEU D 65 10.82 32.11 -33.15
C LEU D 65 11.38 33.34 -32.48
N LEU D 66 11.06 34.49 -33.04
CA LEU D 66 11.27 35.74 -32.34
C LEU D 66 10.02 35.85 -31.51
N PHE D 67 10.14 35.69 -30.21
CA PHE D 67 8.97 35.76 -29.37
C PHE D 67 9.01 36.87 -28.34
N GLN D 68 10.01 37.73 -28.38
CA GLN D 68 9.92 38.95 -27.61
C GLN D 68 10.62 40.02 -28.42
N PHE D 69 9.89 41.08 -28.76
CA PHE D 69 10.43 42.18 -29.53
C PHE D 69 10.62 43.37 -28.61
N GLY D 70 11.83 43.88 -28.50
CA GLY D 70 12.14 44.98 -27.62
C GLY D 70 12.33 46.26 -28.42
N LEU D 71 11.59 47.31 -28.10
CA LEU D 71 11.65 48.57 -28.84
C LEU D 71 11.81 49.73 -27.88
N CYS D 72 12.91 50.47 -27.99
CA CYS D 72 13.12 51.66 -27.18
C CYS D 72 13.22 52.93 -28.03
N THR D 73 12.20 53.76 -27.87
CA THR D 73 12.05 55.09 -28.43
C THR D 73 12.94 56.13 -27.75
N PHE D 74 13.48 57.06 -28.54
CA PHE D 74 14.40 58.06 -28.05
C PHE D 74 14.07 59.42 -28.65
N LYS D 75 13.68 60.40 -27.83
CA LYS D 75 13.31 61.74 -28.30
C LYS D 75 14.17 62.78 -27.58
N TYR D 76 14.93 63.58 -28.31
CA TYR D 76 15.81 64.58 -27.69
C TYR D 76 15.04 65.84 -27.29
N ASP D 77 15.45 66.45 -26.18
CA ASP D 77 14.85 67.69 -25.68
C ASP D 77 15.93 68.75 -25.63
N TYR D 78 15.96 69.66 -26.61
CA TYR D 78 17.09 70.58 -26.71
C TYR D 78 17.12 71.63 -25.57
N THR D 79 16.02 71.78 -24.84
CA THR D 79 16.01 72.71 -23.71
C THR D 79 16.82 72.12 -22.58
N ASP D 80 16.47 70.89 -22.24
CA ASP D 80 17.05 70.17 -21.10
C ASP D 80 18.43 69.54 -21.46
N SER D 81 18.81 69.66 -22.73
CA SER D 81 19.77 68.75 -23.38
C SER D 81 19.78 67.34 -22.78
N LYS D 82 18.66 66.64 -22.95
CA LYS D 82 18.51 65.24 -22.53
C LYS D 82 17.55 64.41 -23.44
N TYR D 83 17.75 63.09 -23.47
CA TYR D 83 16.86 62.18 -24.20
C TYR D 83 15.77 61.66 -23.29
N ILE D 84 14.54 61.58 -23.80
CA ILE D 84 13.46 60.94 -23.09
C ILE D 84 13.16 59.62 -23.78
N THR D 85 13.06 58.55 -23.01
CA THR D 85 12.89 57.24 -23.64
C THR D 85 11.61 56.56 -23.24
N LYS D 86 11.23 55.56 -24.02
CA LYS D 86 10.07 54.74 -23.78
C LYS D 86 10.38 53.33 -24.26
N SER D 87 10.70 52.40 -23.36
CA SER D 87 10.96 51.04 -23.81
C SER D 87 9.75 50.12 -23.66
N PHE D 88 9.51 49.29 -24.68
CA PHE D 88 8.48 48.25 -24.69
C PHE D 88 9.03 46.82 -24.93
N ASN D 89 8.36 45.83 -24.35
CA ASN D 89 8.58 44.43 -24.66
C ASN D 89 7.28 43.84 -25.18
N PHE D 90 7.26 43.40 -26.42
CA PHE D 90 6.09 42.75 -26.98
C PHE D 90 6.32 41.25 -26.99
N TYR D 91 5.40 40.49 -26.42
CA TYR D 91 5.44 39.03 -26.50
C TYR D 91 4.56 38.63 -27.66
N VAL D 92 5.12 37.87 -28.59
CA VAL D 92 4.40 37.44 -29.77
C VAL D 92 4.33 35.94 -29.89
N PHE D 93 3.22 35.45 -30.39
CA PHE D 93 3.04 34.04 -30.60
C PHE D 93 2.08 33.80 -31.74
N PRO D 94 2.42 32.92 -32.70
CA PRO D 94 1.54 32.68 -33.83
C PRO D 94 0.32 31.90 -33.38
N LYS D 95 -0.63 32.58 -32.76
CA LYS D 95 -1.83 31.91 -32.32
C LYS D 95 -2.71 31.83 -33.55
N PRO D 96 -3.06 30.60 -33.94
CA PRO D 96 -3.83 30.39 -35.18
C PRO D 96 -5.19 31.06 -35.07
N PHE D 97 -5.49 31.90 -36.05
CA PHE D 97 -6.72 32.69 -36.07
C PHE D 97 -7.92 31.80 -36.37
N ASN D 98 -8.00 31.30 -37.60
CA ASN D 98 -9.17 30.59 -38.12
C ASN D 98 -9.07 29.07 -37.90
N ARG D 99 -9.86 28.32 -38.67
CA ARG D 99 -9.71 26.88 -38.78
C ARG D 99 -9.03 26.51 -40.10
N SER D 100 -8.70 27.51 -40.90
CA SER D 100 -7.98 27.32 -42.17
C SER D 100 -6.57 27.89 -42.14
N SER D 101 -6.22 28.62 -41.07
CA SER D 101 -4.87 29.15 -40.87
C SER D 101 -3.85 28.01 -40.72
N PRO D 102 -2.59 28.25 -41.07
CA PRO D 102 -1.57 27.22 -40.88
C PRO D 102 -1.35 26.96 -39.37
N ASP D 103 -1.06 25.72 -39.04
CA ASP D 103 -0.70 25.34 -37.68
C ASP D 103 0.82 25.39 -37.55
N VAL D 104 1.33 26.48 -36.98
CA VAL D 104 2.76 26.77 -37.02
C VAL D 104 3.55 25.90 -36.05
N LYS D 105 4.56 25.24 -36.60
CA LYS D 105 5.51 24.44 -35.86
C LYS D 105 6.79 25.24 -35.78
N PHE D 106 7.38 25.38 -34.60
CA PHE D 106 8.69 26.04 -34.49
C PHE D 106 9.63 25.19 -33.64
N VAL D 107 10.90 25.58 -33.58
CA VAL D 107 11.92 24.81 -32.84
C VAL D 107 12.44 25.59 -31.65
N CYS D 108 12.89 24.87 -30.63
CA CYS D 108 13.48 25.49 -29.44
C CYS D 108 14.83 24.86 -29.07
N GLN D 109 15.73 25.72 -28.63
CA GLN D 109 17.07 25.29 -28.25
C GLN D 109 17.09 25.32 -26.74
N SER D 110 17.22 24.16 -26.12
CA SER D 110 17.24 24.08 -24.66
C SER D 110 18.17 25.11 -23.97
N SER D 111 19.35 25.40 -24.52
CA SER D 111 20.27 26.32 -23.86
C SER D 111 19.78 27.75 -23.98
N SER D 112 19.03 28.03 -25.02
CA SER D 112 18.41 29.32 -25.17
C SER D 112 17.32 29.51 -24.14
N ILE D 113 16.43 28.50 -24.03
CA ILE D 113 15.31 28.56 -23.10
C ILE D 113 15.86 28.66 -21.69
N ASP D 114 16.94 27.94 -21.47
CA ASP D 114 17.58 27.85 -20.17
C ASP D 114 18.15 29.19 -19.75
N PHE D 115 18.81 29.88 -20.67
CA PHE D 115 19.39 31.18 -20.38
C PHE D 115 18.29 32.20 -20.11
N LEU D 116 17.28 32.27 -20.95
CA LEU D 116 16.17 33.18 -20.73
C LEU D 116 15.49 32.90 -19.38
N ALA D 117 15.38 31.61 -19.06
CA ALA D 117 14.77 31.18 -17.81
C ALA D 117 15.59 31.72 -16.66
N SER D 118 16.90 31.75 -16.86
CA SER D 118 17.83 32.20 -15.82
C SER D 118 17.75 33.70 -15.63
N GLN D 119 17.19 34.39 -16.61
CA GLN D 119 16.98 35.82 -16.49
C GLN D 119 15.52 36.19 -16.10
N GLY D 120 14.63 35.20 -15.94
CA GLY D 120 13.29 35.45 -15.46
C GLY D 120 12.24 35.58 -16.52
N PHE D 121 12.62 35.32 -17.76
CA PHE D 121 11.71 35.42 -18.88
C PHE D 121 10.46 34.65 -18.55
N ASP D 122 9.32 35.29 -18.74
CA ASP D 122 8.03 34.72 -18.42
C ASP D 122 7.47 34.09 -19.66
N PHE D 123 7.59 32.78 -19.77
CA PHE D 123 7.14 32.06 -20.93
C PHE D 123 5.64 32.04 -21.03
N ASN D 124 4.93 32.17 -19.91
CA ASN D 124 3.48 32.28 -20.00
C ASN D 124 3.07 33.53 -20.77
N LYS D 125 3.85 34.61 -20.71
CA LYS D 125 3.59 35.81 -21.52
C LYS D 125 3.73 35.58 -23.04
N VAL D 126 4.45 34.57 -23.45
CA VAL D 126 4.47 34.22 -24.87
C VAL D 126 3.43 33.13 -25.17
N PHE D 127 3.54 32.00 -24.47
CA PHE D 127 2.77 30.81 -24.81
C PHE D 127 1.34 30.81 -24.34
N ARG D 128 1.02 31.63 -23.35
CA ARG D 128 -0.31 31.66 -22.79
C ARG D 128 -1.06 32.92 -23.24
N ASN D 129 -0.32 34.00 -23.48
CA ASN D 129 -0.96 35.27 -23.82
C ASN D 129 -0.10 36.19 -24.70
N GLY D 130 0.30 35.66 -25.85
CA GLY D 130 1.16 36.37 -26.78
C GLY D 130 0.32 37.04 -27.83
N ILE D 131 0.80 38.19 -28.30
CA ILE D 131 0.13 38.94 -29.35
C ILE D 131 0.30 38.14 -30.64
N PRO D 132 -0.77 37.92 -31.39
CA PRO D 132 -0.67 37.13 -32.60
C PRO D 132 -0.22 38.03 -33.76
N TYR D 133 -0.07 37.49 -34.97
CA TYR D 133 0.36 38.31 -36.08
C TYR D 133 0.16 37.59 -37.37
N LEU D 134 0.28 38.34 -38.46
CA LEU D 134 0.23 37.80 -39.80
C LEU D 134 1.17 38.54 -40.67
N ASN D 135 1.74 37.85 -41.66
CA ASN D 135 2.56 38.50 -42.67
C ASN D 135 1.73 39.09 -43.81
N GLN D 136 2.39 39.87 -44.68
CA GLN D 136 1.76 40.50 -45.84
C GLN D 136 0.78 39.59 -46.60
N GLU D 137 1.23 38.38 -46.95
CA GLU D 137 0.39 37.44 -47.73
C GLU D 137 -0.72 36.77 -46.90
N GLU D 138 -0.44 36.43 -45.65
CA GLU D 138 -1.44 35.84 -44.78
C GLU D 138 -2.56 36.86 -44.49
N GLU D 139 -2.30 38.13 -44.78
CA GLU D 139 -3.31 39.17 -44.65
C GLU D 139 -4.22 39.23 -45.87
N ARG D 140 -3.64 39.24 -47.08
CA ARG D 140 -4.43 39.27 -48.32
C ARG D 140 -5.28 38.00 -48.45
N GLN D 141 -4.62 36.85 -48.33
CA GLN D 141 -5.27 35.53 -48.20
C GLN D 141 -6.51 35.58 -47.34
N LEU D 142 -6.41 36.17 -46.15
CA LEU D 142 -7.51 36.19 -45.17
C LEU D 142 -8.62 37.21 -45.55
N ARG D 143 -8.54 37.70 -46.78
CA ARG D 143 -9.44 38.73 -47.31
C ARG D 143 -9.82 38.43 -48.77
N PRO D 170 -47.20 26.32 -50.71
CA PRO D 170 -46.23 25.51 -49.96
C PRO D 170 -46.50 25.50 -48.44
N VAL D 171 -47.77 25.34 -48.03
CA VAL D 171 -48.20 25.50 -46.64
C VAL D 171 -49.34 24.55 -46.23
N THR D 172 -49.05 23.56 -45.37
CA THR D 172 -50.08 22.63 -44.88
C THR D 172 -49.82 22.18 -43.45
N ILE D 173 -50.79 22.34 -42.57
CA ILE D 173 -50.60 22.05 -41.16
C ILE D 173 -51.52 20.91 -40.75
N PRO D 174 -50.95 19.81 -40.27
CA PRO D 174 -51.73 18.61 -39.98
C PRO D 174 -52.69 18.83 -38.83
N GLU D 175 -53.76 18.05 -38.79
CA GLU D 175 -54.89 18.28 -37.88
C GLU D 175 -54.47 18.28 -36.42
N ASP D 176 -53.35 17.63 -36.14
CA ASP D 176 -52.92 17.40 -34.76
C ASP D 176 -52.01 18.49 -34.23
N GLN D 177 -51.63 19.43 -35.10
CA GLN D 177 -50.86 20.59 -34.70
C GLN D 177 -51.61 21.92 -34.95
N LYS D 178 -52.88 21.88 -35.36
CA LYS D 178 -53.57 23.11 -35.72
C LYS D 178 -53.65 24.07 -34.53
N LYS D 179 -54.08 23.61 -33.35
CA LYS D 179 -54.16 24.51 -32.20
C LYS D 179 -52.80 24.99 -31.77
N PHE D 180 -51.81 24.11 -31.85
CA PHE D 180 -50.47 24.49 -31.46
C PHE D 180 -50.00 25.73 -32.23
N ILE D 181 -50.26 25.75 -33.54
CA ILE D 181 -49.82 26.86 -34.40
C ILE D 181 -50.74 28.07 -34.29
N ASP D 182 -52.04 27.86 -34.10
CA ASP D 182 -52.96 28.97 -33.85
C ASP D 182 -52.42 29.78 -32.67
N GLN D 183 -52.19 29.10 -31.55
CA GLN D 183 -51.65 29.71 -30.33
C GLN D 183 -50.44 30.59 -30.62
N VAL D 184 -49.47 30.05 -31.34
CA VAL D 184 -48.24 30.77 -31.67
C VAL D 184 -48.51 32.05 -32.47
N VAL D 185 -49.39 31.97 -33.46
CA VAL D 185 -49.78 33.11 -34.29
C VAL D 185 -50.49 34.11 -33.40
N GLU D 186 -51.42 33.62 -32.59
CA GLU D 186 -52.11 34.42 -31.59
C GLU D 186 -51.14 35.17 -30.66
N LYS D 187 -50.00 34.58 -30.31
CA LYS D 187 -49.02 35.26 -29.48
C LYS D 187 -48.32 36.33 -30.29
N ILE D 188 -48.10 36.06 -31.57
CA ILE D 188 -47.36 36.97 -32.44
C ILE D 188 -48.19 38.22 -32.71
N GLU D 189 -49.52 38.08 -32.61
CA GLU D 189 -50.43 39.21 -32.72
C GLU D 189 -50.47 39.97 -31.39
N ASP D 190 -50.29 39.26 -30.27
CA ASP D 190 -50.09 39.88 -28.96
C ASP D 190 -48.67 40.44 -28.80
N LEU D 191 -47.88 40.37 -29.87
CA LEU D 191 -46.57 41.03 -29.96
C LEU D 191 -46.62 42.26 -30.90
N LEU D 192 -47.26 42.12 -32.05
CA LEU D 192 -47.34 43.20 -33.04
C LEU D 192 -48.14 44.40 -32.53
N GLN D 193 -49.09 44.12 -31.63
CA GLN D 193 -49.91 45.17 -31.02
C GLN D 193 -49.26 45.75 -29.78
N SER D 194 -48.97 44.89 -28.80
CA SER D 194 -48.53 45.34 -27.48
C SER D 194 -47.34 46.31 -27.58
N GLU D 195 -47.25 47.19 -26.59
CA GLU D 195 -46.16 48.16 -26.56
C GLU D 195 -44.95 47.50 -25.95
N GLU D 196 -43.86 48.26 -25.83
CA GLU D 196 -42.51 47.74 -25.49
C GLU D 196 -41.92 47.00 -26.71
N ASN D 197 -40.61 47.19 -26.95
CA ASN D 197 -39.87 46.39 -27.93
C ASN D 197 -39.73 44.98 -27.35
N LYS D 198 -40.86 44.26 -27.27
CA LYS D 198 -40.94 43.01 -26.57
C LYS D 198 -40.27 41.92 -27.44
N ASN D 199 -39.83 40.86 -26.76
CA ASN D 199 -39.39 39.65 -27.43
C ASN D 199 -40.27 38.51 -26.93
N LEU D 200 -41.02 37.92 -27.88
CA LEU D 200 -41.76 36.70 -27.62
C LEU D 200 -40.79 35.54 -27.82
N ASP D 201 -40.54 34.78 -26.76
CA ASP D 201 -39.72 33.59 -26.88
C ASP D 201 -40.56 32.38 -26.49
N LEU D 202 -40.77 31.51 -27.47
CA LEU D 202 -41.63 30.35 -27.33
C LEU D 202 -40.99 29.32 -26.43
N GLU D 203 -41.83 28.57 -25.71
CA GLU D 203 -41.30 27.49 -24.89
C GLU D 203 -40.93 26.32 -25.80
N PRO D 204 -39.86 25.60 -25.48
CA PRO D 204 -39.35 24.52 -26.33
C PRO D 204 -40.42 23.64 -26.96
N CYS D 205 -40.20 23.35 -28.23
CA CYS D 205 -41.07 22.52 -29.03
C CYS D 205 -40.20 21.52 -29.81
N THR D 206 -40.82 20.65 -30.58
CA THR D 206 -40.10 19.62 -31.30
C THR D 206 -39.55 20.23 -32.57
N GLY D 207 -38.53 19.61 -33.14
CA GLY D 207 -38.05 19.98 -34.47
C GLY D 207 -39.16 20.09 -35.51
N PHE D 208 -40.16 19.23 -35.39
CA PHE D 208 -41.27 19.24 -36.32
C PHE D 208 -42.00 20.55 -36.15
N GLN D 209 -42.29 20.89 -34.90
CA GLN D 209 -43.08 22.05 -34.57
C GLN D 209 -42.30 23.29 -34.89
N ARG D 210 -40.97 23.20 -34.74
CA ARG D 210 -40.06 24.27 -35.10
C ARG D 210 -40.09 24.52 -36.60
N LYS D 211 -40.23 23.46 -37.38
CA LYS D 211 -40.28 23.56 -38.84
C LYS D 211 -41.60 24.15 -39.22
N LEU D 212 -42.68 23.68 -38.60
CA LEU D 212 -44.02 24.17 -38.91
C LEU D 212 -44.13 25.64 -38.53
N ILE D 213 -43.36 26.08 -37.55
CA ILE D 213 -43.44 27.45 -37.08
C ILE D 213 -42.70 28.35 -38.04
N TYR D 214 -41.46 27.99 -38.37
CA TYR D 214 -40.68 28.72 -39.36
C TYR D 214 -41.42 28.85 -40.67
N GLN D 215 -41.98 27.76 -41.18
CA GLN D 215 -42.71 27.79 -42.44
C GLN D 215 -43.96 28.67 -42.36
N THR D 216 -44.65 28.61 -41.23
CA THR D 216 -45.87 29.35 -41.05
C THR D 216 -45.62 30.86 -40.98
N LEU D 217 -44.49 31.26 -40.41
CA LEU D 217 -44.10 32.68 -40.36
C LEU D 217 -43.53 33.25 -41.68
N SER D 218 -43.08 32.39 -42.58
CA SER D 218 -42.55 32.83 -43.86
C SER D 218 -43.65 33.27 -44.82
N TRP D 219 -44.87 32.75 -44.69
CA TRP D 219 -45.99 33.25 -45.49
C TRP D 219 -47.00 34.04 -44.67
N LYS D 220 -46.73 34.29 -43.39
CA LYS D 220 -47.70 34.98 -42.52
C LYS D 220 -47.13 36.27 -41.94
N TYR D 221 -45.80 36.37 -41.90
CA TYR D 221 -45.11 37.53 -41.37
C TYR D 221 -43.78 37.66 -42.13
N PRO D 222 -43.89 37.86 -43.45
CA PRO D 222 -42.74 37.84 -44.35
C PRO D 222 -41.69 38.93 -44.05
N LYS D 223 -42.15 40.13 -43.67
CA LYS D 223 -41.25 41.21 -43.28
C LYS D 223 -41.62 41.77 -41.91
N GLY D 224 -40.61 42.27 -41.19
CA GLY D 224 -40.81 42.92 -39.91
C GLY D 224 -40.64 41.99 -38.72
N ILE D 225 -40.48 40.71 -38.98
CA ILE D 225 -40.29 39.73 -37.91
C ILE D 225 -39.10 38.80 -38.15
N HIS D 226 -38.30 38.64 -37.10
CA HIS D 226 -37.04 37.93 -37.16
C HIS D 226 -37.05 36.81 -36.13
N VAL D 227 -36.91 35.59 -36.63
CA VAL D 227 -36.98 34.37 -35.84
C VAL D 227 -35.58 33.85 -35.58
N GLU D 228 -35.36 33.25 -34.42
CA GLU D 228 -34.07 32.68 -34.07
C GLU D 228 -34.24 31.41 -33.23
N THR D 229 -33.23 30.54 -33.21
CA THR D 229 -33.28 29.38 -32.33
C THR D 229 -32.11 29.40 -31.36
N LEU D 230 -32.33 29.99 -30.20
CA LEU D 230 -31.28 30.18 -29.20
C LEU D 230 -31.19 28.96 -28.27
N GLU D 231 -30.19 28.98 -27.39
CA GLU D 231 -29.94 27.88 -26.46
C GLU D 231 -29.75 28.36 -25.00
N THR D 232 -30.50 27.75 -24.08
CA THR D 232 -30.44 28.07 -22.65
C THR D 232 -29.20 27.47 -22.00
N GLU D 233 -29.17 26.14 -21.92
CA GLU D 233 -28.00 25.41 -21.42
C GLU D 233 -27.48 24.43 -22.48
N LYS D 234 -28.38 23.62 -23.07
CA LYS D 234 -27.95 22.61 -24.05
C LYS D 234 -29.06 22.15 -25.04
N LYS D 235 -28.63 21.92 -26.29
CA LYS D 235 -29.46 21.53 -27.46
C LYS D 235 -30.50 22.60 -27.89
N GLU D 236 -30.17 23.32 -28.99
CA GLU D 236 -30.96 24.47 -29.49
C GLU D 236 -32.43 24.08 -29.68
N ARG D 237 -33.27 24.43 -28.70
CA ARG D 237 -34.65 23.96 -28.62
C ARG D 237 -35.74 25.04 -28.40
N TYR D 238 -35.37 26.23 -27.91
CA TYR D 238 -36.36 27.31 -27.79
C TYR D 238 -36.21 28.38 -28.88
N ILE D 239 -37.34 28.88 -29.35
CA ILE D 239 -37.39 29.87 -30.42
C ILE D 239 -37.64 31.28 -29.85
N VAL D 240 -37.02 32.28 -30.48
CA VAL D 240 -37.23 33.69 -30.15
C VAL D 240 -37.74 34.46 -31.38
N ILE D 241 -38.97 34.96 -31.30
CA ILE D 241 -39.52 35.86 -32.32
C ILE D 241 -39.41 37.32 -31.81
N SER D 242 -39.14 38.24 -32.72
CA SER D 242 -38.84 39.63 -32.35
C SER D 242 -39.28 40.62 -33.42
N LYS D 243 -39.81 41.77 -32.99
CA LYS D 243 -40.21 42.82 -33.92
C LYS D 243 -38.94 43.47 -34.42
N VAL D 244 -38.59 43.22 -35.69
CA VAL D 244 -37.36 43.76 -36.27
C VAL D 244 -37.63 44.58 -37.52
N ASP D 245 -37.54 45.90 -37.35
CA ASP D 245 -37.59 46.89 -38.42
C ASP D 245 -36.75 46.44 -39.62
N GLU D 246 -37.06 46.94 -40.81
CA GLU D 246 -36.25 46.64 -42.01
C GLU D 246 -35.00 47.51 -42.10
N GLU D 247 -35.03 48.66 -41.43
CA GLU D 247 -33.87 49.55 -41.34
C GLU D 247 -32.88 49.04 -40.29
N GLU D 248 -33.39 48.24 -39.35
CA GLU D 248 -32.55 47.71 -38.27
C GLU D 248 -31.94 46.35 -38.60
N ARG D 249 -32.50 45.67 -39.59
CA ARG D 249 -31.84 44.52 -40.19
C ARG D 249 -30.50 45.01 -40.74
N LYS D 250 -30.50 46.21 -41.32
CA LYS D 250 -29.30 46.80 -41.91
C LYS D 250 -28.36 47.40 -40.87
N ARG D 251 -28.91 47.86 -39.74
CA ARG D 251 -28.07 48.36 -38.64
C ARG D 251 -27.19 47.23 -38.13
N ARG D 252 -27.85 46.12 -37.75
CA ARG D 252 -27.19 44.95 -37.18
C ARG D 252 -26.18 44.32 -38.12
N GLU D 253 -26.39 44.52 -39.43
CA GLU D 253 -25.58 43.93 -40.46
C GLU D 253 -24.30 44.74 -40.64
N GLN D 254 -24.41 46.05 -40.84
CA GLN D 254 -23.23 46.92 -40.95
C GLN D 254 -22.56 47.11 -39.59
N GLN D 255 -23.15 46.53 -38.54
CA GLN D 255 -22.56 46.45 -37.20
C GLN D 255 -21.80 45.13 -37.05
N LYS D 256 -22.32 44.08 -37.70
CA LYS D 256 -21.69 42.78 -37.76
C LYS D 256 -20.50 42.80 -38.72
N HIS D 257 -20.63 43.50 -39.84
CA HIS D 257 -19.54 43.63 -40.78
C HIS D 257 -18.45 44.48 -40.15
N ALA D 258 -18.83 45.49 -39.39
CA ALA D 258 -17.85 46.34 -38.70
C ALA D 258 -16.94 45.55 -37.75
N LYS D 259 -17.55 44.68 -36.93
CA LYS D 259 -16.80 43.84 -36.00
C LYS D 259 -15.97 42.79 -36.75
N GLU D 260 -16.41 42.42 -37.96
CA GLU D 260 -15.64 41.50 -38.79
C GLU D 260 -14.35 42.17 -39.26
N GLN D 261 -14.40 43.40 -39.79
CA GLN D 261 -13.18 44.11 -40.20
C GLN D 261 -12.24 44.37 -39.02
N GLU D 262 -12.81 44.37 -37.82
CA GLU D 262 -12.04 44.49 -36.59
C GLU D 262 -11.26 43.23 -36.30
N GLU D 263 -11.95 42.08 -36.32
CA GLU D 263 -11.36 40.78 -36.04
C GLU D 263 -10.16 40.51 -36.95
N LEU D 264 -10.33 40.81 -38.23
CA LEU D 264 -9.26 40.75 -39.22
C LEU D 264 -8.12 41.70 -38.87
N ASN D 265 -8.40 43.00 -38.94
CA ASN D 265 -7.40 44.01 -38.59
C ASN D 265 -6.76 43.82 -37.21
N ASP D 266 -7.33 42.97 -36.35
CA ASP D 266 -6.71 42.66 -35.07
C ASP D 266 -5.66 41.59 -35.29
N ALA D 267 -6.05 40.52 -35.97
CA ALA D 267 -5.21 39.34 -36.18
C ALA D 267 -3.91 39.61 -36.93
N VAL D 268 -3.83 40.73 -37.66
CA VAL D 268 -2.55 41.15 -38.23
C VAL D 268 -1.60 41.45 -37.06
N GLY D 269 -2.18 41.89 -35.95
CA GLY D 269 -1.54 41.84 -34.64
C GLY D 269 -0.33 42.73 -34.55
N PHE D 270 0.78 42.14 -34.11
CA PHE D 270 1.99 42.90 -33.89
C PHE D 270 2.61 43.44 -35.21
N SER D 271 2.33 42.78 -36.32
CA SER D 271 2.78 43.30 -37.61
C SER D 271 2.42 44.79 -37.80
N ARG D 272 1.32 45.24 -37.20
CA ARG D 272 0.94 46.66 -37.22
C ARG D 272 2.05 47.57 -36.68
N VAL D 273 2.63 47.20 -35.54
CA VAL D 273 3.80 47.88 -34.97
C VAL D 273 4.96 48.00 -35.94
N ILE D 274 5.32 46.88 -36.58
CA ILE D 274 6.41 46.82 -37.53
C ILE D 274 6.12 47.72 -38.74
N HIS D 275 4.90 47.60 -39.28
CA HIS D 275 4.41 48.53 -40.31
C HIS D 275 4.68 49.96 -39.89
N ALA D 276 4.24 50.33 -38.70
CA ALA D 276 4.42 51.70 -38.23
C ALA D 276 5.89 52.14 -38.21
N ILE D 277 6.80 51.25 -37.82
CA ILE D 277 8.24 51.56 -37.84
C ILE D 277 8.76 51.76 -39.27
N ALA D 278 8.41 50.82 -40.13
CA ALA D 278 8.77 50.87 -41.56
C ALA D 278 8.34 52.21 -42.18
N ASN D 279 7.08 52.56 -41.97
CA ASN D 279 6.54 53.80 -42.50
C ASN D 279 7.08 55.05 -41.83
N SER D 280 7.49 54.94 -40.57
CA SER D 280 8.01 56.10 -39.87
C SER D 280 9.13 56.77 -40.67
N GLY D 281 9.97 55.99 -41.34
CA GLY D 281 11.14 56.56 -41.98
C GLY D 281 12.29 56.89 -41.05
N LYS D 282 12.07 56.72 -39.74
CA LYS D 282 13.08 56.99 -38.72
C LYS D 282 14.21 55.93 -38.70
N LEU D 283 15.39 56.34 -38.22
CA LEU D 283 16.53 55.44 -38.00
C LEU D 283 16.29 54.33 -36.96
N VAL D 284 16.47 53.06 -37.38
CA VAL D 284 16.34 51.91 -36.49
C VAL D 284 17.68 51.34 -36.11
N ILE D 285 17.93 51.25 -34.81
CA ILE D 285 19.23 50.90 -34.28
C ILE D 285 19.22 49.50 -33.66
N GLY D 286 20.32 48.78 -33.85
CA GLY D 286 20.49 47.46 -33.29
C GLY D 286 21.94 47.22 -32.91
N HIS D 287 22.18 46.05 -32.34
CA HIS D 287 23.53 45.60 -32.05
C HIS D 287 23.62 44.17 -32.49
N ASN D 288 24.47 43.92 -33.49
CA ASN D 288 24.70 42.59 -34.03
C ASN D 288 23.39 42.04 -34.50
N MET D 289 22.78 42.72 -35.48
CA MET D 289 21.33 42.67 -35.68
C MET D 289 20.79 41.82 -36.84
N LEU D 290 21.63 41.04 -37.52
CA LEU D 290 21.19 40.24 -38.66
C LEU D 290 20.00 39.37 -38.38
N LEU D 291 20.06 38.59 -37.31
CA LEU D 291 18.96 37.66 -37.01
C LEU D 291 17.71 38.41 -36.50
N ASP D 292 17.92 39.53 -35.80
CA ASP D 292 16.83 40.44 -35.44
C ASP D 292 16.03 40.81 -36.69
N VAL D 293 16.77 41.28 -37.68
CA VAL D 293 16.23 41.73 -38.93
C VAL D 293 15.70 40.54 -39.71
N MET D 294 16.50 39.52 -39.95
CA MET D 294 15.99 38.35 -40.66
C MET D 294 14.66 37.91 -40.06
N HIS D 295 14.64 37.63 -38.76
CA HIS D 295 13.42 37.18 -38.06
C HIS D 295 12.23 38.16 -38.15
N THR D 296 12.51 39.43 -37.88
CA THR D 296 11.49 40.45 -38.03
C THR D 296 10.81 40.36 -39.39
N VAL D 297 11.60 40.40 -40.46
CA VAL D 297 11.01 40.44 -41.79
C VAL D 297 10.40 39.12 -42.15
N HIS D 298 10.87 38.04 -41.57
CA HIS D 298 10.41 36.72 -41.96
C HIS D 298 9.03 36.38 -41.37
N GLN D 299 8.72 36.95 -40.21
CA GLN D 299 7.53 36.60 -39.45
C GLN D 299 6.41 37.64 -39.63
N PHE D 300 6.80 38.90 -39.78
CA PHE D 300 5.85 40.03 -39.80
C PHE D 300 5.70 40.66 -41.18
N TYR D 301 6.73 40.56 -42.03
CA TYR D 301 6.66 41.06 -43.38
C TYR D 301 6.31 39.92 -44.35
N CYS D 302 7.28 39.07 -44.69
CA CYS D 302 7.09 37.99 -45.64
C CYS D 302 8.18 36.92 -45.50
N PRO D 303 7.85 35.64 -45.70
CA PRO D 303 8.84 34.56 -45.51
C PRO D 303 10.07 34.70 -46.38
N LEU D 304 11.24 34.62 -45.74
CA LEU D 304 12.51 34.93 -46.35
C LEU D 304 12.67 34.36 -47.74
N PRO D 305 12.98 35.24 -48.67
CA PRO D 305 13.06 34.89 -50.09
C PRO D 305 14.27 33.99 -50.42
N ALA D 306 14.29 33.48 -51.65
CA ALA D 306 15.25 32.45 -52.05
C ALA D 306 16.63 33.00 -52.30
N ASP D 307 16.84 34.29 -52.11
CA ASP D 307 18.10 34.88 -52.52
C ASP D 307 18.51 36.09 -51.69
N LEU D 308 19.78 36.16 -51.33
CA LEU D 308 20.29 37.27 -50.55
C LEU D 308 19.99 38.62 -51.16
N SER D 309 20.21 38.73 -52.47
CA SER D 309 19.98 39.97 -53.21
C SER D 309 18.58 40.52 -52.97
N GLU D 310 17.54 39.72 -53.22
CA GLU D 310 16.17 40.19 -53.05
C GLU D 310 15.81 40.35 -51.56
N PHE D 311 16.55 39.67 -50.69
CA PHE D 311 16.41 39.85 -49.24
C PHE D 311 16.84 41.26 -48.83
N LYS D 312 17.94 41.76 -49.40
CA LYS D 312 18.43 43.12 -49.14
C LYS D 312 17.38 44.15 -49.49
N GLU D 313 16.62 43.90 -50.57
CA GLU D 313 15.58 44.81 -51.08
C GLU D 313 14.44 44.82 -50.09
N MET D 314 13.81 43.66 -49.97
CA MET D 314 12.89 43.32 -48.88
C MET D 314 13.28 43.85 -47.49
N THR D 315 14.56 43.99 -47.20
CA THR D 315 15.00 44.57 -45.94
C THR D 315 14.90 46.09 -45.98
N THR D 316 15.25 46.68 -47.12
CA THR D 316 15.05 48.12 -47.30
C THR D 316 13.56 48.51 -47.32
N CYS D 317 12.65 47.53 -47.33
CA CYS D 317 11.22 47.81 -47.11
C CYS D 317 10.92 48.05 -45.64
N VAL D 318 11.33 47.08 -44.83
CA VAL D 318 11.01 47.09 -43.41
C VAL D 318 11.90 48.11 -42.71
N PHE D 319 13.18 48.07 -43.05
CA PHE D 319 14.18 48.89 -42.39
C PHE D 319 14.97 49.68 -43.41
N PRO D 320 14.35 50.71 -43.98
CA PRO D 320 15.04 51.53 -44.98
C PRO D 320 16.18 52.36 -44.39
N ARG D 321 16.24 52.45 -43.06
CA ARG D 321 17.28 53.23 -42.41
C ARG D 321 17.78 52.49 -41.16
N LEU D 322 18.85 51.71 -41.34
CA LEU D 322 19.40 50.85 -40.30
C LEU D 322 20.71 51.38 -39.76
N LEU D 323 21.05 50.97 -38.56
CA LEU D 323 22.41 51.12 -38.04
C LEU D 323 22.70 50.09 -36.94
N ASP D 324 23.73 49.28 -37.16
CA ASP D 324 24.23 48.32 -36.21
C ASP D 324 25.33 48.99 -35.40
N THR D 325 25.31 48.84 -34.08
CA THR D 325 26.26 49.54 -33.21
C THR D 325 27.55 48.77 -33.04
N LYS D 326 27.53 47.45 -33.22
CA LYS D 326 28.75 46.65 -33.26
C LYS D 326 29.69 47.17 -34.35
N LEU D 327 29.18 47.32 -35.57
CA LEU D 327 30.02 47.71 -36.69
C LEU D 327 30.49 49.15 -36.52
N MET D 328 29.64 50.02 -35.98
CA MET D 328 30.01 51.41 -35.75
C MET D 328 31.17 51.47 -34.77
N ALA D 329 31.07 50.68 -33.71
CA ALA D 329 32.14 50.58 -32.69
C ALA D 329 33.37 49.76 -33.19
N SER D 330 33.27 49.15 -34.38
CA SER D 330 34.38 48.53 -35.10
C SER D 330 35.03 49.44 -36.15
N THR D 331 34.30 50.43 -36.64
CA THR D 331 34.79 51.34 -37.67
C THR D 331 35.43 52.55 -37.05
N GLN D 332 36.30 53.24 -37.78
CA GLN D 332 36.93 54.44 -37.22
C GLN D 332 35.89 55.55 -37.15
N PRO D 333 36.05 56.53 -36.24
CA PRO D 333 37.18 56.66 -35.31
C PRO D 333 37.08 55.87 -33.99
N PHE D 334 36.11 54.95 -33.91
CA PHE D 334 35.83 54.22 -32.69
C PHE D 334 36.70 52.99 -32.50
N LYS D 335 37.06 52.33 -33.61
CA LYS D 335 38.03 51.23 -33.57
C LYS D 335 39.31 51.59 -32.76
N ASP D 336 39.79 52.82 -32.91
CA ASP D 336 41.00 53.30 -32.25
C ASP D 336 40.97 53.29 -30.73
N ILE D 337 39.79 53.20 -30.12
CA ILE D 337 39.71 53.17 -28.66
C ILE D 337 38.88 52.04 -28.09
N ILE D 338 38.14 51.30 -28.90
CA ILE D 338 37.27 50.25 -28.37
C ILE D 338 37.81 48.88 -28.78
N ASN D 339 38.01 48.00 -27.79
CA ASN D 339 38.65 46.69 -27.95
C ASN D 339 37.68 45.50 -27.95
N ASN D 340 36.59 45.62 -27.17
CA ASN D 340 35.53 44.63 -27.16
C ASN D 340 34.22 45.31 -27.59
N THR D 341 33.54 44.75 -28.60
CA THR D 341 32.32 45.36 -29.14
C THR D 341 31.04 44.63 -28.77
N SER D 342 31.13 43.66 -27.87
CA SER D 342 29.95 43.09 -27.23
C SER D 342 29.16 44.21 -26.57
N LEU D 343 27.83 44.13 -26.71
CA LEU D 343 26.89 45.01 -26.05
C LEU D 343 27.29 45.23 -24.61
N ALA D 344 27.61 44.16 -23.91
CA ALA D 344 27.99 44.24 -22.50
C ALA D 344 29.20 45.16 -22.28
N GLU D 345 30.30 44.87 -22.98
CA GLU D 345 31.53 45.69 -22.86
C GLU D 345 31.38 47.08 -23.45
N LEU D 346 30.48 47.22 -24.42
CA LEU D 346 30.28 48.47 -25.12
C LEU D 346 29.74 49.47 -24.13
N GLU D 347 28.68 49.09 -23.42
CA GLU D 347 28.06 50.01 -22.50
C GLU D 347 28.95 50.28 -21.30
N LYS D 348 29.90 49.40 -21.01
CA LYS D 348 30.85 49.64 -19.93
C LYS D 348 31.81 50.70 -20.40
N ARG D 349 32.39 50.47 -21.56
CA ARG D 349 33.39 51.34 -22.14
C ARG D 349 32.87 52.77 -22.35
N LEU D 350 31.68 52.88 -22.92
CA LEU D 350 31.14 54.17 -23.38
C LEU D 350 30.68 55.12 -22.27
N LYS D 351 30.93 54.75 -21.01
CA LYS D 351 30.74 55.63 -19.88
C LYS D 351 32.05 56.36 -19.49
N GLU D 352 33.20 55.83 -19.91
CA GLU D 352 34.49 56.44 -19.58
C GLU D 352 35.08 57.27 -20.76
N THR D 353 36.04 58.15 -20.45
CA THR D 353 36.74 59.03 -21.44
C THR D 353 37.10 58.34 -22.75
N PRO D 354 37.01 58.98 -23.91
CA PRO D 354 36.56 60.36 -24.09
C PRO D 354 35.04 60.51 -24.02
N PHE D 355 34.33 59.38 -24.12
CA PHE D 355 32.87 59.34 -24.15
C PHE D 355 32.22 59.85 -22.86
N ASN D 356 31.14 60.60 -23.00
CA ASN D 356 30.32 61.00 -21.84
C ASN D 356 29.01 60.23 -21.89
N PRO D 357 28.54 59.73 -20.75
CA PRO D 357 27.27 59.01 -20.71
C PRO D 357 26.16 60.04 -20.91
N PRO D 358 25.26 59.85 -21.86
CA PRO D 358 24.30 60.90 -22.21
C PRO D 358 23.27 61.07 -21.12
N LYS D 359 22.73 62.25 -20.95
CA LYS D 359 21.71 62.44 -19.93
C LYS D 359 20.43 61.92 -20.50
N VAL D 360 19.81 60.96 -19.81
CA VAL D 360 18.66 60.25 -20.31
C VAL D 360 17.71 60.00 -19.15
N GLU D 361 16.43 59.86 -19.44
CA GLU D 361 15.39 59.74 -18.41
C GLU D 361 14.17 59.17 -19.08
N SER D 362 13.35 58.43 -18.38
CA SER D 362 12.18 57.91 -19.06
C SER D 362 10.94 58.82 -18.92
N ALA D 363 10.07 58.70 -19.91
CA ALA D 363 8.85 59.43 -19.99
C ALA D 363 8.06 59.25 -18.69
N GLU D 364 7.49 60.32 -18.17
CA GLU D 364 6.63 60.20 -17.02
C GLU D 364 5.63 59.10 -17.31
N GLY D 365 5.32 58.31 -16.28
CA GLY D 365 4.41 57.18 -16.40
C GLY D 365 5.10 55.91 -16.84
N PHE D 366 6.20 56.02 -17.58
CA PHE D 366 6.89 54.84 -18.13
C PHE D 366 7.90 54.26 -17.15
N PRO D 367 8.06 52.93 -17.14
CA PRO D 367 9.02 52.27 -16.24
C PRO D 367 10.49 52.65 -16.42
N SER D 368 11.32 52.21 -15.47
CA SER D 368 12.75 52.58 -15.42
C SER D 368 13.61 51.32 -15.25
N TYR D 369 14.93 51.47 -15.19
CA TYR D 369 15.82 50.31 -14.88
C TYR D 369 16.67 50.53 -13.63
N GLN D 375 20.58 43.67 -12.57
CA GLN D 375 19.75 44.05 -13.71
C GLN D 375 19.68 42.99 -14.84
N LEU D 376 18.68 42.11 -14.82
CA LEU D 376 18.64 40.94 -15.74
C LEU D 376 18.28 41.25 -17.21
N HIS D 377 18.57 40.31 -18.12
CA HIS D 377 18.42 40.57 -19.55
C HIS D 377 17.00 40.41 -20.06
N GLU D 378 16.63 41.35 -20.90
CA GLU D 378 15.38 41.32 -21.62
C GLU D 378 15.60 42.16 -22.87
N ALA D 379 14.80 41.92 -23.89
CA ALA D 379 14.92 42.60 -25.15
C ALA D 379 14.83 44.10 -24.94
N GLY D 380 13.87 44.53 -24.12
CA GLY D 380 13.57 45.93 -23.98
C GLY D 380 14.79 46.69 -23.50
N TYR D 381 15.41 46.14 -22.47
CA TYR D 381 16.57 46.72 -21.84
C TYR D 381 17.75 46.69 -22.79
N ASP D 382 17.95 45.58 -23.49
CA ASP D 382 18.99 45.53 -24.48
C ASP D 382 18.85 46.59 -25.59
N ALA D 383 17.64 46.86 -26.05
CA ALA D 383 17.44 47.91 -27.03
C ALA D 383 17.84 49.24 -26.41
N TYR D 384 17.47 49.40 -25.15
CA TYR D 384 17.73 50.63 -24.42
C TYR D 384 19.24 50.90 -24.32
N ILE D 385 19.96 49.87 -23.89
CA ILE D 385 21.38 49.92 -23.69
C ILE D 385 21.97 50.16 -25.05
N THR D 386 21.47 49.45 -26.04
CA THR D 386 21.91 49.69 -27.43
C THR D 386 21.80 51.17 -27.85
N GLY D 387 20.67 51.80 -27.54
CA GLY D 387 20.49 53.21 -27.84
C GLY D 387 21.44 54.14 -27.11
N LEU D 388 21.72 53.84 -25.85
CA LEU D 388 22.67 54.64 -25.11
C LEU D 388 24.05 54.53 -25.74
N CYS D 389 24.39 53.35 -26.24
CA CYS D 389 25.69 53.17 -26.88
C CYS D 389 25.76 54.06 -28.13
N PHE D 390 24.73 54.00 -28.95
CA PHE D 390 24.70 54.77 -30.17
C PHE D 390 24.88 56.23 -29.82
N ILE D 391 23.97 56.76 -28.99
CA ILE D 391 23.98 58.16 -28.60
C ILE D 391 25.38 58.55 -28.18
N SER D 392 26.00 57.72 -27.35
CA SER D 392 27.29 58.04 -26.78
C SER D 392 28.39 58.10 -27.85
N MET D 393 28.27 57.25 -28.86
CA MET D 393 29.21 57.27 -29.98
C MET D 393 28.92 58.49 -30.87
N ALA D 394 27.64 58.70 -31.20
CA ALA D 394 27.22 59.86 -32.00
C ALA D 394 27.77 61.18 -31.45
N ASN D 395 27.51 61.48 -30.18
CA ASN D 395 27.98 62.73 -29.57
C ASN D 395 29.51 62.83 -29.56
N TYR D 396 30.19 61.70 -29.54
CA TYR D 396 31.65 61.66 -29.65
C TYR D 396 32.12 62.19 -30.99
N LEU D 397 31.49 61.79 -32.07
CA LEU D 397 31.85 62.33 -33.41
C LEU D 397 31.84 63.85 -33.40
N GLY D 398 30.83 64.42 -32.76
CA GLY D 398 30.77 65.85 -32.51
C GLY D 398 31.92 66.50 -31.75
N SER D 399 32.61 65.75 -30.90
CA SER D 399 33.82 66.30 -30.23
C SER D 399 34.92 66.78 -31.19
N PHE D 400 34.98 66.23 -32.41
CA PHE D 400 35.98 66.61 -33.42
C PHE D 400 35.64 67.83 -34.32
N LEU D 401 34.51 68.48 -34.09
CA LEU D 401 34.12 69.68 -34.86
C LEU D 401 34.74 70.95 -34.26
N SER D 402 34.59 72.05 -35.01
CA SER D 402 35.15 73.35 -34.63
C SER D 402 34.07 74.42 -34.75
N PRO D 403 33.44 74.82 -33.64
CA PRO D 403 33.75 74.31 -32.29
C PRO D 403 33.11 72.93 -32.03
N PRO D 404 33.57 72.25 -30.98
CA PRO D 404 33.03 70.93 -30.62
C PRO D 404 31.58 70.97 -30.15
N LYS D 405 30.76 70.12 -30.78
CA LYS D 405 29.36 69.93 -30.42
C LYS D 405 29.22 68.80 -29.40
N ILE D 406 28.67 69.12 -28.25
CA ILE D 406 28.37 68.15 -27.20
C ILE D 406 27.29 67.16 -27.67
N HIS D 407 26.38 67.63 -28.53
CA HIS D 407 25.24 66.83 -29.04
C HIS D 407 25.15 66.72 -30.56
N VAL D 408 25.02 65.50 -31.05
CA VAL D 408 24.89 65.25 -32.49
C VAL D 408 23.57 64.57 -32.77
N SER D 409 22.88 65.00 -33.81
CA SER D 409 21.57 64.43 -34.16
C SER D 409 21.71 63.05 -34.81
N ALA D 410 20.63 62.28 -34.79
CA ALA D 410 20.57 61.02 -35.54
C ALA D 410 20.31 61.34 -37.01
N ARG D 411 19.73 62.53 -37.25
CA ARG D 411 19.62 63.10 -38.59
C ARG D 411 20.93 63.74 -39.04
N SER D 412 21.89 63.93 -38.13
CA SER D 412 23.20 64.44 -38.55
C SER D 412 23.77 63.61 -39.68
N LYS D 413 24.60 64.25 -40.49
CA LYS D 413 25.22 63.58 -41.63
C LYS D 413 26.52 62.90 -41.27
N LEU D 414 27.06 63.23 -40.09
CA LEU D 414 28.24 62.57 -39.53
C LEU D 414 28.00 61.08 -39.25
N ILE D 415 26.73 60.73 -39.05
CA ILE D 415 26.33 59.40 -38.70
C ILE D 415 25.97 58.54 -39.92
N GLU D 416 25.77 59.20 -41.06
CA GLU D 416 25.34 58.53 -42.31
C GLU D 416 26.31 57.48 -42.87
N PRO D 417 27.61 57.74 -42.92
CA PRO D 417 28.60 56.70 -43.22
C PRO D 417 28.40 55.36 -42.51
N PHE D 418 27.78 55.35 -41.33
CA PHE D 418 27.60 54.13 -40.55
C PHE D 418 26.23 53.49 -40.73
N PHE D 419 25.46 53.98 -41.70
CA PHE D 419 24.06 53.59 -41.90
C PHE D 419 24.02 52.45 -42.87
N ASN D 420 23.12 51.50 -42.66
CA ASN D 420 22.78 50.44 -43.60
C ASN D 420 23.91 49.45 -43.90
N LYS D 421 24.84 49.34 -42.98
CA LYS D 421 25.85 48.33 -43.05
C LYS D 421 25.49 47.26 -42.03
N LEU D 422 25.29 46.05 -42.53
CA LEU D 422 25.11 44.85 -41.71
C LEU D 422 26.30 43.87 -41.95
N PHE D 423 26.55 42.96 -41.02
CA PHE D 423 27.65 41.99 -41.15
C PHE D 423 27.17 40.56 -41.43
N LEU D 424 27.37 40.12 -42.66
CA LEU D 424 27.14 38.75 -43.04
C LEU D 424 28.49 37.98 -42.91
N MET D 425 29.27 37.85 -43.97
CA MET D 425 30.62 37.28 -43.80
C MET D 425 31.67 38.39 -43.83
N ARG D 426 31.19 39.59 -44.14
CA ARG D 426 31.97 40.80 -44.14
C ARG D 426 31.01 41.99 -44.07
N VAL D 427 31.52 43.22 -44.09
CA VAL D 427 30.63 44.39 -44.10
C VAL D 427 29.80 44.42 -45.39
N MET D 428 28.49 44.55 -45.23
CA MET D 428 27.53 44.40 -46.32
C MET D 428 26.55 45.60 -46.33
N ASP D 429 26.35 46.20 -47.50
CA ASP D 429 25.47 47.36 -47.69
C ASP D 429 24.03 46.92 -47.91
N ILE D 430 23.09 47.73 -47.46
CA ILE D 430 21.67 47.37 -47.46
C ILE D 430 20.78 48.57 -47.79
#